data_3C29
#
_entry.id   3C29
#
_cell.length_a   136.413
_cell.length_b   136.413
_cell.length_c   218.826
_cell.angle_alpha   90.000
_cell.angle_beta   90.000
_cell.angle_gamma   120.000
#
_symmetry.space_group_name_H-M   'P 32 2 1'
#
loop_
_entity.id
_entity.type
_entity.pdbx_description
1 polymer 'Recombinase cre'
2 polymer 'LoxP DNA, chain C,'
3 polymer 'LoxP DNA, chain D,F'
4 polymer 'LoxP DNA, chain E'
5 water water
#
loop_
_entity_poly.entity_id
_entity_poly.type
_entity_poly.pdbx_seq_one_letter_code
_entity_poly.pdbx_strand_id
1 'polypeptide(L)'
;SDEVRKNLMDMFRDRQAFSEHTWKMLLSVCRSWAAWCKLNNRKWFPAEPEDVRDYLLYLQARGLAVKTIQQHLGQLNMLH
RRSGLPRPSDSNAVSLVMRRIRKENVDAGERAKQALAFERTDFDQVRSLMENSDRCQDIRNLAFLGIAYNTLLRIAEIAR
IRVKDISRTDGGRMLIHIGRTKTLVSTAGVEKALSLGVTKLVERWISVSGVADDPNNYLFCRVRKNGVAAPSATSQLSTR
ALEGIFEATHRLIYGAKDDSGQRYLAWSGHSARVGAARDMARAGVSIPEIMQAGGWTNVNIVMNYIRNLDSETGAMVRLL
ED
;
A,B,G,H
2 'polydeoxyribonucleotide'
;(DT)(DA)(DT)(DA)(DA)(DC)(DT)(DT)(DC)(DG)(DT)(DA)(DT)(DA)(1AP)(DT)(DG)(DT)(DA)
(DT)(DG)(DC)(DT)(DA)(DT)(DA)(DC)(DG)(DA)(DA)(DG)(DT)(DT)(DA)(DT)
;
C
3 'polydeoxyribonucleotide'
;(DA)(DT)(DA)(DA)(DC)(DT)(DT)(DC)(DG)(DT)(DA)(DT)(DA)(DG)(DC)(DA)(DT)(DA)(DC)(DA)
(DT)(DT)(DA)(DT)(DA)(DC)(DG)(DA)(DA)(DG)(DT)(DT)(DA)(DT)
;
D,F
4 'polydeoxyribonucleotide'
;(DA)(DT)(DA)(DA)(DC)(DT)(DT)(DC)(DG)(DT)(DA)(DT)(DA)(1AP)(DT)(DG)(DT)(DA)(DT)
(DG)(DC)(DT)(DA)(DT)(DA)(DC)(DG)(DA)(DA)(DG)(DT)(DT)(DA)(DT)
;
E
#
loop_
_chem_comp.id
_chem_comp.type
_chem_comp.name
_chem_comp.formula
1AP DNA linking '2,6-DIAMINOPURINE NUCLEOTIDE' 'C10 H15 N6 O6 P'
DA DNA linking 2'-DEOXYADENOSINE-5'-MONOPHOSPHATE 'C10 H14 N5 O6 P'
DC DNA linking 2'-DEOXYCYTIDINE-5'-MONOPHOSPHATE 'C9 H14 N3 O7 P'
DG DNA linking 2'-DEOXYGUANOSINE-5'-MONOPHOSPHATE 'C10 H14 N5 O7 P'
DT DNA linking THYMIDINE-5'-MONOPHOSPHATE 'C10 H15 N2 O8 P'
#
# COMPACT_ATOMS: atom_id res chain seq x y z
N SER A 1 39.86 -10.82 -13.00
CA SER A 1 40.58 -11.76 -12.08
C SER A 1 41.43 -11.02 -11.04
N ASP A 2 42.14 -9.98 -11.49
CA ASP A 2 42.79 -9.01 -10.60
C ASP A 2 41.71 -8.20 -9.89
N GLU A 3 40.63 -7.92 -10.61
CA GLU A 3 39.53 -7.11 -10.10
C GLU A 3 38.69 -7.91 -9.10
N VAL A 4 38.56 -9.20 -9.32
CA VAL A 4 37.84 -10.11 -8.41
C VAL A 4 38.63 -10.27 -7.11
N ARG A 5 39.92 -10.51 -7.26
CA ARG A 5 40.86 -10.59 -6.14
C ARG A 5 40.78 -9.33 -5.26
N LYS A 6 40.91 -8.16 -5.88
CA LYS A 6 40.86 -6.88 -5.18
C LYS A 6 39.55 -6.69 -4.41
N ASN A 7 38.43 -6.91 -5.10
CA ASN A 7 37.09 -6.95 -4.49
C ASN A 7 36.95 -7.85 -3.26
N LEU A 8 37.43 -9.09 -3.38
CA LEU A 8 37.48 -10.02 -2.24
C LEU A 8 38.40 -9.55 -1.11
N MET A 9 39.52 -8.92 -1.47
CA MET A 9 40.42 -8.38 -0.44
C MET A 9 39.76 -7.21 0.31
N ASP A 10 39.00 -6.40 -0.44
CA ASP A 10 38.18 -5.34 0.17
C ASP A 10 37.17 -5.90 1.18
N MET A 11 36.54 -7.02 0.82
CA MET A 11 35.64 -7.76 1.72
C MET A 11 36.34 -8.28 2.98
N PHE A 12 37.52 -8.87 2.80
CA PHE A 12 38.28 -9.29 3.97
C PHE A 12 38.62 -8.10 4.86
N ARG A 13 39.13 -7.02 4.27
CA ARG A 13 39.56 -5.85 5.04
C ARG A 13 38.43 -5.25 5.87
N ASP A 14 37.24 -5.19 5.29
CA ASP A 14 36.10 -4.64 6.01
C ASP A 14 35.11 -5.75 6.39
N ARG A 15 35.68 -6.85 6.89
CA ARG A 15 34.97 -8.01 7.45
C ARG A 15 33.78 -7.60 8.32
N GLN A 16 34.02 -6.61 9.17
CA GLN A 16 33.04 -6.15 10.14
C GLN A 16 31.84 -5.42 9.56
N ALA A 17 31.78 -5.29 8.24
CA ALA A 17 30.58 -4.82 7.53
C ALA A 17 29.42 -5.81 7.72
N PHE A 18 29.76 -7.07 7.98
CA PHE A 18 28.75 -8.11 8.14
C PHE A 18 28.85 -8.76 9.51
N SER A 19 27.70 -9.20 10.01
CA SER A 19 27.64 -10.03 11.20
C SER A 19 28.49 -11.27 11.05
N GLU A 20 29.10 -11.70 12.15
CA GLU A 20 29.77 -12.98 12.19
C GLU A 20 28.84 -14.14 11.81
N HIS A 21 27.56 -14.03 12.14
CA HIS A 21 26.57 -15.06 11.74
C HIS A 21 26.38 -15.12 10.23
N THR A 22 26.49 -13.97 9.56
CA THR A 22 26.47 -13.89 8.08
C THR A 22 27.69 -14.57 7.43
N TRP A 23 28.89 -14.25 7.90
CA TRP A 23 30.13 -14.96 7.46
C TRP A 23 30.05 -16.48 7.63
N LYS A 24 29.57 -16.91 8.79
CA LYS A 24 29.48 -18.34 9.06
C LYS A 24 28.58 -19.03 8.04
N MET A 25 27.46 -18.40 7.71
CA MET A 25 26.56 -18.93 6.69
C MET A 25 27.13 -18.89 5.28
N LEU A 26 27.86 -17.83 4.94
CA LEU A 26 28.49 -17.73 3.62
C LEU A 26 29.47 -18.88 3.49
N LEU A 27 30.27 -19.10 4.54
CA LEU A 27 31.27 -20.14 4.53
C LEU A 27 30.63 -21.54 4.46
N SER A 28 29.59 -21.76 5.25
CA SER A 28 28.81 -22.98 5.18
C SER A 28 28.26 -23.27 3.77
N VAL A 29 27.63 -22.28 3.14
CA VAL A 29 27.06 -22.45 1.81
C VAL A 29 28.17 -22.74 0.78
N CYS A 30 29.26 -21.96 0.84
CA CYS A 30 30.42 -22.21 -0.03
C CYS A 30 31.00 -23.62 0.09
N ARG A 31 31.09 -24.17 1.31
CA ARG A 31 31.50 -25.56 1.49
C ARG A 31 30.60 -26.52 0.76
N SER A 32 29.30 -26.36 0.99
CA SER A 32 28.29 -27.23 0.42
C SER A 32 28.29 -27.13 -1.11
N TRP A 33 28.30 -25.90 -1.62
CA TRP A 33 28.26 -25.66 -3.06
C TRP A 33 29.54 -26.18 -3.73
N ALA A 34 30.69 -25.88 -3.12
CA ALA A 34 31.99 -26.31 -3.68
C ALA A 34 32.16 -27.84 -3.61
N ALA A 35 31.70 -28.48 -2.54
CA ALA A 35 31.72 -29.95 -2.47
C ALA A 35 30.79 -30.58 -3.52
N TRP A 36 29.61 -30.01 -3.74
CA TRP A 36 28.74 -30.55 -4.79
C TRP A 36 29.35 -30.34 -6.19
N CYS A 37 30.05 -29.23 -6.37
CA CYS A 37 30.73 -28.91 -7.64
C CYS A 37 31.86 -29.90 -7.94
N LYS A 38 32.72 -30.17 -6.94
CA LYS A 38 33.81 -31.14 -7.08
C LYS A 38 33.24 -32.52 -7.43
N LEU A 39 32.19 -32.92 -6.73
CA LEU A 39 31.55 -34.21 -6.97
C LEU A 39 31.04 -34.33 -8.40
N ASN A 40 30.49 -33.24 -8.92
CA ASN A 40 29.82 -33.21 -10.21
C ASN A 40 30.67 -32.60 -11.33
N ASN A 41 31.95 -32.35 -11.05
CA ASN A 41 32.86 -31.86 -12.08
C ASN A 41 32.44 -30.47 -12.60
N ARG A 42 32.01 -29.59 -11.69
CA ARG A 42 31.59 -28.24 -12.08
C ARG A 42 32.57 -27.25 -11.49
N LYS A 43 32.68 -26.10 -12.12
CA LYS A 43 33.49 -25.00 -11.60
C LYS A 43 32.67 -24.22 -10.60
N TRP A 44 33.22 -24.04 -9.40
CA TRP A 44 32.46 -23.48 -8.30
C TRP A 44 32.46 -21.96 -8.32
N PHE A 45 33.41 -21.38 -9.03
CA PHE A 45 33.58 -19.93 -9.05
C PHE A 45 34.33 -19.46 -10.30
N PRO A 46 33.73 -18.52 -11.08
CA PRO A 46 32.37 -18.02 -10.91
C PRO A 46 31.32 -19.10 -11.13
N ALA A 47 30.19 -18.99 -10.47
CA ALA A 47 29.15 -20.01 -10.57
C ALA A 47 28.32 -19.78 -11.84
N GLU A 48 28.00 -20.87 -12.54
CA GLU A 48 27.25 -20.79 -13.78
C GLU A 48 25.81 -21.21 -13.52
N PRO A 49 24.85 -20.51 -14.17
CA PRO A 49 23.41 -20.69 -14.02
C PRO A 49 22.94 -22.14 -14.12
N GLU A 50 23.45 -22.91 -15.10
CA GLU A 50 23.08 -24.31 -15.23
C GLU A 50 23.50 -25.15 -14.01
N ASP A 51 24.68 -24.86 -13.49
CA ASP A 51 25.22 -25.57 -12.34
C ASP A 51 24.49 -25.19 -11.05
N VAL A 52 24.26 -23.89 -10.84
CA VAL A 52 23.48 -23.43 -9.71
C VAL A 52 22.07 -24.07 -9.74
N ARG A 53 21.42 -24.09 -10.90
CA ARG A 53 20.13 -24.74 -11.06
C ARG A 53 20.14 -26.20 -10.59
N ASP A 54 21.12 -26.99 -11.07
CA ASP A 54 21.19 -28.41 -10.71
C ASP A 54 21.42 -28.54 -9.19
N TYR A 55 22.24 -27.68 -8.61
CA TYR A 55 22.52 -27.67 -7.17
C TYR A 55 21.25 -27.34 -6.38
N LEU A 56 20.47 -26.37 -6.85
CA LEU A 56 19.22 -26.01 -6.17
C LEU A 56 18.23 -27.18 -6.16
N LEU A 57 18.14 -27.89 -7.29
CA LEU A 57 17.33 -29.10 -7.40
C LEU A 57 17.84 -30.23 -6.47
N TYR A 58 19.16 -30.27 -6.27
CA TYR A 58 19.76 -31.20 -5.31
C TYR A 58 19.31 -30.85 -3.89
N LEU A 59 19.34 -29.56 -3.55
CA LEU A 59 18.91 -29.06 -2.22
C LEU A 59 17.46 -29.42 -1.98
N GLN A 60 16.63 -29.24 -3.01
CA GLN A 60 15.21 -29.60 -2.92
C GLN A 60 15.01 -31.09 -2.63
N ALA A 61 15.69 -31.93 -3.40
CA ALA A 61 15.60 -33.40 -3.26
C ALA A 61 16.15 -33.88 -1.92
N ARG A 62 17.13 -33.16 -1.37
CA ARG A 62 17.62 -33.44 -0.04
C ARG A 62 16.55 -33.26 1.03
N GLY A 63 15.58 -32.39 0.75
CA GLY A 63 14.44 -32.12 1.64
C GLY A 63 14.60 -30.82 2.40
N LEU A 64 15.55 -29.99 1.97
CA LEU A 64 15.77 -28.69 2.63
C LEU A 64 14.58 -27.77 2.44
N ALA A 65 14.25 -26.98 3.46
CA ALA A 65 13.12 -26.05 3.39
C ALA A 65 13.35 -24.98 2.32
N VAL A 66 12.27 -24.38 1.84
CA VAL A 66 12.38 -23.32 0.82
C VAL A 66 13.28 -22.17 1.29
N LYS A 67 13.11 -21.74 2.53
CA LYS A 67 13.96 -20.69 3.13
C LYS A 67 15.43 -21.06 3.14
N THR A 68 15.71 -22.35 3.39
CA THR A 68 17.08 -22.85 3.35
C THR A 68 17.66 -22.75 1.92
N ILE A 69 16.87 -23.14 0.95
CA ILE A 69 17.29 -23.08 -0.44
C ILE A 69 17.57 -21.64 -0.85
N GLN A 70 16.69 -20.73 -0.44
CA GLN A 70 16.82 -19.29 -0.69
C GLN A 70 18.09 -18.73 -0.07
N GLN A 71 18.39 -19.21 1.13
CA GLN A 71 19.62 -18.91 1.81
C GLN A 71 20.89 -19.31 1.05
N HIS A 72 20.93 -20.52 0.51
CA HIS A 72 22.08 -20.95 -0.28
C HIS A 72 22.20 -20.07 -1.51
N LEU A 73 21.07 -19.80 -2.17
CA LEU A 73 21.10 -18.94 -3.35
C LEU A 73 21.51 -17.50 -2.97
N GLY A 74 20.92 -16.95 -1.90
CA GLY A 74 21.30 -15.61 -1.42
C GLY A 74 22.78 -15.47 -1.06
N GLN A 75 23.37 -16.48 -0.42
CA GLN A 75 24.83 -16.45 -0.15
C GLN A 75 25.67 -16.50 -1.41
N LEU A 76 25.26 -17.33 -2.37
CA LEU A 76 25.90 -17.35 -3.69
C LEU A 76 25.80 -15.98 -4.37
N ASN A 77 24.59 -15.40 -4.38
CA ASN A 77 24.36 -14.03 -4.89
C ASN A 77 25.29 -12.97 -4.30
N MET A 78 25.43 -13.01 -2.96
CA MET A 78 26.27 -12.08 -2.20
C MET A 78 27.71 -12.18 -2.66
N LEU A 79 28.27 -13.39 -2.65
CA LEU A 79 29.66 -13.60 -3.04
C LEU A 79 29.93 -13.09 -4.46
N HIS A 80 29.00 -13.32 -5.39
CA HIS A 80 29.16 -12.84 -6.76
C HIS A 80 28.98 -11.33 -6.90
N ARG A 81 27.93 -10.77 -6.33
CA ARG A 81 27.75 -9.31 -6.34
C ARG A 81 28.96 -8.54 -5.76
N ARG A 82 29.48 -8.97 -4.61
CA ARG A 82 30.66 -8.34 -4.00
C ARG A 82 31.99 -8.67 -4.68
N SER A 83 32.03 -9.70 -5.53
CA SER A 83 33.20 -9.99 -6.33
C SER A 83 33.16 -9.20 -7.63
N GLY A 84 32.01 -8.61 -7.92
CA GLY A 84 31.80 -7.89 -9.16
C GLY A 84 31.35 -8.78 -10.32
N LEU A 85 30.76 -9.92 -10.01
CA LEU A 85 30.40 -10.91 -11.04
C LEU A 85 28.89 -10.97 -11.16
N PRO A 86 28.38 -11.51 -12.29
CA PRO A 86 26.93 -11.70 -12.40
C PRO A 86 26.38 -12.70 -11.35
N ARG A 87 25.21 -12.37 -10.81
CA ARG A 87 24.62 -13.13 -9.73
C ARG A 87 23.82 -14.29 -10.27
N PRO A 88 23.96 -15.48 -9.64
CA PRO A 88 23.17 -16.65 -10.04
C PRO A 88 21.67 -16.34 -10.27
N SER A 89 21.06 -15.56 -9.36
CA SER A 89 19.66 -15.19 -9.44
C SER A 89 19.27 -14.39 -10.66
N ASP A 90 20.20 -13.66 -11.26
CA ASP A 90 19.88 -12.90 -12.47
C ASP A 90 19.83 -13.74 -13.78
N SER A 91 19.76 -15.06 -13.67
CA SER A 91 19.69 -15.90 -14.86
C SER A 91 18.30 -16.52 -15.01
N ASN A 92 17.92 -16.75 -16.27
CA ASN A 92 16.66 -17.40 -16.60
C ASN A 92 16.52 -18.75 -15.88
N ALA A 93 17.56 -19.58 -15.98
CA ALA A 93 17.52 -20.95 -15.42
C ALA A 93 17.25 -21.00 -13.91
N VAL A 94 18.01 -20.23 -13.15
CA VAL A 94 17.88 -20.20 -11.71
C VAL A 94 16.56 -19.55 -11.28
N SER A 95 16.19 -18.50 -11.99
CA SER A 95 14.94 -17.83 -11.74
C SER A 95 13.75 -18.76 -11.96
N LEU A 96 13.75 -19.47 -13.10
CA LEU A 96 12.69 -20.43 -13.38
C LEU A 96 12.67 -21.57 -12.34
N VAL A 97 13.83 -22.10 -12.00
CA VAL A 97 13.86 -23.25 -11.09
C VAL A 97 13.42 -22.88 -9.64
N MET A 98 13.64 -21.64 -9.20
CA MET A 98 13.22 -21.24 -7.85
C MET A 98 11.72 -21.13 -7.74
N ARG A 99 11.09 -20.62 -8.79
CA ARG A 99 9.62 -20.60 -8.93
C ARG A 99 9.01 -21.99 -8.87
N ARG A 100 9.59 -22.91 -9.64
CA ARG A 100 9.13 -24.27 -9.66
C ARG A 100 9.28 -24.96 -8.28
N ILE A 101 10.44 -24.79 -7.66
CA ILE A 101 10.73 -25.37 -6.35
C ILE A 101 9.74 -24.88 -5.27
N ARG A 102 9.59 -23.56 -5.17
CA ARG A 102 8.65 -22.95 -4.21
C ARG A 102 7.24 -23.54 -4.37
N LYS A 103 6.74 -23.54 -5.61
CA LYS A 103 5.43 -24.06 -5.92
C LYS A 103 5.29 -25.54 -5.58
N GLU A 104 6.27 -26.37 -5.95
CA GLU A 104 6.19 -27.81 -5.66
C GLU A 104 6.26 -28.14 -4.17
N ASN A 105 7.15 -27.48 -3.46
CA ASN A 105 7.26 -27.70 -2.02
C ASN A 105 5.99 -27.25 -1.28
N VAL A 106 5.45 -26.11 -1.66
CA VAL A 106 4.20 -25.62 -1.06
C VAL A 106 3.06 -26.63 -1.31
N ASP A 107 2.88 -27.05 -2.56
CA ASP A 107 1.88 -28.10 -2.87
C ASP A 107 2.12 -29.44 -2.18
N ALA A 108 3.38 -29.82 -1.97
CA ALA A 108 3.71 -31.02 -1.17
C ALA A 108 3.33 -30.87 0.32
N GLY A 109 3.01 -29.65 0.74
CA GLY A 109 2.54 -29.41 2.11
C GLY A 109 3.62 -28.93 3.07
N GLU A 110 4.75 -28.49 2.51
CA GLU A 110 5.82 -27.94 3.34
C GLU A 110 5.29 -26.71 4.06
N ARG A 111 5.58 -26.62 5.36
CA ARG A 111 5.08 -25.52 6.18
C ARG A 111 6.22 -24.84 6.93
N ALA A 112 6.27 -23.51 6.89
CA ALA A 112 7.16 -22.74 7.74
C ALA A 112 6.76 -22.90 9.22
N LYS A 113 7.74 -23.05 10.09
CA LYS A 113 7.44 -23.25 11.51
C LYS A 113 7.73 -22.01 12.34
N GLN A 114 7.32 -22.07 13.60
CA GLN A 114 7.68 -21.05 14.58
C GLN A 114 7.77 -21.63 15.98
N ALA A 115 8.51 -20.96 16.86
CA ALA A 115 8.66 -21.38 18.25
C ALA A 115 7.32 -21.76 18.91
N LEU A 116 7.34 -22.83 19.69
CA LEU A 116 6.22 -23.16 20.57
C LEU A 116 5.97 -21.99 21.53
N ALA A 117 4.75 -21.53 21.64
CA ALA A 117 4.46 -20.35 22.47
C ALA A 117 4.72 -20.63 23.97
N PHE A 118 5.39 -19.69 24.63
CA PHE A 118 5.51 -19.71 26.10
C PHE A 118 4.69 -18.52 26.56
N GLU A 119 3.50 -18.79 27.04
CA GLU A 119 2.51 -17.76 27.32
C GLU A 119 2.38 -17.59 28.83
N ARG A 120 1.48 -16.70 29.24
CA ARG A 120 1.24 -16.37 30.64
C ARG A 120 0.85 -17.61 31.47
N THR A 121 0.01 -18.47 30.91
CA THR A 121 -0.38 -19.70 31.61
C THR A 121 0.83 -20.61 31.88
N ASP A 122 1.76 -20.67 30.92
CA ASP A 122 3.01 -21.43 31.07
C ASP A 122 3.92 -20.80 32.12
N PHE A 123 4.06 -19.48 32.08
CA PHE A 123 4.88 -18.73 33.02
C PHE A 123 4.33 -18.88 34.45
N ASP A 124 3.02 -18.76 34.60
CA ASP A 124 2.36 -18.95 35.88
C ASP A 124 2.58 -20.38 36.39
N GLN A 125 2.44 -21.36 35.49
CA GLN A 125 2.66 -22.76 35.83
C GLN A 125 4.10 -23.04 36.28
N VAL A 126 5.09 -22.58 35.51
CA VAL A 126 6.51 -22.69 35.88
C VAL A 126 6.87 -22.05 37.25
N ARG A 127 6.35 -20.84 37.49
CA ARG A 127 6.57 -20.14 38.76
C ARG A 127 5.98 -20.94 39.92
N SER A 128 4.73 -21.35 39.77
CA SER A 128 4.08 -22.19 40.74
C SER A 128 4.88 -23.47 41.01
N LEU A 129 5.38 -24.12 39.97
CA LEU A 129 6.13 -25.36 40.12
C LEU A 129 7.49 -25.20 40.77
N MET A 130 8.14 -24.05 40.54
CA MET A 130 9.56 -23.87 40.88
C MET A 130 9.81 -22.88 42.01
N GLU A 131 8.80 -22.14 42.44
CA GLU A 131 9.05 -21.02 43.36
C GLU A 131 9.55 -21.41 44.77
N ASN A 132 9.40 -22.68 45.15
CA ASN A 132 9.90 -23.16 46.41
C ASN A 132 11.36 -23.57 46.30
N SER A 133 11.92 -23.59 45.10
CA SER A 133 13.33 -23.93 44.99
C SER A 133 14.24 -22.79 45.49
N ASP A 134 15.24 -23.16 46.27
CA ASP A 134 16.25 -22.22 46.74
C ASP A 134 17.57 -22.39 45.99
N ARG A 135 17.61 -23.27 44.99
CA ARG A 135 18.81 -23.47 44.20
C ARG A 135 19.07 -22.26 43.33
N CYS A 136 20.33 -21.84 43.31
CA CYS A 136 20.82 -20.79 42.45
C CYS A 136 20.38 -20.96 40.97
N GLN A 137 20.58 -22.16 40.43
CA GLN A 137 20.11 -22.54 39.08
C GLN A 137 18.67 -22.17 38.81
N ASP A 138 17.79 -22.61 39.71
CA ASP A 138 16.35 -22.45 39.51
C ASP A 138 15.94 -20.99 39.64
N ILE A 139 16.54 -20.33 40.62
CA ILE A 139 16.33 -18.91 40.82
C ILE A 139 16.79 -18.10 39.59
N ARG A 140 17.97 -18.40 39.06
CA ARG A 140 18.43 -17.79 37.83
C ARG A 140 17.42 -18.01 36.67
N ASN A 141 17.03 -19.27 36.50
CA ASN A 141 16.19 -19.69 35.38
C ASN A 141 14.82 -19.04 35.37
N LEU A 142 14.23 -18.87 36.55
CA LEU A 142 12.94 -18.19 36.72
C LEU A 142 13.03 -16.71 36.36
N ALA A 143 14.13 -16.09 36.77
CA ALA A 143 14.42 -14.70 36.46
C ALA A 143 14.64 -14.56 34.96
N PHE A 144 15.37 -15.50 34.36
CA PHE A 144 15.52 -15.50 32.90
C PHE A 144 14.16 -15.58 32.19
N LEU A 145 13.32 -16.56 32.57
CA LEU A 145 12.02 -16.73 31.93
C LEU A 145 11.12 -15.52 32.12
N GLY A 146 11.17 -14.95 33.32
CA GLY A 146 10.45 -13.70 33.60
C GLY A 146 10.89 -12.56 32.69
N ILE A 147 12.20 -12.34 32.57
CA ILE A 147 12.67 -11.28 31.69
C ILE A 147 12.24 -11.56 30.22
N ALA A 148 12.41 -12.80 29.75
CA ALA A 148 12.11 -13.17 28.38
C ALA A 148 10.66 -12.83 28.03
N TYR A 149 9.74 -13.31 28.87
CA TYR A 149 8.32 -13.07 28.70
C TYR A 149 7.87 -11.59 28.81
N ASN A 150 8.31 -10.94 29.89
CA ASN A 150 8.01 -9.53 30.19
C ASN A 150 8.53 -8.55 29.15
N THR A 151 9.75 -8.76 28.66
CA THR A 151 10.44 -7.77 27.82
C THR A 151 10.43 -8.09 26.34
N LEU A 152 10.18 -9.35 25.97
CA LEU A 152 10.26 -9.82 24.59
C LEU A 152 11.65 -9.61 23.94
N LEU A 153 12.68 -9.43 24.75
CA LEU A 153 14.03 -9.41 24.21
C LEU A 153 14.44 -10.77 23.64
N ARG A 154 15.23 -10.73 22.57
CA ARG A 154 15.82 -11.94 22.00
C ARG A 154 16.89 -12.46 22.92
N ILE A 155 17.15 -13.76 22.87
CA ILE A 155 18.17 -14.36 23.70
C ILE A 155 19.55 -13.66 23.66
N ALA A 156 20.05 -13.25 22.49
CA ALA A 156 21.35 -12.56 22.45
C ALA A 156 21.31 -11.24 23.21
N GLU A 157 20.17 -10.58 23.16
CA GLU A 157 19.97 -9.31 23.83
C GLU A 157 19.93 -9.51 25.36
N ILE A 158 19.30 -10.60 25.81
CA ILE A 158 19.25 -10.96 27.24
C ILE A 158 20.64 -11.33 27.77
N ALA A 159 21.38 -12.13 27.01
CA ALA A 159 22.73 -12.54 27.35
C ALA A 159 23.68 -11.34 27.56
N ARG A 160 23.41 -10.21 26.88
CA ARG A 160 24.19 -8.98 26.90
C ARG A 160 23.84 -7.97 27.98
N ILE A 161 22.72 -8.16 28.64
CA ILE A 161 22.33 -7.27 29.71
C ILE A 161 23.42 -7.28 30.78
N ARG A 162 23.83 -6.09 31.21
CA ARG A 162 24.76 -5.96 32.34
C ARG A 162 24.05 -5.40 33.55
N VAL A 163 24.64 -5.64 34.72
CA VAL A 163 24.05 -5.14 35.96
C VAL A 163 23.80 -3.62 35.96
N LYS A 164 24.76 -2.87 35.43
CA LYS A 164 24.63 -1.40 35.33
C LYS A 164 23.50 -0.91 34.42
N ASP A 165 22.90 -1.80 33.61
CA ASP A 165 21.76 -1.45 32.74
C ASP A 165 20.48 -1.32 33.56
N ILE A 166 20.51 -1.84 34.77
CA ILE A 166 19.31 -1.91 35.61
C ILE A 166 19.21 -0.69 36.51
N SER A 167 18.06 -0.03 36.48
CA SER A 167 17.78 1.05 37.41
C SER A 167 16.41 0.82 38.05
N ARG A 168 16.08 1.61 39.07
CA ARG A 168 14.80 1.45 39.75
C ARG A 168 13.88 2.61 39.45
N THR A 169 12.60 2.32 39.29
CA THR A 169 11.62 3.37 39.03
C THR A 169 11.00 3.81 40.36
N ASP A 170 10.40 4.99 40.35
CA ASP A 170 9.67 5.54 41.49
C ASP A 170 8.53 4.62 41.92
N GLY A 171 8.09 3.74 41.01
CA GLY A 171 7.07 2.73 41.30
C GLY A 171 7.62 1.47 41.96
N GLY A 172 8.95 1.37 42.05
CA GLY A 172 9.60 0.19 42.65
C GLY A 172 10.05 -0.88 41.64
N ARG A 173 9.73 -0.67 40.37
CA ARG A 173 10.04 -1.64 39.32
C ARG A 173 11.46 -1.51 38.79
N MET A 174 12.00 -2.60 38.29
CA MET A 174 13.25 -2.54 37.54
C MET A 174 13.02 -2.09 36.09
N LEU A 175 13.99 -1.36 35.57
CA LEU A 175 13.93 -0.81 34.27
C LEU A 175 15.27 -1.19 33.67
N ILE A 176 15.24 -1.94 32.58
CA ILE A 176 16.46 -2.39 31.94
C ILE A 176 16.74 -1.50 30.75
N HIS A 177 17.82 -0.72 30.84
CA HIS A 177 18.27 0.07 29.69
C HIS A 177 18.82 -0.89 28.63
N ILE A 178 18.46 -0.63 27.37
CA ILE A 178 19.00 -1.45 26.28
C ILE A 178 20.33 -0.88 25.85
N GLY A 179 21.40 -1.59 26.20
CA GLY A 179 22.76 -1.09 25.99
C GLY A 179 23.12 -1.09 24.53
N ARG A 180 22.74 -2.15 23.84
CA ARG A 180 22.97 -2.26 22.41
C ARG A 180 21.64 -2.52 21.74
N THR A 181 21.17 -1.56 20.94
CA THR A 181 19.90 -1.73 20.28
C THR A 181 20.06 -2.69 19.08
N LYS A 182 18.95 -3.27 18.60
CA LYS A 182 18.96 -4.18 17.45
C LYS A 182 19.41 -3.47 16.18
N THR A 183 18.91 -2.24 16.02
CA THR A 183 19.24 -1.39 14.89
C THR A 183 19.44 0.02 15.42
N LEU A 184 19.91 0.90 14.55
CA LEU A 184 20.19 2.28 14.86
C LEU A 184 18.93 3.01 15.30
N VAL A 185 17.83 2.80 14.58
CA VAL A 185 16.54 3.34 14.99
C VAL A 185 15.78 2.19 15.68
N SER A 186 15.79 2.19 17.01
CA SER A 186 15.31 1.05 17.80
C SER A 186 13.80 1.13 17.95
N THR A 187 13.12 0.31 17.18
CA THR A 187 11.67 0.26 17.22
C THR A 187 11.12 -0.34 18.53
N ALA A 188 11.94 -1.10 19.26
CA ALA A 188 11.59 -1.59 20.61
C ALA A 188 11.80 -0.52 21.70
N GLY A 189 12.34 0.64 21.35
CA GLY A 189 12.64 1.67 22.35
C GLY A 189 14.03 1.50 22.93
N VAL A 190 14.31 2.21 24.01
CA VAL A 190 15.65 2.17 24.59
C VAL A 190 15.67 1.49 25.97
N GLU A 191 14.50 1.04 26.43
CA GLU A 191 14.30 0.56 27.80
C GLU A 191 13.23 -0.49 27.85
N LYS A 192 13.38 -1.43 28.79
CA LYS A 192 12.32 -2.40 29.07
C LYS A 192 12.00 -2.42 30.56
N ALA A 193 10.76 -2.09 30.89
CA ALA A 193 10.33 -2.07 32.29
C ALA A 193 9.90 -3.46 32.73
N LEU A 194 10.29 -3.85 33.94
CA LEU A 194 9.82 -5.13 34.50
C LEU A 194 8.62 -4.92 35.42
N SER A 195 7.70 -5.87 35.44
CA SER A 195 6.59 -5.80 36.38
C SER A 195 7.17 -5.99 37.81
N LEU A 196 6.35 -5.65 38.80
CA LEU A 196 6.70 -5.81 40.21
C LEU A 196 7.05 -7.27 40.52
N GLY A 197 6.29 -8.20 39.97
CA GLY A 197 6.54 -9.64 40.12
C GLY A 197 7.83 -10.12 39.49
N VAL A 198 8.13 -9.68 38.28
CA VAL A 198 9.38 -10.09 37.61
C VAL A 198 10.57 -9.36 38.25
N THR A 199 10.35 -8.13 38.68
CA THR A 199 11.37 -7.40 39.46
C THR A 199 11.82 -8.27 40.66
N LYS A 200 10.85 -8.81 41.40
CA LYS A 200 11.12 -9.68 42.55
C LYS A 200 11.87 -10.97 42.21
N LEU A 201 11.52 -11.59 41.07
CA LEU A 201 12.28 -12.74 40.57
C LEU A 201 13.73 -12.40 40.29
N VAL A 202 13.93 -11.24 39.65
CA VAL A 202 15.27 -10.74 39.34
C VAL A 202 16.09 -10.32 40.58
N GLU A 203 15.41 -9.67 41.55
CA GLU A 203 16.04 -9.31 42.85
C GLU A 203 16.58 -10.53 43.58
N ARG A 204 15.78 -11.58 43.66
CA ARG A 204 16.21 -12.84 44.24
C ARG A 204 17.46 -13.40 43.57
N TRP A 205 17.47 -13.42 42.23
CA TRP A 205 18.65 -13.90 41.50
C TRP A 205 19.89 -13.05 41.77
N ILE A 206 19.72 -11.73 41.76
CA ILE A 206 20.85 -10.84 42.04
C ILE A 206 21.46 -11.11 43.42
N SER A 207 20.62 -11.37 44.42
CA SER A 207 21.15 -11.58 45.76
C SER A 207 21.80 -12.96 46.01
N VAL A 208 21.29 -14.02 45.39
CA VAL A 208 21.95 -15.33 45.49
C VAL A 208 23.21 -15.47 44.61
N SER A 209 23.25 -14.78 43.46
CA SER A 209 24.38 -14.90 42.53
C SER A 209 25.60 -14.08 42.92
N GLY A 210 25.37 -12.91 43.50
CA GLY A 210 26.46 -11.97 43.71
C GLY A 210 26.80 -11.10 42.51
N VAL A 211 26.04 -11.19 41.42
CA VAL A 211 26.38 -10.46 40.18
C VAL A 211 26.57 -8.96 40.34
N ALA A 212 25.90 -8.36 41.33
CA ALA A 212 25.94 -6.91 41.49
C ALA A 212 27.23 -6.43 42.17
N ASP A 213 28.07 -7.37 42.63
CA ASP A 213 29.38 -7.05 43.21
C ASP A 213 30.23 -6.19 42.24
N ASP A 214 30.08 -6.40 40.93
CA ASP A 214 30.66 -5.52 39.89
C ASP A 214 29.58 -5.09 38.87
N PRO A 215 29.29 -3.77 38.77
CA PRO A 215 28.26 -3.24 37.85
C PRO A 215 28.45 -3.60 36.36
N ASN A 216 29.68 -3.89 35.96
CA ASN A 216 29.97 -4.33 34.60
C ASN A 216 29.71 -5.82 34.39
N ASN A 217 29.38 -6.54 35.46
CA ASN A 217 29.01 -7.96 35.32
C ASN A 217 27.77 -8.09 34.46
N TYR A 218 27.78 -9.07 33.56
CA TYR A 218 26.56 -9.51 32.93
C TYR A 218 25.58 -10.01 33.99
N LEU A 219 24.30 -9.69 33.79
CA LEU A 219 23.23 -10.07 34.69
C LEU A 219 23.14 -11.57 34.87
N PHE A 220 23.22 -12.31 33.77
CA PHE A 220 23.12 -13.75 33.80
C PHE A 220 24.47 -14.36 33.62
N CYS A 221 24.75 -15.40 34.40
CA CYS A 221 26.03 -16.10 34.33
C CYS A 221 25.80 -17.57 34.55
N ARG A 222 26.83 -18.37 34.30
CA ARG A 222 26.73 -19.78 34.56
C ARG A 222 26.69 -20.11 36.05
N VAL A 223 26.17 -21.29 36.36
CA VAL A 223 26.04 -21.79 37.73
C VAL A 223 26.45 -23.26 37.66
N ARG A 224 27.58 -23.57 38.28
CA ARG A 224 28.17 -24.91 38.25
C ARG A 224 27.40 -25.86 39.18
N LYS A 225 27.78 -27.15 39.16
CA LYS A 225 27.00 -28.20 39.86
C LYS A 225 26.88 -28.02 41.38
N ASN A 226 27.81 -27.29 41.98
CA ASN A 226 27.77 -27.03 43.41
C ASN A 226 26.82 -25.88 43.80
N GLY A 227 25.99 -25.46 42.85
CA GLY A 227 25.05 -24.37 43.07
C GLY A 227 25.70 -23.01 43.19
N VAL A 228 26.95 -22.90 42.77
CA VAL A 228 27.71 -21.66 42.88
C VAL A 228 27.76 -20.93 41.52
N ALA A 229 27.31 -19.67 41.55
CA ALA A 229 27.33 -18.78 40.39
C ALA A 229 28.72 -18.19 40.15
N ALA A 230 29.07 -18.04 38.87
CA ALA A 230 30.33 -17.44 38.49
C ALA A 230 30.17 -16.12 37.70
N PRO A 231 29.89 -14.99 38.41
CA PRO A 231 29.71 -13.72 37.68
C PRO A 231 30.90 -13.33 36.82
N SER A 232 30.63 -12.69 35.68
CA SER A 232 31.68 -12.22 34.78
C SER A 232 31.26 -10.96 34.04
N ALA A 233 32.24 -10.08 33.84
CA ALA A 233 32.07 -8.85 33.05
C ALA A 233 32.62 -9.01 31.63
N THR A 234 33.28 -10.14 31.36
CA THR A 234 33.91 -10.37 30.07
C THR A 234 33.32 -11.58 29.35
N SER A 235 32.67 -12.45 30.09
CA SER A 235 32.05 -13.64 29.50
C SER A 235 30.55 -13.69 29.74
N GLN A 236 29.80 -13.79 28.64
CA GLN A 236 28.34 -13.94 28.65
C GLN A 236 27.94 -15.41 28.78
N LEU A 237 26.78 -15.66 29.37
CA LEU A 237 26.14 -16.96 29.20
C LEU A 237 25.81 -17.12 27.71
N SER A 238 26.05 -18.29 27.13
CA SER A 238 25.78 -18.47 25.70
C SER A 238 24.30 -18.46 25.43
N THR A 239 23.94 -18.07 24.21
CA THR A 239 22.56 -18.09 23.79
C THR A 239 22.06 -19.53 23.73
N ARG A 240 22.98 -20.47 23.47
CA ARG A 240 22.73 -21.91 23.53
C ARG A 240 22.28 -22.36 24.94
N ALA A 241 22.93 -21.82 25.97
CA ALA A 241 22.53 -22.12 27.37
C ALA A 241 21.16 -21.55 27.68
N LEU A 242 20.89 -20.35 27.16
CA LEU A 242 19.57 -19.74 27.34
C LEU A 242 18.47 -20.55 26.66
N GLU A 243 18.75 -21.12 25.48
CA GLU A 243 17.80 -22.04 24.84
C GLU A 243 17.62 -23.29 25.70
N GLY A 244 18.73 -23.75 26.29
CA GLY A 244 18.74 -24.88 27.21
C GLY A 244 17.81 -24.72 28.39
N ILE A 245 17.72 -23.49 28.92
CA ILE A 245 16.77 -23.16 29.99
C ILE A 245 15.32 -23.39 29.55
N PHE A 246 14.94 -22.86 28.40
CA PHE A 246 13.58 -23.08 27.89
C PHE A 246 13.34 -24.58 27.69
N GLU A 247 14.31 -25.29 27.08
CA GLU A 247 14.14 -26.73 26.81
C GLU A 247 14.00 -27.57 28.09
N ALA A 248 14.89 -27.31 29.06
CA ALA A 248 14.92 -28.04 30.34
C ALA A 248 13.65 -27.80 31.15
N THR A 249 13.16 -26.56 31.10
CA THR A 249 11.88 -26.18 31.71
C THR A 249 10.70 -26.94 31.07
N HIS A 250 10.65 -26.98 29.75
CA HIS A 250 9.64 -27.81 29.06
C HIS A 250 9.76 -29.30 29.44
N ARG A 251 11.00 -29.82 29.48
CA ARG A 251 11.25 -31.21 29.81
C ARG A 251 10.77 -31.57 31.23
N LEU A 252 11.03 -30.68 32.19
CA LEU A 252 10.53 -30.82 33.57
C LEU A 252 9.03 -31.12 33.56
N ILE A 253 8.28 -30.28 32.86
CA ILE A 253 6.82 -30.37 32.85
C ILE A 253 6.26 -31.52 31.94
N TYR A 254 6.81 -31.65 30.74
CA TYR A 254 6.22 -32.50 29.72
C TYR A 254 7.02 -33.77 29.43
N GLY A 255 8.14 -33.95 30.10
CA GLY A 255 9.03 -35.06 29.79
C GLY A 255 9.90 -34.82 28.56
N ALA A 256 10.74 -35.81 28.26
CA ALA A 256 11.62 -35.83 27.10
C ALA A 256 10.88 -35.72 25.76
N LYS A 257 11.52 -35.04 24.81
CA LYS A 257 10.99 -34.92 23.45
C LYS A 257 10.93 -36.27 22.75
N ASP A 258 10.04 -36.38 21.77
CA ASP A 258 10.15 -37.37 20.67
C ASP A 258 11.57 -37.45 20.13
N ASP A 259 11.98 -38.64 19.70
CA ASP A 259 13.23 -38.79 18.94
C ASP A 259 13.07 -38.54 17.43
N SER A 260 11.90 -38.04 17.01
CA SER A 260 11.61 -37.74 15.60
C SER A 260 12.65 -36.85 14.91
N GLY A 261 13.20 -35.89 15.66
CA GLY A 261 14.18 -34.95 15.14
C GLY A 261 13.60 -33.62 14.65
N GLN A 262 12.28 -33.44 14.79
CA GLN A 262 11.63 -32.19 14.36
C GLN A 262 12.00 -31.01 15.28
N ARG A 263 11.82 -29.80 14.75
CA ARG A 263 12.06 -28.58 15.50
C ARG A 263 10.85 -28.17 16.31
N TYR A 264 11.12 -27.43 17.38
CA TYR A 264 10.08 -26.82 18.21
C TYR A 264 9.22 -27.82 18.97
N LEU A 265 9.78 -28.97 19.33
CA LEU A 265 9.04 -29.92 20.17
C LEU A 265 8.95 -29.46 21.61
N ALA A 266 9.82 -28.53 21.98
CA ALA A 266 9.86 -27.88 23.28
C ALA A 266 10.05 -26.36 23.09
N TRP A 267 9.90 -25.59 24.16
CA TRP A 267 10.15 -24.16 24.12
C TRP A 267 11.59 -23.89 23.72
N SER A 268 11.80 -22.74 23.07
CA SER A 268 13.14 -22.34 22.61
C SER A 268 13.28 -20.82 22.81
N GLY A 269 14.37 -20.25 22.28
CA GLY A 269 14.69 -18.84 22.48
C GLY A 269 13.61 -17.83 22.11
N HIS A 270 12.83 -18.12 21.06
CA HIS A 270 11.77 -17.22 20.63
C HIS A 270 10.41 -17.46 21.22
N SER A 271 10.27 -18.48 22.07
CA SER A 271 8.94 -18.88 22.61
C SER A 271 8.18 -17.81 23.39
N ALA A 272 8.88 -17.07 24.24
CA ALA A 272 8.22 -16.03 25.05
C ALA A 272 7.85 -14.80 24.22
N ARG A 273 8.62 -14.51 23.16
CA ARG A 273 8.25 -13.48 22.19
C ARG A 273 6.95 -13.84 21.49
N VAL A 274 6.86 -15.08 21.03
CA VAL A 274 5.62 -15.62 20.46
C VAL A 274 4.46 -15.59 21.46
N GLY A 275 4.70 -16.07 22.69
CA GLY A 275 3.66 -16.10 23.71
C GLY A 275 3.16 -14.72 24.12
N ALA A 276 4.09 -13.79 24.36
CA ALA A 276 3.71 -12.46 24.78
C ALA A 276 2.85 -11.77 23.70
N ALA A 277 3.20 -11.94 22.42
CA ALA A 277 2.38 -11.36 21.33
C ALA A 277 0.96 -11.89 21.38
N ARG A 278 0.82 -13.21 21.55
CA ARG A 278 -0.50 -13.85 21.68
C ARG A 278 -1.30 -13.38 22.90
N ASP A 279 -0.65 -13.23 24.05
CA ASP A 279 -1.33 -12.72 25.23
C ASP A 279 -1.79 -11.26 25.04
N MET A 280 -0.94 -10.44 24.42
CA MET A 280 -1.36 -9.06 24.14
C MET A 280 -2.55 -9.04 23.21
N ALA A 281 -2.51 -9.84 22.15
CA ALA A 281 -3.64 -9.94 21.21
C ALA A 281 -4.93 -10.43 21.89
N ARG A 282 -4.84 -11.41 22.79
CA ARG A 282 -6.02 -11.86 23.56
C ARG A 282 -6.61 -10.75 24.41
N ALA A 283 -5.74 -9.91 24.97
CA ALA A 283 -6.16 -8.79 25.81
C ALA A 283 -6.64 -7.58 25.01
N GLY A 284 -6.69 -7.69 23.68
CA GLY A 284 -7.20 -6.60 22.84
C GLY A 284 -6.20 -5.48 22.62
N VAL A 285 -4.91 -5.73 22.88
CA VAL A 285 -3.87 -4.72 22.63
C VAL A 285 -3.78 -4.51 21.11
N SER A 286 -3.74 -3.23 20.69
CA SER A 286 -3.73 -2.91 19.27
C SER A 286 -2.47 -3.46 18.63
N ILE A 287 -2.56 -3.76 17.33
CA ILE A 287 -1.44 -4.30 16.58
C ILE A 287 -0.17 -3.40 16.61
N PRO A 288 -0.32 -2.07 16.39
CA PRO A 288 0.89 -1.20 16.53
C PRO A 288 1.55 -1.30 17.91
N GLU A 289 0.74 -1.42 18.97
CA GLU A 289 1.30 -1.54 20.30
C GLU A 289 2.01 -2.88 20.53
N ILE A 290 1.43 -3.96 20.01
CA ILE A 290 2.07 -5.29 20.01
C ILE A 290 3.41 -5.21 19.27
N MET A 291 3.41 -4.65 18.06
CA MET A 291 4.64 -4.46 17.30
C MET A 291 5.70 -3.64 18.03
N GLN A 292 5.31 -2.53 18.65
CA GLN A 292 6.27 -1.73 19.38
C GLN A 292 6.81 -2.55 20.55
N ALA A 293 5.93 -3.29 21.23
CA ALA A 293 6.35 -4.12 22.38
C ALA A 293 7.46 -5.12 22.06
N GLY A 294 7.44 -5.68 20.86
CA GLY A 294 8.50 -6.60 20.45
C GLY A 294 9.53 -6.01 19.50
N GLY A 295 9.43 -4.70 19.23
CA GLY A 295 10.28 -4.07 18.22
C GLY A 295 10.07 -4.55 16.78
N TRP A 296 8.84 -4.89 16.41
CA TRP A 296 8.52 -5.32 15.05
C TRP A 296 8.13 -4.14 14.16
N THR A 297 8.63 -4.12 12.92
CA THR A 297 8.29 -3.07 11.94
C THR A 297 7.32 -3.58 10.88
N ASN A 298 7.37 -4.89 10.64
CA ASN A 298 6.54 -5.60 9.68
C ASN A 298 5.40 -6.35 10.39
N VAL A 299 4.15 -5.99 10.11
CA VAL A 299 2.99 -6.65 10.71
C VAL A 299 2.93 -8.18 10.55
N ASN A 300 3.38 -8.70 9.41
CA ASN A 300 3.09 -10.08 9.06
C ASN A 300 3.75 -11.15 9.91
N ILE A 301 4.95 -10.83 10.42
CA ILE A 301 5.62 -11.64 11.45
C ILE A 301 4.71 -11.81 12.68
N VAL A 302 4.16 -10.70 13.17
CA VAL A 302 3.24 -10.72 14.31
C VAL A 302 1.98 -11.51 13.94
N MET A 303 1.42 -11.24 12.76
CA MET A 303 0.23 -11.95 12.29
C MET A 303 0.41 -13.45 12.24
N ASN A 304 1.59 -13.93 11.86
CA ASN A 304 1.88 -15.36 11.94
C ASN A 304 1.76 -15.90 13.35
N TYR A 305 2.09 -15.09 14.36
CA TYR A 305 2.04 -15.54 15.76
C TYR A 305 0.61 -15.64 16.34
N ILE A 306 -0.30 -14.81 15.85
CA ILE A 306 -1.60 -14.62 16.47
C ILE A 306 -2.79 -14.99 15.57
N ARG A 307 -2.46 -15.52 14.38
CA ARG A 307 -3.43 -15.75 13.27
C ARG A 307 -4.50 -16.80 13.63
N ASN A 308 -4.21 -17.67 14.57
CA ASN A 308 -5.20 -18.65 14.99
C ASN A 308 -6.02 -18.28 16.23
N LEU A 309 -5.93 -17.01 16.65
CA LEU A 309 -6.74 -16.51 17.78
C LEU A 309 -8.13 -16.03 17.33
N ASP A 310 -9.16 -16.34 18.13
CA ASP A 310 -10.54 -15.98 17.77
C ASP A 310 -10.72 -14.49 17.47
N SER A 311 -9.98 -13.62 18.14
CA SER A 311 -10.01 -12.17 17.84
C SER A 311 -9.48 -11.79 16.44
N GLU A 312 -8.73 -12.69 15.81
CA GLU A 312 -8.11 -12.38 14.53
C GLU A 312 -8.82 -13.07 13.36
N THR A 313 -10.02 -13.60 13.62
CA THR A 313 -10.75 -14.41 12.64
C THR A 313 -11.36 -13.64 11.44
N GLY A 314 -11.33 -12.30 11.47
CA GLY A 314 -11.76 -11.50 10.34
C GLY A 314 -13.24 -11.11 10.23
N ALA A 315 -13.55 -10.36 9.17
CA ALA A 315 -14.85 -9.73 9.02
C ALA A 315 -15.93 -10.72 8.60
N MET A 316 -15.55 -11.74 7.83
CA MET A 316 -16.56 -12.67 7.33
C MET A 316 -17.14 -13.50 8.48
N VAL A 317 -16.30 -13.92 9.41
CA VAL A 317 -16.79 -14.63 10.61
C VAL A 317 -17.75 -13.75 11.42
N ARG A 318 -17.40 -12.49 11.63
CA ARG A 318 -18.23 -11.51 12.35
C ARG A 318 -19.57 -11.29 11.64
N LEU A 319 -19.57 -11.03 10.33
CA LEU A 319 -20.82 -10.96 9.56
C LEU A 319 -21.68 -12.21 9.72
N LEU A 320 -21.08 -13.38 9.61
CA LEU A 320 -21.83 -14.62 9.63
C LEU A 320 -22.44 -14.95 11.00
N GLU A 321 -21.73 -14.60 12.08
CA GLU A 321 -22.17 -14.95 13.42
C GLU A 321 -23.13 -13.86 13.93
N ASP A 322 -23.23 -12.79 13.16
CA ASP A 322 -24.21 -11.73 13.41
C ASP A 322 -25.17 -11.62 12.20
N SER B 1 34.21 14.55 -19.32
CA SER B 1 34.74 15.73 -18.57
C SER B 1 33.99 17.03 -18.88
N ASP B 2 33.80 17.29 -20.17
CA ASP B 2 32.87 18.30 -20.64
C ASP B 2 31.43 17.90 -20.26
N GLU B 3 31.13 16.59 -20.39
CA GLU B 3 29.87 16.01 -19.90
C GLU B 3 29.67 16.28 -18.41
N VAL B 4 30.70 16.04 -17.61
CA VAL B 4 30.62 16.21 -16.17
C VAL B 4 30.23 17.65 -15.86
N ARG B 5 30.95 18.59 -16.48
CA ARG B 5 30.73 20.02 -16.26
C ARG B 5 29.33 20.42 -16.69
N LYS B 6 28.88 19.88 -17.82
CA LYS B 6 27.54 20.12 -18.31
C LYS B 6 26.47 19.58 -17.34
N ASN B 7 26.63 18.35 -16.85
CA ASN B 7 25.68 17.76 -15.90
C ASN B 7 25.52 18.60 -14.63
N LEU B 8 26.65 18.98 -14.06
CA LEU B 8 26.68 19.78 -12.86
C LEU B 8 26.04 21.14 -13.07
N MET B 9 26.34 21.75 -14.23
CA MET B 9 25.74 23.02 -14.66
C MET B 9 24.20 22.95 -14.74
N ASP B 10 23.69 21.86 -15.30
CA ASP B 10 22.26 21.69 -15.49
C ASP B 10 21.56 21.51 -14.15
N MET B 11 22.23 20.82 -13.25
CA MET B 11 21.72 20.65 -11.89
C MET B 11 21.62 21.98 -11.18
N PHE B 12 22.67 22.80 -11.33
CA PHE B 12 22.72 24.11 -10.72
C PHE B 12 21.71 25.09 -11.35
N ARG B 13 21.61 25.05 -12.68
CA ARG B 13 20.58 25.81 -13.41
C ARG B 13 19.15 25.55 -12.87
N ASP B 14 18.79 24.29 -12.64
CA ASP B 14 17.46 23.98 -12.06
C ASP B 14 17.52 23.64 -10.56
N ARG B 15 18.40 24.35 -9.84
CA ARG B 15 18.62 24.12 -8.41
C ARG B 15 17.35 24.14 -7.56
N GLN B 16 16.34 24.88 -8.02
CA GLN B 16 15.05 24.96 -7.32
C GLN B 16 14.26 23.66 -7.38
N ALA B 17 14.72 22.71 -8.17
CA ALA B 17 14.14 21.37 -8.20
C ALA B 17 14.38 20.64 -6.85
N PHE B 18 15.43 21.06 -6.15
CA PHE B 18 15.86 20.44 -4.89
C PHE B 18 15.55 21.37 -3.73
N SER B 19 15.55 20.79 -2.54
CA SER B 19 15.40 21.56 -1.32
C SER B 19 16.63 22.43 -1.09
N GLU B 20 16.37 23.67 -0.66
CA GLU B 20 17.39 24.53 -0.04
C GLU B 20 18.26 23.75 0.94
N HIS B 21 17.64 22.85 1.69
CA HIS B 21 18.37 22.09 2.70
C HIS B 21 19.34 21.10 2.08
N THR B 22 18.94 20.49 0.98
CA THR B 22 19.82 19.61 0.21
C THR B 22 21.05 20.36 -0.27
N TRP B 23 20.85 21.53 -0.88
CA TRP B 23 21.97 22.38 -1.31
C TRP B 23 22.85 22.81 -0.12
N LYS B 24 22.21 23.28 0.96
CA LYS B 24 22.97 23.67 2.14
C LYS B 24 23.88 22.55 2.66
N MET B 25 23.39 21.32 2.67
CA MET B 25 24.18 20.18 3.19
C MET B 25 25.22 19.67 2.21
N LEU B 26 24.92 19.74 0.90
CA LEU B 26 25.93 19.49 -0.12
C LEU B 26 27.16 20.36 0.08
N LEU B 27 26.92 21.66 0.21
CA LEU B 27 28.01 22.63 0.35
C LEU B 27 28.72 22.40 1.67
N SER B 28 27.98 22.11 2.72
CA SER B 28 28.56 21.83 4.03
C SER B 28 29.47 20.58 4.01
N VAL B 29 28.99 19.50 3.40
CA VAL B 29 29.78 18.26 3.29
C VAL B 29 31.00 18.48 2.36
N CYS B 30 30.78 19.07 1.20
CA CYS B 30 31.89 19.41 0.30
C CYS B 30 33.03 20.16 1.00
N ARG B 31 32.72 21.24 1.71
CA ARG B 31 33.72 21.96 2.54
C ARG B 31 34.51 21.04 3.47
N SER B 32 33.80 20.17 4.18
CA SER B 32 34.43 19.26 5.13
C SER B 32 35.37 18.29 4.42
N TRP B 33 34.88 17.74 3.32
CA TRP B 33 35.61 16.74 2.54
C TRP B 33 36.82 17.37 1.82
N ALA B 34 36.57 18.50 1.15
CA ALA B 34 37.64 19.31 0.52
C ALA B 34 38.74 19.74 1.50
N ALA B 35 38.37 20.14 2.72
CA ALA B 35 39.35 20.55 3.71
C ALA B 35 40.17 19.35 4.18
N TRP B 36 39.49 18.22 4.39
CA TRP B 36 40.18 17.01 4.77
C TRP B 36 41.14 16.57 3.64
N CYS B 37 40.69 16.69 2.40
CA CYS B 37 41.48 16.35 1.21
C CYS B 37 42.74 17.21 1.05
N LYS B 38 42.62 18.52 1.27
CA LYS B 38 43.77 19.46 1.20
C LYS B 38 44.82 19.08 2.25
N LEU B 39 44.35 18.78 3.46
CA LEU B 39 45.23 18.39 4.55
C LEU B 39 45.91 17.03 4.35
N ASN B 40 45.26 16.13 3.62
CA ASN B 40 45.73 14.77 3.48
C ASN B 40 46.24 14.50 2.09
N ASN B 41 46.47 15.56 1.32
CA ASN B 41 47.03 15.44 -0.02
C ASN B 41 46.24 14.56 -1.00
N ARG B 42 44.93 14.73 -1.02
CA ARG B 42 44.06 13.94 -1.89
C ARG B 42 43.31 14.87 -2.80
N LYS B 43 42.76 14.34 -3.90
CA LYS B 43 41.95 15.11 -4.86
C LYS B 43 40.47 15.02 -4.49
N TRP B 44 39.82 16.17 -4.32
CA TRP B 44 38.47 16.20 -3.78
C TRP B 44 37.42 15.77 -4.80
N PHE B 45 37.73 15.95 -6.08
CA PHE B 45 36.81 15.61 -7.16
C PHE B 45 37.52 15.33 -8.48
N PRO B 46 37.17 14.21 -9.15
CA PRO B 46 36.31 13.13 -8.68
C PRO B 46 36.92 12.42 -7.47
N ALA B 47 36.06 11.97 -6.56
CA ALA B 47 36.51 11.41 -5.28
C ALA B 47 36.85 9.93 -5.46
N GLU B 48 38.09 9.59 -5.10
CA GLU B 48 38.61 8.22 -5.12
C GLU B 48 38.05 7.39 -3.95
N PRO B 49 37.57 6.17 -4.23
CA PRO B 49 37.03 5.28 -3.18
C PRO B 49 37.88 5.12 -1.92
N GLU B 50 39.19 4.90 -2.07
CA GLU B 50 40.08 4.72 -0.92
C GLU B 50 40.15 5.95 -0.04
N ASP B 51 40.12 7.13 -0.68
CA ASP B 51 40.15 8.41 0.04
C ASP B 51 38.84 8.64 0.79
N VAL B 52 37.72 8.41 0.11
CA VAL B 52 36.42 8.52 0.76
C VAL B 52 36.35 7.56 1.95
N ARG B 53 36.89 6.35 1.79
CA ARG B 53 36.98 5.40 2.87
C ARG B 53 37.75 5.95 4.07
N ASP B 54 38.96 6.47 3.85
CA ASP B 54 39.73 7.15 4.91
C ASP B 54 38.95 8.29 5.55
N TYR B 55 38.28 9.08 4.73
CA TYR B 55 37.49 10.21 5.24
C TYR B 55 36.35 9.78 6.19
N LEU B 56 35.60 8.73 5.81
CA LEU B 56 34.50 8.24 6.63
C LEU B 56 34.98 7.68 7.97
N LEU B 57 36.10 6.97 7.95
CA LEU B 57 36.77 6.50 9.20
C LEU B 57 37.28 7.64 10.07
N TYR B 58 37.81 8.69 9.43
CA TYR B 58 38.13 9.93 10.13
C TYR B 58 36.87 10.52 10.78
N LEU B 59 35.74 10.53 10.08
CA LEU B 59 34.49 11.04 10.67
C LEU B 59 34.00 10.20 11.86
N GLN B 60 34.13 8.87 11.75
CA GLN B 60 33.81 7.97 12.86
C GLN B 60 34.73 8.25 14.05
N ALA B 61 36.02 8.42 13.75
CA ALA B 61 37.02 8.71 14.79
C ALA B 61 36.73 10.06 15.46
N ARG B 62 36.15 10.99 14.72
CA ARG B 62 35.67 12.25 15.33
C ARG B 62 34.48 12.05 16.27
N GLY B 63 33.94 10.84 16.33
CA GLY B 63 32.78 10.60 17.21
C GLY B 63 31.45 11.11 16.64
N LEU B 64 31.39 11.36 15.34
CA LEU B 64 30.13 11.78 14.72
C LEU B 64 29.10 10.63 14.68
N ALA B 65 27.82 10.97 14.66
CA ALA B 65 26.73 9.98 14.59
C ALA B 65 26.72 9.22 13.27
N VAL B 66 26.19 8.00 13.29
CA VAL B 66 26.03 7.22 12.05
C VAL B 66 25.24 8.01 11.00
N LYS B 67 24.14 8.63 11.41
CA LYS B 67 23.32 9.37 10.46
C LYS B 67 24.02 10.63 9.89
N THR B 68 24.92 11.20 10.68
CA THR B 68 25.84 12.23 10.19
C THR B 68 26.80 11.70 9.13
N ILE B 69 27.44 10.58 9.41
CA ILE B 69 28.39 9.98 8.47
C ILE B 69 27.73 9.58 7.16
N GLN B 70 26.52 9.00 7.25
CA GLN B 70 25.68 8.69 6.10
C GLN B 70 25.28 9.90 5.28
N GLN B 71 25.06 11.04 5.94
CA GLN B 71 24.78 12.31 5.27
C GLN B 71 25.97 12.77 4.40
N HIS B 72 27.17 12.74 4.99
CA HIS B 72 28.40 13.07 4.28
C HIS B 72 28.61 12.14 3.08
N LEU B 73 28.50 10.83 3.29
CA LEU B 73 28.54 9.87 2.19
C LEU B 73 27.42 10.14 1.17
N GLY B 74 26.21 10.38 1.65
CA GLY B 74 25.08 10.62 0.73
C GLY B 74 25.27 11.84 -0.14
N GLN B 75 25.80 12.94 0.42
CA GLN B 75 26.03 14.15 -0.39
C GLN B 75 27.11 13.94 -1.47
N LEU B 76 28.18 13.25 -1.08
CA LEU B 76 29.22 12.80 -2.02
C LEU B 76 28.67 11.90 -3.13
N ASN B 77 27.81 10.94 -2.76
CA ASN B 77 27.18 10.09 -3.76
C ASN B 77 26.37 10.89 -4.76
N MET B 78 25.61 11.87 -4.27
CA MET B 78 24.73 12.68 -5.13
C MET B 78 25.53 13.57 -6.09
N LEU B 79 26.59 14.18 -5.58
CA LEU B 79 27.46 15.01 -6.40
C LEU B 79 28.02 14.21 -7.60
N HIS B 80 28.51 13.00 -7.33
CA HIS B 80 29.00 12.10 -8.36
C HIS B 80 27.93 11.56 -9.30
N ARG B 81 26.86 11.00 -8.74
CA ARG B 81 25.79 10.46 -9.57
C ARG B 81 25.20 11.52 -10.49
N ARG B 82 24.99 12.73 -9.97
CA ARG B 82 24.35 13.77 -10.79
C ARG B 82 25.31 14.49 -11.78
N SER B 83 26.61 14.32 -11.56
CA SER B 83 27.68 14.58 -12.57
C SER B 83 27.70 13.55 -13.69
N GLY B 84 27.12 12.38 -13.46
CA GLY B 84 27.15 11.31 -14.42
C GLY B 84 28.36 10.41 -14.21
N LEU B 85 28.95 10.49 -13.02
CA LEU B 85 30.09 9.64 -12.62
C LEU B 85 29.67 8.51 -11.65
N PRO B 86 30.49 7.45 -11.53
CA PRO B 86 30.23 6.42 -10.49
C PRO B 86 30.24 7.03 -9.09
N ARG B 87 29.28 6.64 -8.25
CA ARG B 87 29.30 7.04 -6.85
C ARG B 87 30.48 6.38 -6.11
N PRO B 88 31.04 7.10 -5.10
CA PRO B 88 31.83 6.40 -4.07
C PRO B 88 31.18 5.09 -3.58
N SER B 89 29.87 5.08 -3.31
CA SER B 89 29.24 3.86 -2.81
C SER B 89 29.11 2.73 -3.85
N ASP B 90 29.47 2.98 -5.11
CA ASP B 90 29.50 1.90 -6.12
C ASP B 90 30.74 1.01 -5.93
N SER B 91 31.63 1.42 -5.04
CA SER B 91 32.80 0.58 -4.76
C SER B 91 32.65 -0.12 -3.41
N ASN B 92 33.16 -1.35 -3.34
CA ASN B 92 33.21 -2.12 -2.10
C ASN B 92 33.87 -1.41 -0.92
N ALA B 93 35.00 -0.76 -1.17
CA ALA B 93 35.72 -0.07 -0.10
C ALA B 93 34.81 0.90 0.66
N VAL B 94 33.97 1.62 -0.06
CA VAL B 94 33.11 2.63 0.57
C VAL B 94 31.81 2.03 1.09
N SER B 95 31.15 1.19 0.30
CA SER B 95 29.90 0.63 0.79
C SER B 95 30.10 -0.30 1.98
N LEU B 96 31.21 -1.05 1.98
CA LEU B 96 31.55 -1.92 3.13
C LEU B 96 31.95 -1.13 4.37
N VAL B 97 32.78 -0.08 4.21
CA VAL B 97 33.14 0.75 5.39
C VAL B 97 31.96 1.47 6.00
N MET B 98 30.99 1.90 5.19
CA MET B 98 29.80 2.51 5.73
C MET B 98 28.99 1.50 6.62
N ARG B 99 28.83 0.28 6.12
CA ARG B 99 28.18 -0.81 6.88
C ARG B 99 28.94 -1.13 8.14
N ARG B 100 30.27 -1.17 8.01
CA ARG B 100 31.13 -1.45 9.14
C ARG B 100 31.01 -0.38 10.23
N ILE B 101 30.99 0.89 9.82
CA ILE B 101 30.87 2.00 10.77
C ILE B 101 29.50 1.99 11.47
N ARG B 102 28.42 1.80 10.71
CA ARG B 102 27.09 1.65 11.30
C ARG B 102 27.07 0.51 12.34
N LYS B 103 27.63 -0.65 11.98
CA LYS B 103 27.61 -1.82 12.85
C LYS B 103 28.40 -1.61 14.14
N GLU B 104 29.62 -1.09 14.02
CA GLU B 104 30.51 -0.80 15.16
C GLU B 104 29.92 0.21 16.11
N ASN B 105 29.40 1.32 15.57
CA ASN B 105 28.78 2.35 16.42
C ASN B 105 27.54 1.84 17.17
N VAL B 106 26.69 1.08 16.49
CA VAL B 106 25.48 0.52 17.12
C VAL B 106 25.89 -0.50 18.22
N ASP B 107 26.84 -1.37 17.89
CA ASP B 107 27.42 -2.34 18.85
C ASP B 107 28.03 -1.64 20.06
N ALA B 108 28.54 -0.42 19.86
CA ALA B 108 29.14 0.37 20.93
C ALA B 108 28.12 1.21 21.71
N GLY B 109 26.86 1.14 21.31
CA GLY B 109 25.79 1.73 22.11
C GLY B 109 24.97 2.81 21.39
N GLU B 110 25.33 3.13 20.15
CA GLU B 110 24.64 4.21 19.44
C GLU B 110 23.20 3.88 18.99
N ARG B 111 22.30 4.82 19.21
CA ARG B 111 20.95 4.74 18.65
C ARG B 111 20.44 6.15 18.34
N ALA B 112 19.59 6.25 17.32
CA ALA B 112 19.06 7.54 16.89
C ALA B 112 18.13 8.04 17.97
N LYS B 113 18.22 9.33 18.23
CA LYS B 113 17.42 9.95 19.25
C LYS B 113 16.10 10.42 18.65
N GLN B 114 15.17 10.78 19.51
CA GLN B 114 13.87 11.27 19.10
C GLN B 114 13.44 12.44 19.98
N ALA B 115 12.76 13.40 19.38
CA ALA B 115 12.17 14.51 20.10
C ALA B 115 11.25 14.06 21.26
N LEU B 116 11.30 14.83 22.35
CA LEU B 116 10.43 14.64 23.49
C LEU B 116 8.99 14.85 23.06
N ALA B 117 8.08 13.98 23.48
CA ALA B 117 6.72 14.07 22.99
C ALA B 117 5.99 15.24 23.66
N PHE B 118 5.22 15.97 22.84
CA PHE B 118 4.27 17.00 23.31
C PHE B 118 2.91 16.43 22.99
N GLU B 119 2.25 15.95 24.03
CA GLU B 119 1.06 15.15 23.93
C GLU B 119 -0.16 15.92 24.41
N ARG B 120 -1.32 15.29 24.29
CA ARG B 120 -2.59 15.90 24.66
C ARG B 120 -2.57 16.46 26.09
N THR B 121 -1.98 15.70 27.01
CA THR B 121 -1.91 16.12 28.41
C THR B 121 -1.05 17.39 28.57
N ASP B 122 -0.02 17.53 27.74
CA ASP B 122 0.81 18.76 27.77
C ASP B 122 0.07 19.91 27.12
N PHE B 123 -0.52 19.67 25.96
CA PHE B 123 -1.33 20.69 25.30
C PHE B 123 -2.44 21.21 26.22
N ASP B 124 -3.14 20.30 26.91
CA ASP B 124 -4.21 20.70 27.86
C ASP B 124 -3.69 21.51 29.03
N GLN B 125 -2.56 21.09 29.59
CA GLN B 125 -1.94 21.82 30.68
C GLN B 125 -1.50 23.24 30.27
N VAL B 126 -0.85 23.33 29.12
CA VAL B 126 -0.39 24.61 28.58
C VAL B 126 -1.60 25.54 28.31
N ARG B 127 -2.66 24.96 27.78
CA ARG B 127 -3.85 25.73 27.45
C ARG B 127 -4.50 26.24 28.73
N SER B 128 -4.54 25.42 29.77
CA SER B 128 -5.12 25.86 31.04
C SER B 128 -4.31 27.01 31.65
N LEU B 129 -2.98 26.99 31.48
CA LEU B 129 -2.13 28.08 31.95
C LEU B 129 -2.21 29.36 31.11
N MET B 130 -2.32 29.24 29.78
CA MET B 130 -2.07 30.34 28.84
C MET B 130 -3.35 30.94 28.23
N GLU B 131 -4.46 30.19 28.26
CA GLU B 131 -5.66 30.59 27.51
C GLU B 131 -6.26 31.92 27.94
N ASN B 132 -6.02 32.30 29.20
CA ASN B 132 -6.49 33.56 29.78
C ASN B 132 -5.55 34.75 29.56
N SER B 133 -4.46 34.53 28.86
CA SER B 133 -3.52 35.61 28.58
C SER B 133 -4.04 36.54 27.47
N ASP B 134 -3.69 37.81 27.60
CA ASP B 134 -4.07 38.85 26.65
C ASP B 134 -2.84 39.29 25.88
N ARG B 135 -1.66 38.83 26.29
CA ARG B 135 -0.44 39.07 25.52
C ARG B 135 -0.55 38.47 24.12
N CYS B 136 -0.18 39.29 23.13
CA CYS B 136 -0.15 38.86 21.75
C CYS B 136 0.72 37.60 21.52
N GLN B 137 1.84 37.55 22.23
CA GLN B 137 2.79 36.46 22.14
C GLN B 137 2.21 35.15 22.64
N ASP B 138 1.52 35.21 23.77
CA ASP B 138 0.87 34.04 24.32
C ASP B 138 -0.28 33.55 23.42
N ILE B 139 -1.06 34.49 22.89
CA ILE B 139 -2.15 34.15 21.99
C ILE B 139 -1.60 33.47 20.71
N ARG B 140 -0.53 34.03 20.14
CA ARG B 140 0.15 33.42 18.99
C ARG B 140 0.66 32.03 19.31
N ASN B 141 1.41 31.93 20.40
CA ASN B 141 2.10 30.70 20.73
C ASN B 141 1.13 29.55 20.97
N LEU B 142 0.00 29.85 21.60
CA LEU B 142 -1.03 28.85 21.88
C LEU B 142 -1.74 28.34 20.61
N ALA B 143 -2.10 29.27 19.71
CA ALA B 143 -2.55 28.93 18.36
C ALA B 143 -1.53 28.06 17.60
N PHE B 144 -0.23 28.38 17.71
CA PHE B 144 0.81 27.61 17.04
C PHE B 144 0.90 26.18 17.55
N LEU B 145 0.94 26.06 18.88
CA LEU B 145 0.99 24.75 19.55
C LEU B 145 -0.27 23.93 19.21
N GLY B 146 -1.42 24.57 19.20
CA GLY B 146 -2.67 23.96 18.76
C GLY B 146 -2.59 23.39 17.35
N ILE B 147 -2.08 24.18 16.40
CA ILE B 147 -1.94 23.71 15.02
C ILE B 147 -0.93 22.59 14.92
N ALA B 148 0.19 22.72 15.62
CA ALA B 148 1.25 21.72 15.59
C ALA B 148 0.73 20.35 16.03
N TYR B 149 -0.01 20.34 17.13
CA TYR B 149 -0.54 19.09 17.72
C TYR B 149 -1.70 18.52 16.88
N ASN B 150 -2.66 19.38 16.54
CA ASN B 150 -3.84 18.99 15.77
C ASN B 150 -3.50 18.48 14.35
N THR B 151 -2.52 19.09 13.68
CA THR B 151 -2.26 18.80 12.26
C THR B 151 -1.11 17.83 12.02
N LEU B 152 -0.19 17.74 12.98
CA LEU B 152 1.09 17.01 12.83
C LEU B 152 1.99 17.56 11.71
N LEU B 153 1.83 18.83 11.35
CA LEU B 153 2.64 19.42 10.26
C LEU B 153 4.04 19.75 10.76
N ARG B 154 5.02 19.59 9.88
CA ARG B 154 6.36 20.07 10.18
C ARG B 154 6.30 21.58 10.44
N ILE B 155 7.22 22.09 11.26
CA ILE B 155 7.27 23.53 11.52
C ILE B 155 7.51 24.38 10.25
N ALA B 156 8.26 23.86 9.29
CA ALA B 156 8.46 24.55 8.00
C ALA B 156 7.15 24.70 7.26
N GLU B 157 6.26 23.70 7.36
CA GLU B 157 4.95 23.72 6.68
C GLU B 157 3.99 24.71 7.36
N ILE B 158 4.09 24.81 8.68
CA ILE B 158 3.28 25.73 9.43
C ILE B 158 3.73 27.15 9.15
N ALA B 159 5.05 27.36 9.09
CA ALA B 159 5.61 28.67 8.75
C ALA B 159 5.14 29.18 7.37
N ARG B 160 4.86 28.26 6.45
CA ARG B 160 4.41 28.62 5.08
C ARG B 160 2.92 28.88 4.92
N ILE B 161 2.12 28.56 5.94
CA ILE B 161 0.69 28.82 5.85
C ILE B 161 0.44 30.32 5.67
N ARG B 162 -0.36 30.67 4.65
CA ARG B 162 -0.81 32.05 4.44
C ARG B 162 -2.29 32.11 4.78
N VAL B 163 -2.76 33.33 5.04
CA VAL B 163 -4.16 33.57 5.45
C VAL B 163 -5.13 33.01 4.43
N LYS B 164 -4.82 33.17 3.13
CA LYS B 164 -5.66 32.64 2.05
C LYS B 164 -5.75 31.09 2.06
N ASP B 165 -4.82 30.42 2.74
CA ASP B 165 -4.82 28.94 2.78
C ASP B 165 -5.87 28.41 3.76
N ILE B 166 -6.56 29.32 4.45
CA ILE B 166 -7.54 28.94 5.47
C ILE B 166 -8.96 29.04 4.95
N SER B 167 -9.72 27.98 5.19
CA SER B 167 -11.16 27.94 4.91
C SER B 167 -11.92 27.34 6.10
N ARG B 168 -13.21 27.10 5.91
CA ARG B 168 -14.04 26.57 6.97
C ARG B 168 -14.88 25.40 6.48
N THR B 169 -15.07 24.43 7.37
CA THR B 169 -16.08 23.38 7.14
C THR B 169 -17.45 23.98 7.41
N ASP B 170 -18.48 23.27 6.97
CA ASP B 170 -19.89 23.65 7.19
C ASP B 170 -20.23 23.79 8.68
N GLY B 171 -19.59 22.96 9.53
CA GLY B 171 -19.72 23.10 10.97
C GLY B 171 -18.86 24.22 11.55
N GLY B 172 -18.16 24.97 10.69
CA GLY B 172 -17.33 26.10 11.12
C GLY B 172 -15.94 25.81 11.69
N ARG B 173 -15.45 24.56 11.53
CA ARG B 173 -14.08 24.22 11.91
C ARG B 173 -13.13 24.76 10.87
N MET B 174 -11.96 25.23 11.29
CA MET B 174 -10.98 25.69 10.33
C MET B 174 -10.33 24.57 9.52
N LEU B 175 -10.02 24.87 8.27
CA LEU B 175 -9.33 23.95 7.37
C LEU B 175 -8.12 24.62 6.81
N ILE B 176 -6.97 23.95 6.89
CA ILE B 176 -5.77 24.54 6.34
C ILE B 176 -5.29 23.80 5.11
N HIS B 177 -5.14 24.53 4.00
CA HIS B 177 -4.57 23.96 2.79
C HIS B 177 -3.06 23.99 2.82
N ILE B 178 -2.46 22.83 2.53
CA ILE B 178 -1.02 22.67 2.49
C ILE B 178 -0.66 22.05 1.15
N GLY B 179 0.12 22.75 0.35
CA GLY B 179 0.49 22.26 -0.99
C GLY B 179 1.81 21.52 -1.05
N ARG B 180 2.70 21.84 -0.11
CA ARG B 180 4.06 21.29 -0.11
C ARG B 180 4.46 20.76 1.27
N THR B 181 4.75 19.45 1.34
CA THR B 181 5.38 18.86 2.52
C THR B 181 6.71 18.26 2.06
N LYS B 182 7.47 17.66 2.97
CA LYS B 182 8.73 17.01 2.62
C LYS B 182 8.53 15.92 1.57
N THR B 183 7.33 15.33 1.51
CA THR B 183 7.06 14.17 0.67
C THR B 183 6.00 14.42 -0.41
N LEU B 184 5.28 15.54 -0.34
CA LEU B 184 4.24 15.88 -1.32
C LEU B 184 4.45 17.28 -1.90
N VAL B 185 4.40 17.40 -3.23
CA VAL B 185 4.37 18.69 -3.91
C VAL B 185 3.19 18.65 -4.90
N SER B 186 2.13 19.39 -4.63
CA SER B 186 0.91 19.21 -5.40
C SER B 186 -0.03 20.40 -5.36
N THR B 187 -0.63 20.72 -6.51
CA THR B 187 -1.59 21.81 -6.56
C THR B 187 -2.94 21.42 -5.99
N ALA B 188 -3.16 20.10 -5.86
CA ALA B 188 -4.29 19.54 -5.12
C ALA B 188 -4.03 19.62 -3.62
N GLY B 189 -2.81 19.26 -3.21
CA GLY B 189 -2.34 19.40 -1.83
C GLY B 189 -3.18 18.65 -0.81
N VAL B 190 -3.13 19.07 0.44
CA VAL B 190 -3.88 18.40 1.50
C VAL B 190 -4.68 19.46 2.28
N GLU B 191 -5.78 19.04 2.90
CA GLU B 191 -6.51 19.88 3.86
C GLU B 191 -6.37 19.31 5.27
N LYS B 192 -5.89 20.16 6.18
CA LYS B 192 -5.76 19.83 7.60
C LYS B 192 -6.84 20.52 8.41
N ALA B 193 -7.72 19.73 9.00
CA ALA B 193 -8.84 20.26 9.77
C ALA B 193 -8.46 20.51 11.23
N LEU B 194 -8.98 21.60 11.80
CA LEU B 194 -8.73 21.95 13.19
C LEU B 194 -10.02 21.70 14.00
N SER B 195 -9.89 21.22 15.25
CA SER B 195 -11.04 21.06 16.16
C SER B 195 -11.66 22.40 16.43
N LEU B 196 -12.85 22.39 17.03
CA LEU B 196 -13.53 23.63 17.40
C LEU B 196 -12.69 24.46 18.34
N GLY B 197 -12.10 23.82 19.36
CA GLY B 197 -11.27 24.54 20.31
C GLY B 197 -9.96 25.09 19.76
N VAL B 198 -9.32 24.39 18.83
CA VAL B 198 -8.11 24.92 18.19
C VAL B 198 -8.48 26.01 17.20
N THR B 199 -9.60 25.84 16.51
CA THR B 199 -10.12 26.88 15.62
C THR B 199 -10.26 28.19 16.39
N LYS B 200 -10.89 28.13 17.58
CA LYS B 200 -11.03 29.31 18.44
C LYS B 200 -9.69 29.97 18.82
N LEU B 201 -8.69 29.17 19.19
CA LEU B 201 -7.34 29.70 19.42
C LEU B 201 -6.78 30.49 18.23
N VAL B 202 -6.92 29.93 17.03
CA VAL B 202 -6.40 30.56 15.82
C VAL B 202 -7.22 31.81 15.46
N GLU B 203 -8.55 31.73 15.60
CA GLU B 203 -9.40 32.90 15.46
C GLU B 203 -8.99 34.05 16.38
N ARG B 204 -8.63 33.73 17.62
CA ARG B 204 -8.19 34.76 18.56
C ARG B 204 -6.89 35.40 18.08
N TRP B 205 -5.96 34.57 17.61
CA TRP B 205 -4.68 35.08 17.12
C TRP B 205 -4.87 35.96 15.90
N ILE B 206 -5.77 35.55 15.01
CA ILE B 206 -6.04 36.29 13.79
C ILE B 206 -6.58 37.70 14.11
N SER B 207 -7.54 37.78 15.02
CA SER B 207 -8.14 39.06 15.37
C SER B 207 -7.15 40.01 16.03
N VAL B 208 -6.31 39.50 16.92
CA VAL B 208 -5.35 40.30 17.68
C VAL B 208 -4.09 40.71 16.87
N SER B 209 -3.73 39.96 15.84
CA SER B 209 -2.53 40.23 15.05
C SER B 209 -2.77 41.11 13.84
N GLY B 210 -3.99 41.07 13.32
CA GLY B 210 -4.35 41.71 12.06
C GLY B 210 -3.72 41.10 10.81
N VAL B 211 -3.46 39.79 10.81
CA VAL B 211 -2.84 39.12 9.66
C VAL B 211 -3.77 39.02 8.48
N ALA B 212 -5.07 39.02 8.73
CA ALA B 212 -6.05 38.85 7.66
C ALA B 212 -6.34 40.13 6.86
N ASP B 213 -5.62 41.22 7.16
CA ASP B 213 -5.70 42.47 6.39
C ASP B 213 -5.21 42.29 4.96
N ASP B 214 -4.34 41.30 4.78
CA ASP B 214 -3.89 40.85 3.47
C ASP B 214 -3.92 39.32 3.49
N PRO B 215 -4.77 38.70 2.63
CA PRO B 215 -4.85 37.23 2.46
C PRO B 215 -3.53 36.55 2.08
N ASN B 216 -2.57 37.34 1.62
CA ASN B 216 -1.24 36.84 1.31
C ASN B 216 -0.27 36.85 2.50
N ASN B 217 -0.66 37.53 3.58
CA ASN B 217 0.13 37.41 4.82
C ASN B 217 0.28 35.94 5.25
N TYR B 218 1.46 35.61 5.72
CA TYR B 218 1.67 34.38 6.46
C TYR B 218 0.83 34.42 7.72
N LEU B 219 0.22 33.28 8.08
CA LEU B 219 -0.60 33.21 9.29
C LEU B 219 0.20 33.60 10.53
N PHE B 220 1.43 33.10 10.65
CA PHE B 220 2.26 33.40 11.80
C PHE B 220 3.32 34.42 11.49
N CYS B 221 3.53 35.29 12.48
CA CYS B 221 4.50 36.38 12.35
C CYS B 221 5.15 36.70 13.68
N ARG B 222 6.20 37.51 13.60
CA ARG B 222 6.89 37.93 14.79
C ARG B 222 6.04 38.91 15.60
N VAL B 223 6.27 38.93 16.89
CA VAL B 223 5.56 39.82 17.78
C VAL B 223 6.64 40.52 18.61
N ARG B 224 6.79 41.81 18.39
CA ARG B 224 7.88 42.56 19.03
C ARG B 224 7.55 42.84 20.50
N LYS B 225 8.51 43.40 21.24
CA LYS B 225 8.41 43.54 22.71
C LYS B 225 7.25 44.41 23.22
N ASN B 226 6.73 45.31 22.39
CA ASN B 226 5.59 46.13 22.81
C ASN B 226 4.27 45.41 22.64
N GLY B 227 4.33 44.16 22.15
CA GLY B 227 3.15 43.31 22.05
C GLY B 227 2.40 43.48 20.74
N VAL B 228 3.02 44.14 19.77
CA VAL B 228 2.41 44.38 18.46
C VAL B 228 2.91 43.33 17.44
N ALA B 229 1.98 42.70 16.73
CA ALA B 229 2.32 41.74 15.69
C ALA B 229 2.73 42.51 14.43
N ALA B 230 3.68 41.95 13.70
CA ALA B 230 4.13 42.53 12.44
C ALA B 230 3.85 41.59 11.24
N PRO B 231 2.59 41.56 10.74
CA PRO B 231 2.22 40.67 9.63
C PRO B 231 3.03 40.95 8.35
N SER B 232 3.24 39.92 7.54
CA SER B 232 4.07 40.03 6.34
C SER B 232 3.70 38.96 5.32
N ALA B 233 3.79 39.32 4.03
CA ALA B 233 3.52 38.41 2.93
C ALA B 233 4.82 37.96 2.30
N THR B 234 5.92 38.49 2.78
CA THR B 234 7.21 38.24 2.17
C THR B 234 8.15 37.56 3.17
N SER B 235 7.86 37.72 4.46
CA SER B 235 8.72 37.18 5.49
C SER B 235 7.97 36.21 6.41
N GLN B 236 8.40 34.94 6.39
CA GLN B 236 7.91 33.91 7.30
C GLN B 236 8.51 34.11 8.70
N LEU B 237 7.78 33.69 9.72
CA LEU B 237 8.38 33.42 11.03
C LEU B 237 9.36 32.26 10.82
N SER B 238 10.60 32.40 11.29
CA SER B 238 11.62 31.38 11.04
C SER B 238 11.27 30.07 11.75
N THR B 239 11.73 28.95 11.21
CA THR B 239 11.51 27.68 11.89
C THR B 239 12.31 27.68 13.19
N ARG B 240 13.41 28.44 13.24
CA ARG B 240 14.19 28.58 14.47
C ARG B 240 13.36 29.21 15.57
N ALA B 241 12.55 30.20 15.20
CA ALA B 241 11.64 30.83 16.14
C ALA B 241 10.57 29.86 16.63
N LEU B 242 10.01 29.04 15.72
CA LEU B 242 9.00 28.04 16.07
C LEU B 242 9.54 26.96 17.02
N GLU B 243 10.78 26.54 16.79
CA GLU B 243 11.50 25.73 17.78
C GLU B 243 11.56 26.46 19.14
N GLY B 244 11.84 27.76 19.11
CA GLY B 244 11.88 28.62 20.29
C GLY B 244 10.59 28.64 21.08
N ILE B 245 9.45 28.65 20.39
CA ILE B 245 8.14 28.58 21.05
C ILE B 245 7.98 27.29 21.85
N PHE B 246 8.27 26.15 21.23
CA PHE B 246 8.30 24.87 21.94
C PHE B 246 9.23 24.90 23.17
N GLU B 247 10.45 25.39 22.98
CA GLU B 247 11.43 25.44 24.08
C GLU B 247 10.95 26.36 25.24
N ALA B 248 10.45 27.56 24.91
CA ALA B 248 9.95 28.51 25.92
C ALA B 248 8.75 27.94 26.67
N THR B 249 7.90 27.20 25.97
CA THR B 249 6.74 26.57 26.57
C THR B 249 7.17 25.45 27.52
N HIS B 250 8.21 24.71 27.16
CA HIS B 250 8.76 23.68 28.02
C HIS B 250 9.30 24.31 29.31
N ARG B 251 10.05 25.40 29.14
CA ARG B 251 10.62 26.16 30.26
C ARG B 251 9.51 26.65 31.19
N LEU B 252 8.39 27.06 30.60
CA LEU B 252 7.26 27.58 31.37
C LEU B 252 6.77 26.57 32.42
N ILE B 253 6.76 25.30 32.05
CA ILE B 253 6.24 24.24 32.90
C ILE B 253 7.35 23.54 33.71
N TYR B 254 8.53 23.39 33.10
CA TYR B 254 9.56 22.52 33.63
C TYR B 254 10.86 23.26 33.98
N GLY B 255 10.88 24.57 33.81
CA GLY B 255 12.11 25.33 34.07
C GLY B 255 13.25 25.02 33.10
N ALA B 256 14.45 25.36 33.54
CA ALA B 256 15.64 25.24 32.70
C ALA B 256 16.03 23.80 32.36
N LYS B 257 16.59 23.60 31.17
CA LYS B 257 17.17 22.33 30.73
C LYS B 257 18.33 21.96 31.62
N ASP B 258 18.59 20.65 31.79
CA ASP B 258 19.81 20.23 32.47
C ASP B 258 21.09 20.47 31.64
N ASP B 259 22.24 20.24 32.28
CA ASP B 259 23.56 20.66 31.76
C ASP B 259 24.20 19.75 30.69
N SER B 260 23.74 18.50 30.59
CA SER B 260 24.36 17.45 29.76
C SER B 260 24.72 17.75 28.31
N GLY B 261 24.07 18.74 27.69
CA GLY B 261 24.33 19.06 26.27
C GLY B 261 23.70 18.10 25.25
N GLN B 262 22.96 17.11 25.74
CA GLN B 262 22.13 16.24 24.88
C GLN B 262 21.01 17.03 24.19
N ARG B 263 20.63 16.58 23.01
CA ARG B 263 19.47 17.11 22.30
C ARG B 263 18.18 16.61 22.95
N TYR B 264 17.07 17.31 22.74
CA TYR B 264 15.74 16.86 23.14
C TYR B 264 15.48 16.82 24.65
N LEU B 265 16.13 17.72 25.39
CA LEU B 265 15.90 17.87 26.84
C LEU B 265 14.66 18.70 27.08
N ALA B 266 14.33 19.55 26.11
CA ALA B 266 13.10 20.31 26.13
C ALA B 266 12.29 19.92 24.88
N TRP B 267 11.03 20.38 24.81
CA TRP B 267 10.30 20.25 23.54
C TRP B 267 10.98 21.00 22.38
N SER B 268 10.82 20.47 21.17
CA SER B 268 11.46 20.99 19.98
C SER B 268 10.45 20.88 18.81
N GLY B 269 10.89 21.28 17.60
CA GLY B 269 9.99 21.33 16.44
C GLY B 269 9.23 20.06 16.07
N HIS B 270 9.80 18.91 16.38
CA HIS B 270 9.21 17.62 16.06
C HIS B 270 8.28 17.06 17.17
N SER B 271 8.25 17.75 18.32
CA SER B 271 7.56 17.26 19.54
C SER B 271 6.04 16.96 19.46
N ALA B 272 5.27 17.81 18.82
CA ALA B 272 3.83 17.56 18.77
C ALA B 272 3.45 16.53 17.70
N ARG B 273 4.27 16.41 16.65
CA ARG B 273 4.10 15.35 15.65
C ARG B 273 4.24 13.96 16.32
N VAL B 274 5.31 13.79 17.09
CA VAL B 274 5.50 12.55 17.83
C VAL B 274 4.46 12.34 18.92
N GLY B 275 4.14 13.41 19.67
CA GLY B 275 3.08 13.35 20.72
C GLY B 275 1.71 12.95 20.17
N ALA B 276 1.30 13.61 19.09
CA ALA B 276 0.04 13.26 18.44
C ALA B 276 0.03 11.82 17.92
N ALA B 277 1.15 11.36 17.36
CA ALA B 277 1.24 9.98 16.85
C ALA B 277 1.04 8.98 17.98
N ARG B 278 1.76 9.20 19.08
CA ARG B 278 1.64 8.37 20.28
C ARG B 278 0.23 8.35 20.87
N ASP B 279 -0.41 9.53 20.99
CA ASP B 279 -1.81 9.60 21.46
C ASP B 279 -2.77 8.82 20.56
N MET B 280 -2.60 8.93 19.25
CA MET B 280 -3.46 8.18 18.32
C MET B 280 -3.24 6.68 18.51
N ALA B 281 -1.98 6.27 18.60
CA ALA B 281 -1.64 4.87 18.82
C ALA B 281 -2.29 4.32 20.10
N ARG B 282 -2.12 5.02 21.22
CA ARG B 282 -2.72 4.61 22.51
C ARG B 282 -4.23 4.58 22.53
N ALA B 283 -4.86 5.50 21.79
CA ALA B 283 -6.31 5.52 21.61
C ALA B 283 -6.81 4.38 20.73
N GLY B 284 -5.93 3.62 20.09
CA GLY B 284 -6.37 2.60 19.15
C GLY B 284 -6.91 3.14 17.82
N VAL B 285 -6.52 4.36 17.44
CA VAL B 285 -6.82 4.87 16.11
C VAL B 285 -6.25 3.90 15.07
N SER B 286 -7.07 3.57 14.05
CA SER B 286 -6.66 2.68 12.96
C SER B 286 -5.43 3.20 12.22
N ILE B 287 -4.63 2.29 11.71
CA ILE B 287 -3.44 2.67 10.96
C ILE B 287 -3.71 3.60 9.76
N PRO B 288 -4.75 3.32 8.93
CA PRO B 288 -5.11 4.26 7.86
C PRO B 288 -5.43 5.66 8.36
N GLU B 289 -6.15 5.77 9.46
CA GLU B 289 -6.40 7.09 10.05
C GLU B 289 -5.14 7.78 10.60
N ILE B 290 -4.22 7.01 11.18
CA ILE B 290 -2.96 7.56 11.68
C ILE B 290 -2.16 8.15 10.52
N MET B 291 -2.08 7.38 9.45
CA MET B 291 -1.37 7.78 8.23
C MET B 291 -2.02 8.95 7.51
N GLN B 292 -3.35 8.98 7.45
CA GLN B 292 -4.10 10.14 6.97
C GLN B 292 -3.71 11.39 7.78
N ALA B 293 -3.60 11.22 9.09
CA ALA B 293 -3.35 12.33 10.00
C ALA B 293 -1.97 12.95 9.82
N GLY B 294 -0.95 12.10 9.65
CA GLY B 294 0.41 12.57 9.51
C GLY B 294 0.80 12.76 8.06
N GLY B 295 -0.11 12.41 7.16
CA GLY B 295 0.11 12.48 5.71
C GLY B 295 1.11 11.46 5.19
N TRP B 296 1.16 10.29 5.83
CA TRP B 296 2.08 9.22 5.41
C TRP B 296 1.36 8.22 4.51
N THR B 297 2.11 7.64 3.57
CA THR B 297 1.58 6.70 2.58
C THR B 297 2.13 5.29 2.83
N ASN B 298 3.13 5.22 3.68
CA ASN B 298 3.72 3.94 4.03
C ASN B 298 3.66 3.71 5.53
N VAL B 299 3.33 2.48 5.93
CA VAL B 299 3.07 2.07 7.34
C VAL B 299 4.29 1.92 8.29
N ASN B 300 5.50 1.82 7.73
CA ASN B 300 6.71 1.62 8.56
C ASN B 300 7.07 2.87 9.38
N ILE B 301 6.57 4.02 8.93
CA ILE B 301 6.88 5.28 9.58
C ILE B 301 6.14 5.41 10.90
N VAL B 302 4.97 4.81 11.00
CA VAL B 302 4.23 4.78 12.26
C VAL B 302 5.08 4.16 13.37
N MET B 303 5.83 3.10 13.05
CA MET B 303 6.73 2.46 14.01
C MET B 303 7.88 3.36 14.45
N ASN B 304 8.42 4.16 13.53
CA ASN B 304 9.44 5.16 13.87
C ASN B 304 8.88 6.08 14.96
N TYR B 305 7.64 6.50 14.80
CA TYR B 305 7.06 7.50 15.68
C TYR B 305 6.76 6.99 17.09
N ILE B 306 6.32 5.73 17.19
CA ILE B 306 5.81 5.23 18.48
C ILE B 306 6.87 4.36 19.16
N ARG B 307 8.08 4.37 18.61
CA ARG B 307 9.16 3.49 19.08
C ARG B 307 9.52 3.70 20.56
N ASN B 308 9.21 4.87 21.12
CA ASN B 308 9.59 5.15 22.51
C ASN B 308 8.41 5.26 23.46
N LEU B 309 7.29 4.61 23.12
CA LEU B 309 6.14 4.50 24.03
C LEU B 309 6.63 4.04 25.39
N ASP B 310 6.09 4.66 26.45
CA ASP B 310 6.55 4.36 27.80
C ASP B 310 6.40 2.87 28.14
N SER B 311 7.49 2.24 28.51
CA SER B 311 7.46 0.82 28.82
C SER B 311 6.78 0.51 30.17
N GLU B 312 7.08 1.29 31.19
CA GLU B 312 6.50 1.06 32.53
C GLU B 312 4.97 1.08 32.57
N THR B 313 4.36 1.92 31.74
CA THR B 313 2.91 2.05 31.62
C THR B 313 2.41 1.29 30.38
N GLY B 314 3.28 0.49 29.78
CA GLY B 314 2.94 -0.23 28.57
C GLY B 314 2.22 -1.54 28.79
N ALA B 315 1.92 -2.23 27.68
CA ALA B 315 1.08 -3.43 27.64
C ALA B 315 1.54 -4.59 28.51
N MET B 316 2.83 -4.95 28.44
CA MET B 316 3.31 -6.13 29.17
C MET B 316 3.29 -5.96 30.68
N VAL B 317 3.74 -4.80 31.17
CA VAL B 317 3.68 -4.52 32.61
C VAL B 317 2.23 -4.59 33.10
N ARG B 318 1.33 -3.95 32.36
CA ARG B 318 -0.10 -3.94 32.68
C ARG B 318 -0.71 -5.35 32.64
N LEU B 319 -0.35 -6.13 31.64
CA LEU B 319 -0.77 -7.54 31.56
C LEU B 319 -0.31 -8.34 32.76
N LEU B 320 0.97 -8.22 33.10
CA LEU B 320 1.54 -8.96 34.22
C LEU B 320 0.99 -8.52 35.59
N GLU B 321 0.69 -7.25 35.75
CA GLU B 321 0.20 -6.78 37.05
C GLU B 321 -1.31 -6.99 37.26
N ASP B 322 -2.00 -7.45 36.22
CA ASP B 322 -3.13 -8.39 36.32
C ASP B 322 -3.94 -8.46 37.64
N1 1AP C 15 15.87 11.39 5.08
C2 1AP C 15 14.61 11.80 5.08
C4 1AP C 15 14.41 11.24 7.34
C5 1AP C 15 15.73 10.80 7.36
C6 1AP C 15 16.46 10.86 6.18
C8 1AP C 15 14.89 10.51 9.33
N2 1AP C 15 14.07 12.29 3.97
N3 1AP C 15 13.86 11.74 6.22
N9 1AP C 15 13.92 11.05 8.56
N7 1AP C 15 15.99 10.33 8.60
N6 1AP C 15 17.72 10.45 6.15
P 1AP C 15 13.29 10.92 14.14
OP1 1AP C 15 12.09 11.10 15.14
OP2 1AP C 15 13.74 9.52 14.06
O5' 1AP C 15 12.81 11.30 12.64
C5' 1AP C 15 12.11 12.51 12.34
C4' 1AP C 15 11.69 12.43 10.89
O4' 1AP C 15 12.88 12.35 10.07
C1' 1AP C 15 12.57 11.43 8.98
C2' 1AP C 15 11.79 10.30 9.68
C3' 1AP C 15 10.96 11.09 10.68
O3' 1AP C 15 9.69 11.37 10.08
N SER E 1 14.55 7.14 -39.85
CA SER E 1 13.74 8.18 -40.56
C SER E 1 12.68 7.54 -41.43
N ASP E 2 13.07 6.49 -42.16
CA ASP E 2 12.10 5.64 -42.85
C ASP E 2 11.35 4.86 -41.79
N GLU E 3 12.07 4.47 -40.73
CA GLU E 3 11.47 3.91 -39.53
C GLU E 3 10.46 4.85 -38.85
N VAL E 4 10.80 6.13 -38.70
CA VAL E 4 9.85 7.04 -38.06
C VAL E 4 8.63 7.25 -38.96
N ARG E 5 8.88 7.39 -40.27
CA ARG E 5 7.84 7.52 -41.31
C ARG E 5 6.86 6.35 -41.28
N LYS E 6 7.39 5.14 -41.17
CA LYS E 6 6.60 3.93 -41.05
C LYS E 6 5.77 3.93 -39.75
N ASN E 7 6.43 4.22 -38.63
CA ASN E 7 5.76 4.30 -37.34
C ASN E 7 4.57 5.26 -37.32
N LEU E 8 4.72 6.42 -37.95
CA LEU E 8 3.64 7.39 -38.04
C LEU E 8 2.53 6.95 -38.99
N MET E 9 2.90 6.25 -40.07
CA MET E 9 1.89 5.66 -40.94
C MET E 9 1.04 4.59 -40.20
N ASP E 10 1.67 3.81 -39.32
CA ASP E 10 0.96 2.87 -38.46
C ASP E 10 -0.06 3.59 -37.56
N MET E 11 0.33 4.74 -37.05
CA MET E 11 -0.52 5.57 -36.17
C MET E 11 -1.72 6.10 -36.87
N PHE E 12 -1.54 6.55 -38.10
CA PHE E 12 -2.68 6.95 -38.90
C PHE E 12 -3.59 5.77 -39.24
N ARG E 13 -3.01 4.68 -39.75
CA ARG E 13 -3.81 3.53 -40.12
C ARG E 13 -4.70 3.10 -38.95
N ASP E 14 -4.16 3.02 -37.75
CA ASP E 14 -4.93 2.60 -36.59
C ASP E 14 -5.25 3.76 -35.63
N ARG E 15 -5.67 4.89 -36.21
CA ARG E 15 -5.93 6.09 -35.41
C ARG E 15 -7.05 5.91 -34.37
N GLN E 16 -7.98 5.00 -34.66
CA GLN E 16 -9.05 4.67 -33.72
C GLN E 16 -8.53 3.96 -32.47
N ALA E 17 -7.21 3.73 -32.38
CA ALA E 17 -6.58 3.31 -31.15
C ALA E 17 -6.71 4.36 -30.06
N PHE E 18 -6.90 5.64 -30.43
CA PHE E 18 -6.99 6.72 -29.46
C PHE E 18 -8.30 7.46 -29.61
N SER E 19 -8.75 8.05 -28.51
CA SER E 19 -9.91 8.91 -28.52
C SER E 19 -9.69 10.09 -29.49
N GLU E 20 -10.76 10.58 -30.10
CA GLU E 20 -10.70 11.83 -30.89
C GLU E 20 -10.26 13.02 -30.02
N HIS E 21 -10.66 13.02 -28.76
CA HIS E 21 -10.17 14.01 -27.77
C HIS E 21 -8.65 13.98 -27.55
N THR E 22 -8.08 12.79 -27.58
CA THR E 22 -6.62 12.63 -27.51
C THR E 22 -5.95 13.23 -28.74
N TRP E 23 -6.50 12.93 -29.92
CA TRP E 23 -5.95 13.47 -31.17
C TRP E 23 -6.02 14.99 -31.22
N LYS E 24 -7.17 15.55 -30.85
CA LYS E 24 -7.34 17.00 -30.75
C LYS E 24 -6.28 17.66 -29.87
N MET E 25 -6.00 17.07 -28.72
CA MET E 25 -4.98 17.61 -27.81
C MET E 25 -3.58 17.48 -28.37
N LEU E 26 -3.28 16.32 -28.96
CA LEU E 26 -2.00 16.12 -29.62
C LEU E 26 -1.75 17.21 -30.67
N LEU E 27 -2.76 17.45 -31.50
CA LEU E 27 -2.64 18.40 -32.59
C LEU E 27 -2.46 19.81 -32.06
N SER E 28 -3.22 20.14 -31.02
CA SER E 28 -3.16 21.44 -30.37
C SER E 28 -1.77 21.68 -29.76
N VAL E 29 -1.23 20.68 -29.07
CA VAL E 29 0.11 20.75 -28.49
C VAL E 29 1.22 20.85 -29.55
N CYS E 30 1.14 20.05 -30.62
CA CYS E 30 2.10 20.12 -31.73
C CYS E 30 2.11 21.47 -32.43
N ARG E 31 0.94 22.08 -32.60
CA ARG E 31 0.85 23.45 -33.15
C ARG E 31 1.54 24.47 -32.25
N SER E 32 1.24 24.41 -30.96
CA SER E 32 1.89 25.25 -29.98
C SER E 32 3.42 25.06 -29.97
N TRP E 33 3.85 23.81 -29.93
CA TRP E 33 5.28 23.51 -29.84
C TRP E 33 6.03 23.89 -31.12
N ALA E 34 5.47 23.53 -32.28
CA ALA E 34 6.03 23.92 -33.59
C ALA E 34 6.08 25.44 -33.81
N ALA E 35 5.01 26.14 -33.45
CA ALA E 35 5.01 27.59 -33.53
C ALA E 35 6.10 28.19 -32.65
N TRP E 36 6.23 27.71 -31.41
CA TRP E 36 7.32 28.18 -30.54
C TRP E 36 8.71 27.86 -31.13
N CYS E 37 8.86 26.68 -31.73
CA CYS E 37 10.14 26.26 -32.31
C CYS E 37 10.52 27.13 -33.52
N LYS E 38 9.56 27.38 -34.40
CA LYS E 38 9.79 28.25 -35.59
C LYS E 38 10.20 29.65 -35.13
N LEU E 39 9.49 30.19 -34.14
CA LEU E 39 9.85 31.47 -33.56
C LEU E 39 11.24 31.51 -32.95
N ASN E 40 11.68 30.43 -32.30
CA ASN E 40 12.98 30.42 -31.64
C ASN E 40 14.11 29.72 -32.42
N ASN E 41 13.89 29.42 -33.70
CA ASN E 41 14.90 28.75 -34.55
C ASN E 41 15.35 27.41 -33.92
N ARG E 42 14.39 26.58 -33.51
CA ARG E 42 14.70 25.26 -32.97
C ARG E 42 14.04 24.22 -33.87
N LYS E 43 14.58 23.01 -33.91
CA LYS E 43 13.90 21.96 -34.68
C LYS E 43 12.84 21.31 -33.82
N TRP E 44 11.65 21.15 -34.39
CA TRP E 44 10.50 20.68 -33.62
C TRP E 44 10.37 19.15 -33.57
N PHE E 45 11.10 18.44 -34.44
CA PHE E 45 11.01 16.99 -34.49
C PHE E 45 12.25 16.34 -35.10
N PRO E 46 12.95 15.47 -34.34
CA PRO E 46 12.77 15.09 -32.93
C PRO E 46 12.99 16.29 -32.02
N ALA E 47 12.30 16.32 -30.88
CA ALA E 47 12.43 17.40 -29.93
C ALA E 47 13.68 17.20 -29.12
N GLU E 48 14.55 18.20 -29.03
CA GLU E 48 15.74 18.10 -28.19
C GLU E 48 15.47 18.61 -26.77
N PRO E 49 15.99 17.88 -25.75
CA PRO E 49 15.82 18.13 -24.31
C PRO E 49 15.90 19.59 -23.90
N GLU E 50 16.95 20.27 -24.40
CA GLU E 50 17.24 21.66 -24.10
C GLU E 50 16.14 22.59 -24.62
N ASP E 51 15.65 22.29 -25.83
CA ASP E 51 14.57 23.03 -26.44
C ASP E 51 13.24 22.77 -25.75
N VAL E 52 12.95 21.50 -25.43
CA VAL E 52 11.73 21.15 -24.70
C VAL E 52 11.71 21.87 -23.34
N ARG E 53 12.86 21.89 -22.67
CA ARG E 53 12.99 22.60 -21.39
C ARG E 53 12.66 24.11 -21.48
N ASP E 54 13.22 24.79 -22.48
CA ASP E 54 12.92 26.21 -22.69
C ASP E 54 11.43 26.43 -22.95
N TYR E 55 10.86 25.57 -23.77
CA TYR E 55 9.43 25.62 -24.05
C TYR E 55 8.58 25.45 -22.80
N LEU E 56 8.91 24.50 -21.92
CA LEU E 56 8.16 24.31 -20.68
C LEU E 56 8.24 25.55 -19.78
N LEU E 57 9.42 26.17 -19.72
CA LEU E 57 9.60 27.43 -18.99
C LEU E 57 8.72 28.54 -19.57
N TYR E 58 8.57 28.53 -20.88
CA TYR E 58 7.66 29.44 -21.57
C TYR E 58 6.21 29.25 -21.17
N LEU E 59 5.77 28.00 -21.19
CA LEU E 59 4.42 27.65 -20.73
C LEU E 59 4.19 28.10 -19.28
N GLN E 60 5.18 27.89 -18.41
CA GLN E 60 5.08 28.36 -17.04
C GLN E 60 4.90 29.88 -16.95
N ALA E 61 5.72 30.62 -17.72
CA ALA E 61 5.73 32.09 -17.73
C ALA E 61 4.45 32.64 -18.30
N ARG E 62 3.84 31.89 -19.20
CA ARG E 62 2.55 32.25 -19.74
C ARG E 62 1.45 32.23 -18.69
N GLY E 63 1.66 31.47 -17.61
CA GLY E 63 0.68 31.34 -16.55
C GLY E 63 -0.13 30.07 -16.67
N LEU E 64 0.32 29.12 -17.49
CA LEU E 64 -0.44 27.85 -17.59
C LEU E 64 -0.31 27.01 -16.31
N ALA E 65 -1.36 26.25 -15.99
CA ALA E 65 -1.35 25.35 -14.86
C ALA E 65 -0.33 24.24 -15.03
N VAL E 66 0.14 23.71 -13.91
CA VAL E 66 1.04 22.57 -13.87
C VAL E 66 0.48 21.40 -14.66
N LYS E 67 -0.78 21.07 -14.45
CA LYS E 67 -1.45 20.04 -15.26
C LYS E 67 -1.47 20.33 -16.75
N THR E 68 -1.56 21.61 -17.12
CA THR E 68 -1.48 22.00 -18.53
C THR E 68 -0.09 21.71 -19.10
N ILE E 69 0.93 22.07 -18.34
CA ILE E 69 2.31 21.87 -18.71
C ILE E 69 2.59 20.37 -18.87
N GLN E 70 2.10 19.57 -17.91
CA GLN E 70 2.20 18.09 -17.99
C GLN E 70 1.57 17.51 -19.25
N GLN E 71 0.41 18.04 -19.64
CA GLN E 71 -0.27 17.65 -20.86
C GLN E 71 0.57 17.91 -22.13
N HIS E 72 1.16 19.09 -22.20
CA HIS E 72 2.03 19.43 -23.32
C HIS E 72 3.19 18.46 -23.38
N LEU E 73 3.84 18.24 -22.24
CA LEU E 73 4.94 17.29 -22.14
C LEU E 73 4.50 15.85 -22.49
N GLY E 74 3.38 15.40 -21.91
CA GLY E 74 2.76 14.12 -22.24
C GLY E 74 2.50 13.90 -23.72
N GLN E 75 2.02 14.93 -24.42
CA GLN E 75 1.75 14.78 -25.84
C GLN E 75 3.04 14.65 -26.65
N LEU E 76 4.03 15.46 -26.32
CA LEU E 76 5.37 15.34 -26.89
C LEU E 76 5.95 13.93 -26.65
N ASN E 77 5.86 13.45 -25.40
CA ASN E 77 6.30 12.08 -25.06
C ASN E 77 5.63 11.03 -25.96
N MET E 78 4.32 11.15 -26.12
CA MET E 78 3.58 10.19 -26.89
C MET E 78 3.99 10.18 -28.37
N LEU E 79 4.03 11.35 -28.98
CA LEU E 79 4.48 11.46 -30.35
C LEU E 79 5.83 10.78 -30.56
N HIS E 80 6.76 11.03 -29.65
CA HIS E 80 8.10 10.45 -29.74
C HIS E 80 8.15 8.95 -29.50
N ARG E 81 7.48 8.47 -28.43
CA ARG E 81 7.45 7.03 -28.14
C ARG E 81 6.88 6.22 -29.31
N ARG E 82 5.75 6.69 -29.84
CA ARG E 82 5.11 6.09 -31.01
C ARG E 82 5.86 6.26 -32.34
N SER E 83 6.80 7.19 -32.38
CA SER E 83 7.67 7.35 -33.55
C SER E 83 8.90 6.47 -33.40
N GLY E 84 9.09 5.91 -32.21
CA GLY E 84 10.26 5.11 -31.90
C GLY E 84 11.46 5.97 -31.57
N LEU E 85 11.21 7.20 -31.10
CA LEU E 85 12.28 8.12 -30.70
C LEU E 85 12.38 8.24 -29.18
N PRO E 86 13.52 8.75 -28.67
CA PRO E 86 13.65 8.99 -27.22
C PRO E 86 12.63 10.03 -26.77
N ARG E 87 12.03 9.82 -25.60
CA ARG E 87 11.05 10.77 -25.04
C ARG E 87 11.75 11.97 -24.41
N PRO E 88 11.18 13.18 -24.58
CA PRO E 88 11.61 14.38 -23.84
C PRO E 88 11.67 14.18 -22.32
N SER E 89 10.65 13.56 -21.72
CA SER E 89 10.68 13.23 -20.27
C SER E 89 11.89 12.43 -19.76
N ASP E 90 12.50 11.65 -20.64
CA ASP E 90 13.60 10.78 -20.23
C ASP E 90 14.95 11.54 -20.19
N SER E 91 14.90 12.87 -20.23
CA SER E 91 16.13 13.64 -20.23
C SER E 91 16.30 14.31 -18.89
N ASN E 92 17.55 14.45 -18.50
CA ASN E 92 17.93 15.20 -17.32
C ASN E 92 17.36 16.62 -17.31
N ALA E 93 17.50 17.33 -18.41
CA ALA E 93 17.06 18.73 -18.45
C ALA E 93 15.57 18.86 -18.18
N VAL E 94 14.78 17.99 -18.78
CA VAL E 94 13.33 18.08 -18.65
C VAL E 94 12.83 17.58 -17.28
N SER E 95 13.43 16.50 -16.75
CA SER E 95 13.02 16.00 -15.42
C SER E 95 13.26 17.09 -14.40
N LEU E 96 14.44 17.70 -14.48
CA LEU E 96 14.80 18.79 -13.57
C LEU E 96 13.87 20.00 -13.64
N VAL E 97 13.56 20.52 -14.83
CA VAL E 97 12.70 21.72 -14.86
C VAL E 97 11.31 21.44 -14.38
N MET E 98 10.77 20.27 -14.70
CA MET E 98 9.40 19.90 -14.30
C MET E 98 9.31 19.86 -12.79
N ARG E 99 10.34 19.32 -12.15
CA ARG E 99 10.48 19.34 -10.69
C ARG E 99 10.49 20.76 -10.16
N ARG E 100 11.29 21.60 -10.82
CA ARG E 100 11.38 23.00 -10.45
C ARG E 100 10.04 23.70 -10.65
N ILE E 101 9.44 23.53 -11.83
CA ILE E 101 8.18 24.23 -12.13
C ILE E 101 7.02 23.86 -11.17
N ARG E 102 6.88 22.57 -10.88
CA ARG E 102 5.87 22.09 -9.94
C ARG E 102 6.02 22.76 -8.56
N LYS E 103 7.23 22.72 -8.00
CA LYS E 103 7.52 23.31 -6.71
C LYS E 103 7.27 24.84 -6.67
N GLU E 104 7.74 25.55 -7.71
CA GLU E 104 7.55 26.99 -7.80
C GLU E 104 6.07 27.42 -7.87
N ASN E 105 5.31 26.76 -8.73
CA ASN E 105 3.88 27.04 -8.87
C ASN E 105 3.04 26.71 -7.64
N VAL E 106 3.31 25.56 -7.01
CA VAL E 106 2.74 25.19 -5.72
C VAL E 106 3.04 26.28 -4.66
N ASP E 107 4.30 26.68 -4.53
CA ASP E 107 4.66 27.74 -3.57
C ASP E 107 4.14 29.13 -3.93
N ALA E 108 3.93 29.39 -5.22
CA ALA E 108 3.27 30.63 -5.65
C ALA E 108 1.77 30.61 -5.37
N GLY E 109 1.23 29.47 -4.94
CA GLY E 109 -0.17 29.42 -4.53
C GLY E 109 -1.13 28.89 -5.58
N GLU E 110 -0.58 28.32 -6.67
CA GLU E 110 -1.41 27.63 -7.68
C GLU E 110 -2.21 26.47 -7.04
N ARG E 111 -3.51 26.45 -7.31
CA ARG E 111 -4.39 25.43 -6.80
C ARG E 111 -5.11 24.73 -7.94
N ALA E 112 -5.18 23.40 -7.91
CA ALA E 112 -6.12 22.68 -8.77
C ALA E 112 -7.56 22.95 -8.35
N LYS E 113 -8.43 23.11 -9.34
CA LYS E 113 -9.81 23.51 -9.12
C LYS E 113 -10.68 22.28 -9.32
N GLN E 114 -11.94 22.38 -8.93
CA GLN E 114 -12.92 21.35 -9.22
C GLN E 114 -14.30 21.99 -9.29
N ALA E 115 -15.23 21.31 -9.95
CA ALA E 115 -16.57 21.85 -10.18
C ALA E 115 -17.22 22.31 -8.89
N LEU E 116 -17.91 23.44 -8.96
CA LEU E 116 -18.81 23.87 -7.88
C LEU E 116 -19.84 22.77 -7.64
N ALA E 117 -20.02 22.36 -6.39
CA ALA E 117 -20.94 21.28 -6.05
C ALA E 117 -22.40 21.70 -6.33
N PHE E 118 -23.12 20.81 -7.02
CA PHE E 118 -24.57 20.91 -7.16
C PHE E 118 -25.11 19.80 -6.25
N GLU E 119 -25.65 20.20 -5.10
CA GLU E 119 -25.98 19.26 -4.04
C GLU E 119 -27.50 19.10 -3.90
N ARG E 120 -27.92 18.27 -2.95
CA ARG E 120 -29.35 18.04 -2.66
C ARG E 120 -30.07 19.35 -2.33
N THR E 121 -29.45 20.19 -1.49
CA THR E 121 -30.03 21.49 -1.16
C THR E 121 -30.29 22.34 -2.40
N ASP E 122 -29.37 22.30 -3.38
CA ASP E 122 -29.52 23.02 -4.65
C ASP E 122 -30.58 22.43 -5.55
N PHE E 123 -30.59 21.10 -5.61
CA PHE E 123 -31.59 20.35 -6.37
C PHE E 123 -33.03 20.56 -5.86
N ASP E 124 -33.22 20.51 -4.55
CA ASP E 124 -34.52 20.81 -3.91
C ASP E 124 -34.96 22.23 -4.23
N GLN E 125 -34.05 23.18 -4.06
CA GLN E 125 -34.29 24.57 -4.42
C GLN E 125 -34.72 24.78 -5.88
N VAL E 126 -33.96 24.21 -6.83
CA VAL E 126 -34.30 24.27 -8.26
C VAL E 126 -35.66 23.59 -8.54
N ARG E 127 -35.87 22.45 -7.89
CA ARG E 127 -37.11 21.69 -7.94
C ARG E 127 -38.27 22.58 -7.50
N SER E 128 -38.12 23.25 -6.36
CA SER E 128 -39.21 24.05 -5.80
C SER E 128 -39.53 25.33 -6.59
N LEU E 129 -38.58 25.78 -7.42
CA LEU E 129 -38.74 26.96 -8.26
C LEU E 129 -39.30 26.62 -9.63
N MET E 130 -39.01 25.41 -10.12
CA MET E 130 -39.22 25.09 -11.53
C MET E 130 -40.13 23.88 -11.79
N GLU E 131 -40.51 23.19 -10.70
CA GLU E 131 -41.42 22.03 -10.69
C GLU E 131 -42.70 22.27 -11.50
N ASN E 132 -43.27 23.46 -11.35
CA ASN E 132 -44.58 23.82 -11.91
C ASN E 132 -44.49 24.68 -13.15
N SER E 133 -43.28 24.93 -13.61
CA SER E 133 -43.13 25.42 -14.94
C SER E 133 -43.57 24.27 -15.81
N ASP E 134 -44.33 24.57 -16.85
CA ASP E 134 -44.66 23.52 -17.76
C ASP E 134 -44.10 23.85 -19.14
N ARG E 135 -43.27 24.91 -19.20
CA ARG E 135 -42.35 25.13 -20.32
C ARG E 135 -41.51 23.88 -20.58
N CYS E 136 -41.43 23.50 -21.84
CA CYS E 136 -40.71 22.32 -22.28
C CYS E 136 -39.24 22.34 -21.83
N GLN E 137 -38.59 23.48 -22.08
CA GLN E 137 -37.20 23.75 -21.74
C GLN E 137 -36.91 23.46 -20.27
N ASP E 138 -37.72 24.04 -19.38
CA ASP E 138 -37.63 23.83 -17.95
C ASP E 138 -37.88 22.39 -17.54
N ILE E 139 -38.78 21.71 -18.26
CA ILE E 139 -39.13 20.34 -17.92
C ILE E 139 -37.96 19.43 -18.27
N ARG E 140 -37.38 19.62 -19.46
CA ARG E 140 -36.21 18.90 -19.90
C ARG E 140 -35.06 19.10 -18.93
N ASN E 141 -34.82 20.37 -18.59
CA ASN E 141 -33.65 20.75 -17.81
C ASN E 141 -33.67 20.19 -16.42
N LEU E 142 -34.87 20.09 -15.85
CA LEU E 142 -35.05 19.55 -14.51
C LEU E 142 -34.81 18.03 -14.47
N ALA E 143 -35.36 17.34 -15.48
CA ALA E 143 -35.12 15.91 -15.70
C ALA E 143 -33.61 15.63 -15.83
N PHE E 144 -32.93 16.47 -16.60
CA PHE E 144 -31.49 16.37 -16.79
C PHE E 144 -30.73 16.53 -15.47
N LEU E 145 -31.06 17.56 -14.69
CA LEU E 145 -30.44 17.77 -13.41
C LEU E 145 -30.70 16.61 -12.45
N GLY E 146 -31.93 16.08 -12.48
CA GLY E 146 -32.31 14.90 -11.70
C GLY E 146 -31.45 13.69 -12.06
N ILE E 147 -31.32 13.39 -13.34
CA ILE E 147 -30.47 12.27 -13.79
C ILE E 147 -28.99 12.50 -13.40
N ALA E 148 -28.47 13.69 -13.69
CA ALA E 148 -27.09 14.01 -13.35
C ALA E 148 -26.80 13.74 -11.88
N TYR E 149 -27.64 14.27 -10.99
CA TYR E 149 -27.46 14.13 -9.56
C TYR E 149 -27.72 12.68 -9.11
N ASN E 150 -28.81 12.10 -9.61
CA ASN E 150 -29.19 10.74 -9.23
C ASN E 150 -28.13 9.71 -9.65
N THR E 151 -27.62 9.82 -10.88
CA THR E 151 -26.86 8.71 -11.44
C THR E 151 -25.36 8.94 -11.37
N LEU E 152 -24.95 10.19 -11.18
CA LEU E 152 -23.55 10.61 -11.26
C LEU E 152 -22.91 10.27 -12.62
N LEU E 153 -23.72 10.15 -13.66
CA LEU E 153 -23.18 9.98 -15.00
C LEU E 153 -22.53 11.28 -15.48
N ARG E 154 -21.45 11.13 -16.26
CA ARG E 154 -20.76 12.28 -16.86
C ARG E 154 -21.62 12.83 -18.01
N ILE E 155 -21.42 14.09 -18.36
CA ILE E 155 -22.27 14.68 -19.39
C ILE E 155 -22.28 13.88 -20.71
N ALA E 156 -21.14 13.35 -21.12
CA ALA E 156 -21.08 12.61 -22.39
C ALA E 156 -21.91 11.32 -22.31
N GLU E 157 -21.95 10.72 -21.13
CA GLU E 157 -22.71 9.50 -20.91
C GLU E 157 -24.22 9.78 -20.91
N ILE E 158 -24.60 10.90 -20.32
CA ILE E 158 -26.01 11.33 -20.31
C ILE E 158 -26.52 11.67 -21.70
N ALA E 159 -25.68 12.30 -22.50
CA ALA E 159 -26.05 12.70 -23.86
C ALA E 159 -26.31 11.51 -24.80
N ARG E 160 -25.69 10.37 -24.49
CA ARG E 160 -25.78 9.10 -25.22
C ARG E 160 -26.95 8.23 -24.79
N ILE E 161 -27.62 8.56 -23.69
CA ILE E 161 -28.74 7.73 -23.27
C ILE E 161 -29.83 7.75 -24.34
N ARG E 162 -30.25 6.56 -24.79
CA ARG E 162 -31.41 6.41 -25.69
C ARG E 162 -32.63 5.94 -24.92
N VAL E 163 -33.82 6.27 -25.45
CA VAL E 163 -35.11 5.85 -24.85
C VAL E 163 -35.13 4.35 -24.52
N LYS E 164 -34.64 3.54 -25.45
CA LYS E 164 -34.63 2.10 -25.26
C LYS E 164 -33.72 1.62 -24.13
N ASP E 165 -32.85 2.49 -23.61
CA ASP E 165 -32.00 2.11 -22.46
C ASP E 165 -32.81 2.09 -21.17
N ILE E 166 -34.01 2.68 -21.20
CA ILE E 166 -34.80 2.81 -20.00
C ILE E 166 -35.83 1.70 -19.90
N SER E 167 -35.89 1.06 -18.74
CA SER E 167 -36.95 0.10 -18.41
C SER E 167 -37.57 0.48 -17.06
N ARG E 168 -38.57 -0.30 -16.64
CA ARG E 168 -39.28 -0.08 -15.39
C ARG E 168 -38.97 -1.18 -14.42
N THR E 169 -38.70 -0.80 -13.17
CA THR E 169 -38.54 -1.81 -12.16
C THR E 169 -39.89 -2.22 -11.59
N ASP E 170 -39.97 -3.50 -11.24
CA ASP E 170 -40.90 -4.07 -10.27
C ASP E 170 -41.39 -3.05 -9.18
N GLY E 171 -40.51 -2.16 -8.73
CA GLY E 171 -40.86 -1.17 -7.70
C GLY E 171 -41.38 0.19 -8.16
N GLY E 172 -41.54 0.37 -9.48
CA GLY E 172 -42.00 1.67 -10.02
C GLY E 172 -40.92 2.63 -10.54
N ARG E 173 -39.65 2.29 -10.35
CA ARG E 173 -38.55 3.19 -10.74
C ARG E 173 -38.07 2.93 -12.14
N MET E 174 -37.59 3.97 -12.80
CA MET E 174 -36.88 3.77 -14.05
C MET E 174 -35.48 3.27 -13.79
N LEU E 175 -35.03 2.38 -14.66
CA LEU E 175 -33.72 1.83 -14.62
C LEU E 175 -33.08 2.18 -15.96
N ILE E 176 -31.92 2.84 -15.94
CA ILE E 176 -31.20 3.20 -17.16
C ILE E 176 -30.02 2.25 -17.38
N HIS E 177 -30.13 1.43 -18.41
CA HIS E 177 -29.05 0.58 -18.82
C HIS E 177 -27.99 1.46 -19.49
N ILE E 178 -26.72 1.19 -19.17
CA ILE E 178 -25.60 1.91 -19.74
C ILE E 178 -25.22 1.26 -21.06
N GLY E 179 -25.55 1.92 -22.17
CA GLY E 179 -25.39 1.32 -23.51
C GLY E 179 -23.92 1.18 -23.86
N ARG E 180 -23.14 2.21 -23.59
CA ARG E 180 -21.72 2.18 -23.79
C ARG E 180 -21.04 2.53 -22.47
N THR E 181 -20.26 1.59 -21.94
CA THR E 181 -19.56 1.83 -20.69
C THR E 181 -18.34 2.71 -20.90
N LYS E 182 -17.82 3.25 -19.79
CA LYS E 182 -16.66 4.13 -19.82
C LYS E 182 -15.41 3.34 -20.20
N THR E 183 -15.38 2.07 -19.78
CA THR E 183 -14.22 1.19 -19.90
C THR E 183 -14.78 -0.24 -20.03
N LEU E 184 -13.93 -1.20 -20.40
CA LEU E 184 -14.30 -2.61 -20.50
C LEU E 184 -14.87 -3.17 -19.19
N VAL E 185 -14.18 -2.92 -18.08
CA VAL E 185 -14.63 -3.36 -16.77
C VAL E 185 -15.30 -2.15 -16.15
N SER E 186 -16.62 -2.11 -16.20
CA SER E 186 -17.34 -0.88 -15.82
C SER E 186 -17.53 -0.79 -14.31
N THR E 187 -16.67 0.00 -13.69
CA THR E 187 -16.69 0.20 -12.24
C THR E 187 -18.01 0.79 -11.73
N ALA E 188 -18.67 1.58 -12.58
CA ALA E 188 -19.94 2.15 -12.16
C ALA E 188 -21.08 1.17 -12.41
N GLY E 189 -20.77 -0.01 -12.96
CA GLY E 189 -21.82 -1.00 -13.25
C GLY E 189 -22.38 -0.85 -14.67
N VAL E 190 -23.53 -1.48 -14.91
CA VAL E 190 -24.11 -1.55 -16.26
C VAL E 190 -25.49 -0.88 -16.30
N GLU E 191 -25.91 -0.31 -15.18
CA GLU E 191 -27.27 0.18 -14.98
C GLU E 191 -27.27 1.25 -13.93
N LYS E 192 -28.19 2.20 -14.06
CA LYS E 192 -28.41 3.22 -13.03
C LYS E 192 -29.90 3.33 -12.73
N ALA E 193 -30.26 3.19 -11.47
CA ALA E 193 -31.67 3.34 -11.10
C ALA E 193 -31.98 4.76 -10.64
N LEU E 194 -33.18 5.22 -10.99
CA LEU E 194 -33.64 6.56 -10.61
C LEU E 194 -34.55 6.41 -9.44
N SER E 195 -34.52 7.39 -8.52
CA SER E 195 -35.46 7.42 -7.41
C SER E 195 -36.88 7.64 -7.95
N LEU E 196 -37.87 7.42 -7.11
CA LEU E 196 -39.25 7.63 -7.55
C LEU E 196 -39.49 9.10 -7.94
N GLY E 197 -38.88 10.03 -7.23
CA GLY E 197 -38.95 11.46 -7.55
C GLY E 197 -38.34 11.84 -8.88
N VAL E 198 -37.16 11.30 -9.16
CA VAL E 198 -36.47 11.61 -10.40
C VAL E 198 -37.14 10.89 -11.56
N THR E 199 -37.59 9.66 -11.33
CA THR E 199 -38.46 8.94 -12.28
C THR E 199 -39.65 9.83 -12.74
N LYS E 200 -40.40 10.40 -11.81
CA LYS E 200 -41.50 11.32 -12.18
C LYS E 200 -41.02 12.47 -13.10
N LEU E 201 -39.89 13.10 -12.75
CA LEU E 201 -39.32 14.21 -13.54
C LEU E 201 -39.00 13.82 -14.97
N VAL E 202 -38.37 12.66 -15.15
CA VAL E 202 -37.99 12.13 -16.47
C VAL E 202 -39.25 11.69 -17.25
N GLU E 203 -40.18 11.02 -16.56
CA GLU E 203 -41.49 10.71 -17.16
C GLU E 203 -42.16 11.95 -17.74
N ARG E 204 -42.15 13.05 -16.98
CA ARG E 204 -42.67 14.33 -17.47
C ARG E 204 -41.97 14.79 -18.74
N TRP E 205 -40.64 14.76 -18.75
CA TRP E 205 -39.90 15.15 -19.95
C TRP E 205 -40.24 14.24 -21.14
N ILE E 206 -40.26 12.94 -20.93
CA ILE E 206 -40.60 12.02 -22.03
C ILE E 206 -41.99 12.30 -22.61
N SER E 207 -42.99 12.52 -21.77
CA SER E 207 -44.35 12.67 -22.31
C SER E 207 -44.51 14.03 -23.00
N VAL E 208 -43.77 15.03 -22.52
CA VAL E 208 -43.85 16.38 -23.07
C VAL E 208 -43.06 16.58 -24.37
N SER E 209 -42.01 15.79 -24.54
CA SER E 209 -41.05 15.97 -25.62
C SER E 209 -41.37 15.11 -26.83
N GLY E 210 -42.01 13.99 -26.57
CA GLY E 210 -42.30 13.00 -27.60
C GLY E 210 -41.16 12.09 -27.99
N VAL E 211 -40.12 12.00 -27.14
CA VAL E 211 -38.89 11.28 -27.53
C VAL E 211 -39.14 9.77 -27.63
N ALA E 212 -40.12 9.29 -26.86
CA ALA E 212 -40.40 7.86 -26.83
C ALA E 212 -41.16 7.35 -28.06
N ASP E 213 -41.51 8.23 -28.98
CA ASP E 213 -42.18 7.83 -30.23
C ASP E 213 -41.34 6.87 -31.06
N ASP E 214 -40.03 6.91 -30.83
CA ASP E 214 -39.05 6.00 -31.43
C ASP E 214 -38.08 5.65 -30.31
N PRO E 215 -38.04 4.36 -29.91
CA PRO E 215 -37.10 3.86 -28.88
C PRO E 215 -35.62 4.19 -29.11
N ASN E 216 -35.22 4.35 -30.38
CA ASN E 216 -33.87 4.74 -30.75
C ASN E 216 -33.50 6.20 -30.53
N ASN E 217 -34.50 7.04 -30.29
CA ASN E 217 -34.25 8.43 -29.95
C ASN E 217 -33.38 8.53 -28.71
N TYR E 218 -32.41 9.42 -28.73
CA TYR E 218 -31.73 9.85 -27.53
C TYR E 218 -32.78 10.44 -26.57
N LEU E 219 -32.59 10.20 -25.28
CA LEU E 219 -33.46 10.73 -24.26
C LEU E 219 -33.61 12.26 -24.31
N PHE E 220 -32.47 12.94 -24.40
CA PHE E 220 -32.41 14.42 -24.40
C PHE E 220 -32.16 14.99 -25.78
N CYS E 221 -32.83 16.09 -26.04
CA CYS E 221 -32.78 16.73 -27.35
C CYS E 221 -32.94 18.23 -27.24
N ARG E 222 -32.71 18.89 -28.36
CA ARG E 222 -32.92 20.31 -28.55
C ARG E 222 -34.36 20.72 -28.32
N VAL E 223 -34.55 21.86 -27.67
CA VAL E 223 -35.87 22.49 -27.56
C VAL E 223 -35.74 23.92 -28.11
N ARG E 224 -36.43 24.20 -29.21
CA ARG E 224 -36.27 25.50 -29.88
C ARG E 224 -37.06 26.62 -29.20
N LYS E 225 -36.88 27.86 -29.67
CA LYS E 225 -37.47 29.04 -29.01
C LYS E 225 -38.99 28.96 -28.80
N ASN E 226 -39.67 28.13 -29.60
CA ASN E 226 -41.13 27.97 -29.50
C ASN E 226 -41.60 26.83 -28.58
N GLY E 227 -40.72 26.41 -27.65
CA GLY E 227 -41.04 25.34 -26.70
C GLY E 227 -41.29 23.97 -27.33
N VAL E 228 -40.94 23.80 -28.61
CA VAL E 228 -41.06 22.51 -29.28
C VAL E 228 -39.71 21.76 -29.26
N ALA E 229 -39.75 20.52 -28.75
CA ALA E 229 -38.62 19.61 -28.74
C ALA E 229 -38.46 18.97 -30.10
N ALA E 230 -37.23 18.61 -30.46
CA ALA E 230 -36.94 17.94 -31.72
C ALA E 230 -36.20 16.61 -31.53
N PRO E 231 -36.94 15.53 -31.21
CA PRO E 231 -36.34 14.21 -30.97
C PRO E 231 -35.45 13.72 -32.12
N SER E 232 -34.39 12.97 -31.80
CA SER E 232 -33.44 12.48 -32.82
C SER E 232 -32.77 11.19 -32.36
N ALA E 233 -32.63 10.26 -33.30
CA ALA E 233 -31.90 9.01 -33.09
C ALA E 233 -30.50 9.10 -33.70
N THR E 234 -30.19 10.20 -34.38
CA THR E 234 -28.91 10.33 -35.06
C THR E 234 -28.04 11.42 -34.44
N SER E 235 -28.69 12.37 -33.78
CA SER E 235 -28.00 13.54 -33.25
C SER E 235 -28.26 13.68 -31.75
N GLN E 236 -27.18 13.78 -30.97
CA GLN E 236 -27.25 13.97 -29.51
C GLN E 236 -27.30 15.47 -29.19
N LEU E 237 -27.90 15.85 -28.06
CA LEU E 237 -27.61 17.16 -27.47
C LEU E 237 -26.12 17.20 -27.22
N SER E 238 -25.46 18.33 -27.51
CA SER E 238 -24.01 18.40 -27.30
C SER E 238 -23.69 18.49 -25.80
N THR E 239 -22.52 18.01 -25.39
CA THR E 239 -22.10 18.16 -23.99
C THR E 239 -22.01 19.64 -23.61
N ARG E 240 -21.70 20.48 -24.60
CA ARG E 240 -21.73 21.93 -24.45
C ARG E 240 -23.11 22.45 -24.02
N ALA E 241 -24.17 22.01 -24.67
CA ALA E 241 -25.54 22.33 -24.27
C ALA E 241 -25.85 21.85 -22.83
N LEU E 242 -25.40 20.64 -22.49
CA LEU E 242 -25.60 20.11 -21.14
C LEU E 242 -24.91 20.96 -20.05
N GLU E 243 -23.70 21.44 -20.36
CA GLU E 243 -23.02 22.41 -19.49
C GLU E 243 -23.82 23.74 -19.39
N GLY E 244 -24.42 24.14 -20.51
CA GLY E 244 -25.27 25.36 -20.58
C GLY E 244 -26.45 25.28 -19.63
N ILE E 245 -27.04 24.08 -19.53
CA ILE E 245 -28.16 23.85 -18.60
C ILE E 245 -27.71 24.12 -17.16
N PHE E 246 -26.55 23.58 -16.79
CA PHE E 246 -26.02 23.78 -15.45
C PHE E 246 -25.77 25.27 -15.15
N GLU E 247 -25.21 25.96 -16.14
CA GLU E 247 -24.86 27.36 -16.03
C GLU E 247 -26.10 28.24 -15.95
N ALA E 248 -27.11 27.93 -16.78
CA ALA E 248 -28.38 28.66 -16.82
C ALA E 248 -29.14 28.51 -15.52
N THR E 249 -29.14 27.28 -15.01
CA THR E 249 -29.77 26.99 -13.71
C THR E 249 -29.14 27.81 -12.59
N HIS E 250 -27.81 27.92 -12.62
CA HIS E 250 -27.08 28.74 -11.65
C HIS E 250 -27.37 30.24 -11.80
N ARG E 251 -27.50 30.70 -13.05
CA ARG E 251 -27.81 32.11 -13.31
C ARG E 251 -29.24 32.45 -12.83
N LEU E 252 -30.17 31.51 -12.98
CA LEU E 252 -31.56 31.61 -12.49
C LEU E 252 -31.60 32.03 -11.03
N ILE E 253 -30.77 31.40 -10.20
CA ILE E 253 -30.76 31.63 -8.77
C ILE E 253 -29.80 32.75 -8.34
N TYR E 254 -28.62 32.80 -8.95
CA TYR E 254 -27.52 33.63 -8.45
C TYR E 254 -27.11 34.81 -9.34
N GLY E 255 -27.78 34.98 -10.47
CA GLY E 255 -27.45 36.04 -11.42
C GLY E 255 -26.19 35.80 -12.24
N ALA E 256 -25.78 36.83 -12.97
CA ALA E 256 -24.64 36.77 -13.89
C ALA E 256 -23.32 36.39 -13.22
N LYS E 257 -22.48 35.67 -13.96
CA LYS E 257 -21.13 35.30 -13.51
C LYS E 257 -20.30 36.53 -13.11
N ASP E 258 -19.42 36.33 -12.13
CA ASP E 258 -18.55 37.38 -11.58
C ASP E 258 -17.58 38.04 -12.57
N ASP E 259 -17.54 37.53 -13.81
CA ASP E 259 -16.70 38.08 -14.91
C ASP E 259 -15.14 38.01 -14.73
N SER E 260 -14.67 37.56 -13.56
CA SER E 260 -13.22 37.49 -13.27
C SER E 260 -12.46 36.54 -14.19
N GLY E 261 -13.18 35.86 -15.08
CA GLY E 261 -12.58 34.92 -16.03
C GLY E 261 -12.26 33.55 -15.44
N GLN E 262 -12.31 33.43 -14.12
CA GLN E 262 -12.13 32.15 -13.43
C GLN E 262 -13.07 31.04 -13.91
N ARG E 263 -12.65 29.82 -13.65
CA ARG E 263 -13.44 28.65 -13.95
C ARG E 263 -14.29 28.29 -12.75
N TYR E 264 -15.43 27.68 -13.02
CA TYR E 264 -16.27 27.11 -11.98
C TYR E 264 -16.94 28.20 -11.13
N LEU E 265 -17.25 29.32 -11.77
CA LEU E 265 -18.03 30.39 -11.14
C LEU E 265 -19.54 30.06 -11.09
N ALA E 266 -19.97 29.14 -11.95
CA ALA E 266 -21.32 28.58 -11.98
C ALA E 266 -21.18 27.04 -12.00
N TRP E 267 -22.29 26.34 -11.83
CA TRP E 267 -22.31 24.88 -12.01
C TRP E 267 -21.89 24.49 -13.43
N SER E 268 -21.20 23.36 -13.54
CA SER E 268 -20.79 22.83 -14.84
C SER E 268 -21.08 21.32 -14.88
N GLY E 269 -20.63 20.67 -15.95
CA GLY E 269 -20.84 19.25 -16.19
C GLY E 269 -20.56 18.30 -15.03
N HIS E 270 -19.55 18.59 -14.22
CA HIS E 270 -19.17 17.70 -13.11
C HIS E 270 -19.81 18.00 -11.76
N SER E 271 -20.60 19.09 -11.71
CA SER E 271 -21.16 19.63 -10.47
C SER E 271 -22.03 18.66 -9.68
N ALA E 272 -22.86 17.88 -10.37
CA ALA E 272 -23.72 16.92 -9.64
C ALA E 272 -22.97 15.66 -9.19
N ARG E 273 -21.91 15.28 -9.91
CA ARG E 273 -21.03 14.21 -9.43
C ARG E 273 -20.36 14.60 -8.12
N VAL E 274 -19.77 15.80 -8.08
CA VAL E 274 -19.18 16.37 -6.87
C VAL E 274 -20.22 16.46 -5.75
N GLY E 275 -21.41 16.98 -6.08
CA GLY E 275 -22.47 17.23 -5.11
C GLY E 275 -22.99 15.97 -4.49
N ALA E 276 -23.23 14.96 -5.33
CA ALA E 276 -23.67 13.64 -4.87
C ALA E 276 -22.63 12.97 -3.99
N ALA E 277 -21.34 13.07 -4.36
CA ALA E 277 -20.30 12.45 -3.57
C ALA E 277 -20.33 13.07 -2.16
N ARG E 278 -20.46 14.38 -2.10
CA ARG E 278 -20.56 15.16 -0.85
C ARG E 278 -21.77 14.77 0.01
N ASP E 279 -22.94 14.61 -0.62
CA ASP E 279 -24.16 14.23 0.09
C ASP E 279 -24.10 12.82 0.66
N MET E 280 -23.50 11.90 -0.11
CA MET E 280 -23.27 10.56 0.42
C MET E 280 -22.32 10.59 1.61
N ALA E 281 -21.25 11.36 1.51
CA ALA E 281 -20.31 11.47 2.62
C ALA E 281 -21.03 12.03 3.87
N ARG E 282 -21.79 13.11 3.70
CA ARG E 282 -22.59 13.70 4.79
C ARG E 282 -23.47 12.67 5.48
N ALA E 283 -24.01 11.73 4.70
CA ALA E 283 -24.95 10.73 5.22
C ALA E 283 -24.26 9.52 5.84
N GLY E 284 -22.94 9.51 5.80
CA GLY E 284 -22.14 8.41 6.35
C GLY E 284 -22.03 7.18 5.45
N VAL E 285 -22.30 7.33 4.15
CA VAL E 285 -22.07 6.22 3.20
C VAL E 285 -20.56 5.89 3.12
N SER E 286 -20.20 4.61 3.21
CA SER E 286 -18.80 4.13 3.03
C SER E 286 -18.11 4.69 1.80
N ILE E 287 -16.83 5.02 1.92
CA ILE E 287 -16.00 5.37 0.77
C ILE E 287 -16.17 4.42 -0.44
N PRO E 288 -16.02 3.09 -0.25
CA PRO E 288 -16.21 2.15 -1.37
C PRO E 288 -17.57 2.26 -2.09
N GLU E 289 -18.63 2.50 -1.34
CA GLU E 289 -19.96 2.65 -1.91
C GLU E 289 -20.08 3.95 -2.66
N ILE E 290 -19.47 5.01 -2.12
CA ILE E 290 -19.42 6.30 -2.79
C ILE E 290 -18.66 6.10 -4.09
N MET E 291 -17.53 5.41 -4.02
CA MET E 291 -16.68 5.20 -5.18
C MET E 291 -17.39 4.43 -6.28
N GLN E 292 -18.10 3.36 -5.90
CA GLN E 292 -18.92 2.58 -6.84
C GLN E 292 -20.05 3.41 -7.44
N ALA E 293 -20.70 4.24 -6.62
CA ALA E 293 -21.78 5.11 -7.12
C ALA E 293 -21.33 6.00 -8.28
N GLY E 294 -20.07 6.44 -8.27
CA GLY E 294 -19.56 7.27 -9.35
C GLY E 294 -18.58 6.56 -10.29
N GLY E 295 -18.39 5.26 -10.08
CA GLY E 295 -17.42 4.52 -10.90
C GLY E 295 -15.97 4.92 -10.68
N TRP E 296 -15.66 5.43 -9.48
CA TRP E 296 -14.28 5.71 -9.06
C TRP E 296 -13.50 4.45 -8.62
N THR E 297 -12.25 4.37 -9.06
CA THR E 297 -11.30 3.31 -8.66
C THR E 297 -10.18 3.90 -7.75
N ASN E 298 -9.94 5.20 -7.86
CA ASN E 298 -8.99 5.97 -7.03
C ASN E 298 -9.72 6.72 -5.91
N VAL E 299 -9.31 6.50 -4.66
CA VAL E 299 -9.88 7.24 -3.51
C VAL E 299 -9.62 8.75 -3.53
N ASN E 300 -8.49 9.17 -4.12
CA ASN E 300 -8.06 10.55 -4.03
C ASN E 300 -8.90 11.56 -4.78
N ILE E 301 -9.48 11.12 -5.90
CA ILE E 301 -10.46 11.92 -6.62
C ILE E 301 -11.63 12.23 -5.66
N VAL E 302 -12.21 11.18 -5.08
CA VAL E 302 -13.33 11.32 -4.14
C VAL E 302 -12.94 12.21 -2.94
N MET E 303 -11.80 11.90 -2.31
CA MET E 303 -11.27 12.67 -1.19
C MET E 303 -11.25 14.17 -1.45
N ASN E 304 -10.75 14.57 -2.61
CA ASN E 304 -10.78 15.97 -3.01
C ASN E 304 -12.16 16.59 -2.94
N TYR E 305 -13.20 15.81 -3.23
CA TYR E 305 -14.57 16.38 -3.25
C TYR E 305 -15.15 16.53 -1.85
N ILE E 306 -14.74 15.65 -0.95
CA ILE E 306 -15.41 15.54 0.35
C ILE E 306 -14.57 15.96 1.54
N ARG E 307 -13.31 16.36 1.30
CA ARG E 307 -12.34 16.51 2.40
C ARG E 307 -12.55 17.73 3.29
N ASN E 308 -13.44 18.64 2.89
CA ASN E 308 -13.77 19.80 3.73
C ASN E 308 -15.11 19.61 4.46
N LEU E 309 -15.58 18.37 4.53
CA LEU E 309 -16.79 18.02 5.26
C LEU E 309 -16.45 17.56 6.66
N ASP E 310 -17.28 17.98 7.61
CA ASP E 310 -17.06 17.70 9.03
C ASP E 310 -16.93 16.20 9.34
N SER E 311 -17.65 15.38 8.58
CA SER E 311 -17.59 13.93 8.73
C SER E 311 -16.24 13.37 8.28
N GLU E 312 -15.46 14.16 7.54
CA GLU E 312 -14.17 13.71 7.02
C GLU E 312 -12.99 14.43 7.68
N THR E 313 -13.20 15.05 8.84
CA THR E 313 -12.14 15.84 9.48
C THR E 313 -11.00 15.01 10.10
N GLY E 314 -11.16 13.70 10.22
CA GLY E 314 -10.05 12.85 10.66
C GLY E 314 -9.97 12.58 12.17
N ALA E 315 -8.99 11.76 12.55
CA ALA E 315 -8.91 11.25 13.91
C ALA E 315 -8.51 12.30 14.96
N MET E 316 -7.68 13.29 14.58
CA MET E 316 -7.17 14.24 15.55
C MET E 316 -8.28 15.15 16.06
N VAL E 317 -9.16 15.57 15.15
CA VAL E 317 -10.32 16.39 15.52
C VAL E 317 -11.22 15.57 16.45
N ARG E 318 -11.41 14.31 16.11
CA ARG E 318 -12.21 13.40 16.92
C ARG E 318 -11.61 13.24 18.32
N LEU E 319 -10.30 12.99 18.38
CA LEU E 319 -9.59 12.88 19.65
C LEU E 319 -9.70 14.15 20.48
N LEU E 320 -9.46 15.30 19.87
CA LEU E 320 -9.48 16.59 20.57
C LEU E 320 -10.87 17.01 21.03
N GLU E 321 -11.90 16.62 20.30
CA GLU E 321 -13.27 17.00 20.64
C GLU E 321 -13.97 16.11 21.70
N ASP E 322 -13.29 15.09 22.19
CA ASP E 322 -13.54 14.60 23.56
C ASP E 322 -12.26 14.06 24.19
N SER F 1 19.25 -18.17 -33.26
CA SER F 1 18.37 -19.33 -33.52
C SER F 1 18.60 -20.51 -32.58
N ASP F 2 19.87 -20.79 -32.26
CA ASP F 2 20.17 -21.76 -31.22
C ASP F 2 19.79 -21.21 -29.84
N GLU F 3 20.02 -19.91 -29.67
CA GLU F 3 19.63 -19.16 -28.49
C GLU F 3 18.12 -19.33 -28.23
N VAL F 4 17.33 -19.19 -29.30
CA VAL F 4 15.86 -19.31 -29.25
C VAL F 4 15.42 -20.68 -28.78
N ARG F 5 15.93 -21.74 -29.40
CA ARG F 5 15.58 -23.10 -29.00
C ARG F 5 15.99 -23.41 -27.55
N LYS F 6 17.17 -22.92 -27.14
CA LYS F 6 17.65 -23.06 -25.77
C LYS F 6 16.67 -22.40 -24.79
N ASN F 7 16.30 -21.15 -25.10
CA ASN F 7 15.39 -20.39 -24.25
C ASN F 7 14.04 -21.05 -24.06
N LEU F 8 13.49 -21.53 -25.17
CA LEU F 8 12.26 -22.28 -25.17
C LEU F 8 12.37 -23.62 -24.41
N MET F 9 13.48 -24.33 -24.57
CA MET F 9 13.71 -25.59 -23.85
C MET F 9 13.81 -25.37 -22.34
N ASP F 10 14.48 -24.28 -21.96
CA ASP F 10 14.63 -23.91 -20.57
C ASP F 10 13.28 -23.67 -19.92
N MET F 11 12.41 -23.00 -20.67
CA MET F 11 11.06 -22.73 -20.20
C MET F 11 10.27 -24.03 -20.01
N PHE F 12 10.38 -24.94 -20.96
CA PHE F 12 9.63 -26.19 -20.93
C PHE F 12 10.14 -27.12 -19.84
N ARG F 13 11.47 -27.24 -19.74
CA ARG F 13 12.15 -27.93 -18.65
C ARG F 13 11.63 -27.54 -17.26
N ASP F 14 11.46 -26.25 -17.02
CA ASP F 14 10.91 -25.78 -15.76
C ASP F 14 9.42 -25.32 -15.92
N ARG F 15 8.70 -26.07 -16.75
CA ARG F 15 7.23 -26.03 -16.91
C ARG F 15 6.50 -25.63 -15.64
N GLN F 16 6.87 -26.31 -14.56
CA GLN F 16 6.19 -26.22 -13.27
C GLN F 16 6.31 -24.85 -12.62
N ALA F 17 7.22 -24.00 -13.11
CA ALA F 17 7.28 -22.61 -12.66
C ALA F 17 6.00 -21.82 -13.02
N PHE F 18 5.24 -22.30 -14.01
CA PHE F 18 4.03 -21.63 -14.47
C PHE F 18 2.82 -22.46 -14.08
N SER F 19 1.67 -21.82 -14.04
CA SER F 19 0.39 -22.51 -13.87
C SER F 19 0.13 -23.46 -15.07
N GLU F 20 -0.49 -24.60 -14.76
CA GLU F 20 -0.96 -25.55 -15.78
C GLU F 20 -1.93 -24.83 -16.74
N HIS F 21 -2.60 -23.81 -16.23
CA HIS F 21 -3.54 -23.02 -17.03
C HIS F 21 -2.85 -22.07 -18.02
N THR F 22 -1.69 -21.53 -17.64
CA THR F 22 -0.86 -20.72 -18.54
C THR F 22 -0.41 -21.58 -19.73
N TRP F 23 0.10 -22.78 -19.45
CA TRP F 23 0.43 -23.77 -20.48
C TRP F 23 -0.75 -24.16 -21.37
N LYS F 24 -1.89 -24.51 -20.77
CA LYS F 24 -3.08 -24.87 -21.50
C LYS F 24 -3.45 -23.79 -22.51
N MET F 25 -3.44 -22.54 -22.05
CA MET F 25 -3.78 -21.43 -22.91
C MET F 25 -2.70 -21.03 -23.91
N LEU F 26 -1.43 -21.18 -23.54
CA LEU F 26 -0.35 -21.00 -24.52
C LEU F 26 -0.60 -21.95 -25.70
N LEU F 27 -0.84 -23.21 -25.39
CA LEU F 27 -1.13 -24.23 -26.41
C LEU F 27 -2.43 -23.99 -27.21
N SER F 28 -3.49 -23.61 -26.50
CA SER F 28 -4.72 -23.23 -27.17
C SER F 28 -4.53 -22.13 -28.21
N VAL F 29 -3.85 -21.05 -27.79
CA VAL F 29 -3.62 -19.89 -28.66
C VAL F 29 -2.68 -20.24 -29.83
N CYS F 30 -1.62 -21.00 -29.56
CA CYS F 30 -0.69 -21.41 -30.62
C CYS F 30 -1.37 -22.25 -31.72
N ARG F 31 -2.23 -23.19 -31.32
CA ARG F 31 -3.10 -23.95 -32.25
C ARG F 31 -3.98 -23.05 -33.12
N SER F 32 -4.72 -22.17 -32.49
CA SER F 32 -5.56 -21.18 -33.17
C SER F 32 -4.73 -20.29 -34.12
N TRP F 33 -3.61 -19.77 -33.62
CA TRP F 33 -2.74 -18.89 -34.39
C TRP F 33 -2.09 -19.65 -35.57
N ALA F 34 -1.56 -20.85 -35.28
CA ALA F 34 -0.89 -21.65 -36.30
C ALA F 34 -1.85 -22.19 -37.36
N ALA F 35 -3.09 -22.51 -36.97
CA ALA F 35 -4.11 -22.95 -37.91
C ALA F 35 -4.51 -21.83 -38.85
N TRP F 36 -4.70 -20.62 -38.29
CA TRP F 36 -4.93 -19.43 -39.08
C TRP F 36 -3.76 -19.10 -40.04
N CYS F 37 -2.52 -19.15 -39.55
CA CYS F 37 -1.35 -18.95 -40.41
C CYS F 37 -1.29 -19.90 -41.61
N LYS F 38 -1.58 -21.18 -41.37
CA LYS F 38 -1.58 -22.20 -42.41
C LYS F 38 -2.61 -21.86 -43.50
N LEU F 39 -3.84 -21.56 -43.08
CA LEU F 39 -4.87 -21.16 -44.00
C LEU F 39 -4.63 -19.83 -44.73
N ASN F 40 -3.78 -18.96 -44.18
CA ASN F 40 -3.62 -17.62 -44.72
C ASN F 40 -2.23 -17.40 -45.28
N ASN F 41 -1.50 -18.51 -45.42
CA ASN F 41 -0.15 -18.54 -45.96
C ASN F 41 0.85 -17.63 -45.20
N ARG F 42 0.85 -17.71 -43.86
CA ARG F 42 1.78 -16.93 -43.04
C ARG F 42 2.67 -17.87 -42.24
N LYS F 43 3.81 -17.37 -41.79
CA LYS F 43 4.74 -18.12 -40.95
C LYS F 43 4.36 -17.90 -39.49
N TRP F 44 4.19 -19.00 -38.75
CA TRP F 44 3.66 -18.90 -37.39
C TRP F 44 4.71 -18.52 -36.35
N PHE F 45 5.95 -18.90 -36.57
CA PHE F 45 7.01 -18.53 -35.65
C PHE F 45 8.36 -18.29 -36.34
N PRO F 46 9.02 -17.16 -36.06
CA PRO F 46 8.59 -16.00 -35.27
C PRO F 46 7.46 -15.26 -35.97
N ALA F 47 6.54 -14.68 -35.20
CA ALA F 47 5.38 -13.98 -35.74
C ALA F 47 5.75 -12.56 -36.24
N GLU F 48 5.31 -12.23 -37.44
CA GLU F 48 5.43 -10.90 -38.02
C GLU F 48 4.33 -10.03 -37.48
N PRO F 49 4.67 -8.79 -37.09
CA PRO F 49 3.68 -7.80 -36.63
C PRO F 49 2.48 -7.65 -37.56
N GLU F 50 2.72 -7.48 -38.87
CA GLU F 50 1.62 -7.41 -39.83
C GLU F 50 0.72 -8.65 -39.82
N ASP F 51 1.29 -9.84 -39.67
CA ASP F 51 0.49 -11.07 -39.59
C ASP F 51 -0.32 -11.15 -38.29
N VAL F 52 0.32 -10.85 -37.15
CA VAL F 52 -0.38 -10.81 -35.86
C VAL F 52 -1.51 -9.78 -35.96
N ARG F 53 -1.22 -8.60 -36.56
CA ARG F 53 -2.26 -7.57 -36.72
C ARG F 53 -3.50 -8.17 -37.43
N ASP F 54 -3.31 -8.83 -38.57
CA ASP F 54 -4.40 -9.45 -39.32
C ASP F 54 -5.15 -10.51 -38.51
N TYR F 55 -4.40 -11.34 -37.79
CA TYR F 55 -5.01 -12.35 -36.93
C TYR F 55 -5.96 -11.71 -35.89
N LEU F 56 -5.51 -10.66 -35.21
CA LEU F 56 -6.31 -10.01 -34.17
C LEU F 56 -7.61 -9.43 -34.77
N LEU F 57 -7.51 -8.86 -35.96
CA LEU F 57 -8.67 -8.30 -36.65
C LEU F 57 -9.63 -9.41 -37.06
N TYR F 58 -9.08 -10.56 -37.38
CA TYR F 58 -9.84 -11.78 -37.63
C TYR F 58 -10.60 -12.26 -36.37
N LEU F 59 -9.93 -12.30 -35.22
CA LEU F 59 -10.62 -12.58 -33.95
C LEU F 59 -11.73 -11.58 -33.68
N GLN F 60 -11.48 -10.30 -33.94
CA GLN F 60 -12.50 -9.27 -33.73
C GLN F 60 -13.72 -9.53 -34.62
N ALA F 61 -13.46 -9.85 -35.88
CA ALA F 61 -14.50 -10.13 -36.88
C ALA F 61 -15.34 -11.34 -36.48
N ARG F 62 -14.71 -12.29 -35.78
CA ARG F 62 -15.44 -13.45 -35.23
C ARG F 62 -16.37 -13.12 -34.04
N GLY F 63 -16.27 -11.90 -33.50
CA GLY F 63 -17.19 -11.48 -32.42
C GLY F 63 -16.67 -11.89 -31.06
N LEU F 64 -15.40 -12.29 -30.98
CA LEU F 64 -14.79 -12.68 -29.70
C LEU F 64 -14.65 -11.50 -28.76
N ALA F 65 -14.69 -11.78 -27.46
CA ALA F 65 -14.55 -10.73 -26.42
C ALA F 65 -13.17 -10.08 -26.48
N VAL F 66 -13.14 -8.80 -26.13
CA VAL F 66 -11.88 -8.06 -25.95
C VAL F 66 -10.86 -8.84 -25.10
N LYS F 67 -11.27 -9.36 -23.94
CA LYS F 67 -10.37 -10.16 -23.10
C LYS F 67 -9.93 -11.46 -23.78
N THR F 68 -10.77 -12.02 -24.63
CA THR F 68 -10.30 -13.14 -25.44
C THR F 68 -9.16 -12.73 -26.36
N ILE F 69 -9.31 -11.61 -27.05
CA ILE F 69 -8.31 -11.14 -28.02
C ILE F 69 -7.01 -10.77 -27.31
N GLN F 70 -7.13 -10.14 -26.14
CA GLN F 70 -5.99 -9.87 -25.27
C GLN F 70 -5.24 -11.10 -24.83
N GLN F 71 -5.95 -12.18 -24.55
CA GLN F 71 -5.34 -13.46 -24.18
C GLN F 71 -4.50 -14.06 -25.32
N HIS F 72 -5.03 -14.00 -26.53
CA HIS F 72 -4.32 -14.50 -27.70
C HIS F 72 -3.07 -13.69 -27.93
N LEU F 73 -3.20 -12.37 -27.96
CA LEU F 73 -2.04 -11.49 -28.07
C LEU F 73 -1.07 -11.77 -26.90
N GLY F 74 -1.61 -11.84 -25.67
CA GLY F 74 -0.78 -12.11 -24.49
C GLY F 74 0.02 -13.40 -24.56
N GLN F 75 -0.57 -14.49 -25.05
CA GLN F 75 0.21 -15.75 -25.15
C GLN F 75 1.31 -15.67 -26.21
N LEU F 76 0.99 -15.02 -27.34
CA LEU F 76 1.96 -14.79 -28.41
C LEU F 76 3.12 -13.93 -27.91
N ASN F 77 2.79 -12.89 -27.15
CA ASN F 77 3.80 -12.04 -26.51
C ASN F 77 4.74 -12.83 -25.61
N MET F 78 4.19 -13.69 -24.77
CA MET F 78 4.98 -14.44 -23.82
C MET F 78 5.89 -15.45 -24.53
N LEU F 79 5.33 -16.15 -25.53
CA LEU F 79 6.14 -17.09 -26.31
C LEU F 79 7.38 -16.42 -26.94
N HIS F 80 7.19 -15.23 -27.51
CA HIS F 80 8.30 -14.47 -28.08
C HIS F 80 9.24 -13.89 -27.03
N ARG F 81 8.69 -13.27 -25.99
CA ARG F 81 9.55 -12.69 -24.96
C ARG F 81 10.44 -13.75 -24.29
N ARG F 82 9.88 -14.90 -23.95
CA ARG F 82 10.62 -15.98 -23.29
C ARG F 82 11.57 -16.80 -24.22
N SER F 83 11.39 -16.63 -25.54
CA SER F 83 12.34 -17.11 -26.57
C SER F 83 13.54 -16.21 -26.70
N GLY F 84 13.45 -15.00 -26.16
CA GLY F 84 14.45 -13.97 -26.38
C GLY F 84 14.21 -13.13 -27.63
N LEU F 85 12.97 -13.10 -28.10
CA LEU F 85 12.64 -12.39 -29.34
C LEU F 85 11.76 -11.18 -29.04
N PRO F 86 11.72 -10.19 -29.96
CA PRO F 86 10.80 -9.05 -29.74
C PRO F 86 9.36 -9.56 -29.73
N ARG F 87 8.55 -8.99 -28.85
CA ARG F 87 7.12 -9.30 -28.81
C ARG F 87 6.41 -8.67 -30.01
N PRO F 88 5.36 -9.34 -30.52
CA PRO F 88 4.39 -8.63 -31.39
C PRO F 88 4.00 -7.23 -30.87
N SER F 89 3.65 -7.11 -29.58
CA SER F 89 3.30 -5.80 -28.99
C SER F 89 4.42 -4.74 -28.93
N ASP F 90 5.67 -5.15 -29.17
CA ASP F 90 6.77 -4.17 -29.36
C ASP F 90 6.68 -3.38 -30.68
N SER F 91 5.76 -3.77 -31.58
CA SER F 91 5.53 -3.01 -32.82
C SER F 91 4.27 -2.16 -32.67
N ASN F 92 4.25 -0.99 -33.29
CA ASN F 92 3.03 -0.18 -33.34
C ASN F 92 1.83 -0.87 -33.96
N ALA F 93 2.07 -1.66 -35.01
CA ALA F 93 0.97 -2.26 -35.77
C ALA F 93 0.11 -3.13 -34.86
N VAL F 94 0.75 -3.85 -33.95
CA VAL F 94 0.05 -4.74 -33.04
C VAL F 94 -0.45 -3.98 -31.82
N SER F 95 0.40 -3.17 -31.20
CA SER F 95 -0.04 -2.49 -29.99
C SER F 95 -1.19 -1.52 -30.28
N LEU F 96 -1.12 -0.84 -31.41
CA LEU F 96 -2.21 0.05 -31.82
C LEU F 96 -3.50 -0.66 -32.20
N VAL F 97 -3.42 -1.76 -32.95
CA VAL F 97 -4.62 -2.50 -33.31
C VAL F 97 -5.35 -3.06 -32.09
N MET F 98 -4.59 -3.47 -31.10
CA MET F 98 -5.19 -4.01 -29.86
C MET F 98 -6.00 -2.93 -29.12
N ARG F 99 -5.43 -1.73 -29.01
CA ARG F 99 -6.13 -0.56 -28.47
C ARG F 99 -7.39 -0.23 -29.29
N ARG F 100 -7.24 -0.27 -30.60
CA ARG F 100 -8.34 0.03 -31.49
C ARG F 100 -9.49 -0.96 -31.34
N ILE F 101 -9.17 -2.24 -31.26
CA ILE F 101 -10.18 -3.28 -31.13
C ILE F 101 -10.92 -3.11 -29.81
N ARG F 102 -10.17 -2.86 -28.74
CA ARG F 102 -10.77 -2.65 -27.43
C ARG F 102 -11.74 -1.48 -27.45
N LYS F 103 -11.29 -0.36 -28.01
CA LYS F 103 -12.05 0.89 -28.04
C LYS F 103 -13.30 0.74 -28.92
N GLU F 104 -13.14 0.19 -30.12
CA GLU F 104 -14.29 -0.11 -31.00
C GLU F 104 -15.33 -1.05 -30.39
N ASN F 105 -14.90 -2.16 -29.80
CA ASN F 105 -15.85 -3.07 -29.15
C ASN F 105 -16.62 -2.46 -27.96
N VAL F 106 -15.92 -1.73 -27.12
CA VAL F 106 -16.54 -1.05 -25.97
C VAL F 106 -17.55 0.02 -26.48
N ASP F 107 -17.12 0.78 -27.49
CA ASP F 107 -17.98 1.79 -28.13
C ASP F 107 -19.23 1.17 -28.78
N ALA F 108 -19.12 -0.07 -29.27
CA ALA F 108 -20.26 -0.85 -29.77
C ALA F 108 -21.07 -1.55 -28.63
N GLY F 109 -20.69 -1.34 -27.37
CA GLY F 109 -21.51 -1.82 -26.27
C GLY F 109 -20.90 -2.94 -25.45
N GLU F 110 -19.67 -3.35 -25.77
CA GLU F 110 -19.05 -4.45 -25.01
C GLU F 110 -18.65 -4.01 -23.61
N ARG F 111 -18.92 -4.87 -22.63
CA ARG F 111 -18.35 -4.76 -21.30
C ARG F 111 -18.08 -6.16 -20.73
N ALA F 112 -17.05 -6.27 -19.90
CA ALA F 112 -16.71 -7.51 -19.21
C ALA F 112 -17.84 -7.87 -18.25
N LYS F 113 -18.26 -9.13 -18.29
CA LYS F 113 -19.34 -9.64 -17.45
C LYS F 113 -18.79 -10.05 -16.08
N GLN F 114 -19.67 -10.40 -15.15
CA GLN F 114 -19.28 -10.82 -13.81
C GLN F 114 -20.25 -11.91 -13.33
N ALA F 115 -19.71 -12.92 -12.64
CA ALA F 115 -20.55 -13.92 -11.97
C ALA F 115 -21.69 -13.27 -11.21
N LEU F 116 -22.86 -13.90 -11.33
CA LEU F 116 -24.01 -13.59 -10.53
C LEU F 116 -23.65 -13.77 -9.04
N ALA F 117 -24.03 -12.80 -8.19
CA ALA F 117 -23.66 -12.81 -6.78
C ALA F 117 -24.41 -13.87 -5.97
N PHE F 118 -23.65 -14.66 -5.19
CA PHE F 118 -24.23 -15.57 -4.19
C PHE F 118 -23.92 -14.92 -2.83
N GLU F 119 -24.92 -14.23 -2.30
CA GLU F 119 -24.75 -13.37 -1.13
C GLU F 119 -25.34 -14.05 0.12
N ARG F 120 -25.27 -13.36 1.26
CA ARG F 120 -25.73 -13.91 2.54
C ARG F 120 -27.20 -14.32 2.46
N THR F 121 -28.03 -13.49 1.85
CA THR F 121 -29.46 -13.84 1.70
C THR F 121 -29.67 -15.14 0.90
N ASP F 122 -28.82 -15.36 -0.11
CA ASP F 122 -28.88 -16.59 -0.90
C ASP F 122 -28.39 -17.78 -0.10
N PHE F 123 -27.34 -17.57 0.70
CA PHE F 123 -26.78 -18.63 1.55
C PHE F 123 -27.78 -19.06 2.62
N ASP F 124 -28.41 -18.09 3.28
CA ASP F 124 -29.45 -18.35 4.27
C ASP F 124 -30.66 -19.10 3.69
N GLN F 125 -31.09 -18.71 2.50
CA GLN F 125 -32.18 -19.41 1.82
C GLN F 125 -31.82 -20.85 1.42
N VAL F 126 -30.61 -21.04 0.90
CA VAL F 126 -30.16 -22.38 0.53
C VAL F 126 -30.01 -23.25 1.79
N ARG F 127 -29.49 -22.65 2.84
CA ARG F 127 -29.32 -23.36 4.10
C ARG F 127 -30.69 -23.76 4.69
N SER F 128 -31.66 -22.86 4.67
CA SER F 128 -33.01 -23.17 5.09
C SER F 128 -33.61 -24.34 4.29
N LEU F 129 -33.40 -24.36 2.97
CA LEU F 129 -33.92 -25.44 2.12
C LEU F 129 -33.22 -26.77 2.32
N MET F 130 -31.93 -26.73 2.61
CA MET F 130 -31.08 -27.91 2.49
C MET F 130 -30.54 -28.50 3.79
N GLU F 131 -30.55 -27.69 4.85
CA GLU F 131 -30.13 -28.06 6.22
C GLU F 131 -30.54 -29.46 6.62
N ASN F 132 -31.79 -29.80 6.32
CA ASN F 132 -32.42 -31.03 6.83
C ASN F 132 -32.11 -32.24 6.00
N SER F 133 -31.58 -32.06 4.80
CA SER F 133 -31.28 -33.21 3.95
C SER F 133 -30.16 -34.06 4.57
N ASP F 134 -30.37 -35.38 4.54
CA ASP F 134 -29.37 -36.36 5.00
C ASP F 134 -28.68 -37.08 3.85
N ARG F 135 -28.92 -36.63 2.63
CA ARG F 135 -28.14 -37.07 1.48
C ARG F 135 -26.71 -36.54 1.65
N CYS F 136 -25.77 -37.45 1.54
CA CYS F 136 -24.35 -37.14 1.53
C CYS F 136 -24.02 -36.01 0.53
N GLN F 137 -24.65 -36.03 -0.66
CA GLN F 137 -24.40 -35.00 -1.67
C GLN F 137 -24.78 -33.61 -1.16
N ASP F 138 -25.96 -33.49 -0.56
CA ASP F 138 -26.41 -32.18 -0.07
C ASP F 138 -25.58 -31.70 1.11
N ILE F 139 -25.18 -32.63 1.97
CA ILE F 139 -24.35 -32.27 3.13
C ILE F 139 -23.00 -31.71 2.63
N ARG F 140 -22.39 -32.41 1.67
CA ARG F 140 -21.16 -31.96 1.03
C ARG F 140 -21.37 -30.59 0.42
N ASN F 141 -22.40 -30.48 -0.42
CA ASN F 141 -22.67 -29.25 -1.15
C ASN F 141 -22.86 -28.03 -0.25
N LEU F 142 -23.53 -28.22 0.90
CA LEU F 142 -23.77 -27.08 1.80
C LEU F 142 -22.51 -26.63 2.52
N ALA F 143 -21.71 -27.61 2.95
CA ALA F 143 -20.35 -27.37 3.48
C ALA F 143 -19.49 -26.59 2.46
N PHE F 144 -19.59 -26.97 1.18
CA PHE F 144 -18.84 -26.29 0.12
C PHE F 144 -19.30 -24.84 -0.07
N LEU F 145 -20.60 -24.62 -0.17
CA LEU F 145 -21.14 -23.25 -0.30
C LEU F 145 -20.76 -22.41 0.91
N GLY F 146 -20.82 -23.03 2.08
CA GLY F 146 -20.47 -22.36 3.32
C GLY F 146 -19.03 -21.91 3.28
N ILE F 147 -18.14 -22.83 2.91
CA ILE F 147 -16.72 -22.47 2.80
C ILE F 147 -16.49 -21.38 1.75
N ALA F 148 -17.09 -21.56 0.57
CA ALA F 148 -16.91 -20.62 -0.54
C ALA F 148 -17.29 -19.19 -0.12
N TYR F 149 -18.48 -19.02 0.47
CA TYR F 149 -18.95 -17.72 0.94
C TYR F 149 -18.10 -17.17 2.10
N ASN F 150 -17.80 -18.03 3.07
CA ASN F 150 -17.12 -17.64 4.32
C ASN F 150 -15.67 -17.22 4.03
N THR F 151 -15.00 -17.97 3.15
CA THR F 151 -13.58 -17.79 2.91
C THR F 151 -13.25 -16.93 1.68
N LEU F 152 -14.18 -16.83 0.74
CA LEU F 152 -13.93 -16.17 -0.55
C LEU F 152 -12.84 -16.88 -1.36
N LEU F 153 -12.56 -18.14 -1.06
CA LEU F 153 -11.51 -18.83 -1.80
C LEU F 153 -11.97 -19.14 -3.23
N ARG F 154 -11.01 -19.18 -4.16
CA ARG F 154 -11.27 -19.65 -5.53
C ARG F 154 -11.63 -21.13 -5.44
N ILE F 155 -12.45 -21.60 -6.38
CA ILE F 155 -12.85 -23.00 -6.39
C ILE F 155 -11.66 -23.97 -6.44
N ALA F 156 -10.61 -23.60 -7.18
CA ALA F 156 -9.43 -24.45 -7.26
C ALA F 156 -8.70 -24.58 -5.93
N GLU F 157 -8.73 -23.50 -5.16
CA GLU F 157 -8.09 -23.45 -3.84
C GLU F 157 -8.87 -24.33 -2.86
N ILE F 158 -10.19 -24.34 -2.99
CA ILE F 158 -11.08 -25.15 -2.13
C ILE F 158 -10.88 -26.62 -2.45
N ALA F 159 -10.84 -26.94 -3.76
CA ALA F 159 -10.56 -28.30 -4.23
C ALA F 159 -9.23 -28.86 -3.74
N ARG F 160 -8.23 -28.00 -3.48
CA ARG F 160 -6.89 -28.40 -2.96
C ARG F 160 -6.78 -28.58 -1.44
N ILE F 161 -7.79 -28.16 -0.68
CA ILE F 161 -7.77 -28.34 0.77
C ILE F 161 -7.69 -29.80 1.13
N ARG F 162 -6.71 -30.17 1.95
CA ARG F 162 -6.60 -31.51 2.51
C ARG F 162 -7.02 -31.48 3.96
N VAL F 163 -7.43 -32.63 4.46
CA VAL F 163 -7.92 -32.74 5.82
C VAL F 163 -6.88 -32.21 6.81
N LYS F 164 -5.62 -32.54 6.61
CA LYS F 164 -4.52 -32.02 7.43
C LYS F 164 -4.35 -30.48 7.44
N ASP F 165 -5.00 -29.76 6.51
CA ASP F 165 -4.88 -28.31 6.38
C ASP F 165 -5.81 -27.62 7.36
N ILE F 166 -6.59 -28.43 8.06
CA ILE F 166 -7.62 -27.93 8.96
C ILE F 166 -7.16 -27.98 10.42
N SER F 167 -7.24 -26.85 11.11
CA SER F 167 -6.99 -26.81 12.55
C SER F 167 -8.16 -26.09 13.21
N ARG F 168 -7.96 -25.66 14.44
CA ARG F 168 -9.03 -25.13 15.27
C ARG F 168 -8.54 -23.92 16.05
N THR F 169 -9.41 -22.91 16.22
CA THR F 169 -9.17 -21.86 17.21
C THR F 169 -9.52 -22.39 18.60
N ASP F 170 -9.03 -21.70 19.64
CA ASP F 170 -9.38 -22.06 21.03
C ASP F 170 -10.89 -22.10 21.21
N GLY F 171 -11.59 -21.18 20.54
CA GLY F 171 -13.05 -21.15 20.57
C GLY F 171 -13.72 -22.19 19.68
N GLY F 172 -12.92 -23.07 19.05
CA GLY F 172 -13.47 -24.21 18.32
C GLY F 172 -13.84 -23.98 16.85
N ARG F 173 -13.60 -22.76 16.36
CA ARG F 173 -13.84 -22.43 14.94
C ARG F 173 -12.77 -23.09 14.07
N MET F 174 -13.18 -23.72 12.99
CA MET F 174 -12.20 -24.29 12.06
C MET F 174 -11.35 -23.20 11.39
N LEU F 175 -10.12 -23.57 11.07
CA LEU F 175 -9.20 -22.71 10.36
C LEU F 175 -8.64 -23.54 9.23
N ILE F 176 -8.59 -22.98 8.04
CA ILE F 176 -8.07 -23.70 6.89
C ILE F 176 -6.77 -23.08 6.41
N HIS F 177 -5.70 -23.87 6.45
CA HIS F 177 -4.44 -23.39 5.92
C HIS F 177 -4.40 -23.43 4.39
N ILE F 178 -4.12 -22.29 3.75
CA ILE F 178 -3.96 -22.23 2.30
C ILE F 178 -2.55 -21.74 1.96
N GLY F 179 -1.77 -22.58 1.29
CA GLY F 179 -0.39 -22.24 0.92
C GLY F 179 -0.28 -21.60 -0.45
N ARG F 180 -1.24 -21.88 -1.32
CA ARG F 180 -1.15 -21.37 -2.68
C ARG F 180 -2.47 -20.81 -3.21
N THR F 181 -2.44 -19.55 -3.66
CA THR F 181 -3.56 -18.97 -4.41
C THR F 181 -3.01 -18.40 -5.73
N LYS F 182 -3.88 -17.81 -6.57
CA LYS F 182 -3.42 -17.19 -7.82
C LYS F 182 -2.31 -16.14 -7.64
N THR F 183 -2.26 -15.52 -6.46
CA THR F 183 -1.31 -14.42 -6.20
C THR F 183 -0.28 -14.69 -5.11
N LEU F 184 -0.40 -15.80 -4.39
CA LEU F 184 0.49 -16.09 -3.28
C LEU F 184 0.96 -17.54 -3.38
N VAL F 185 2.26 -17.75 -3.21
CA VAL F 185 2.82 -19.07 -3.03
C VAL F 185 3.78 -18.97 -1.83
N SER F 186 3.43 -19.61 -0.73
CA SER F 186 4.18 -19.43 0.51
C SER F 186 4.02 -20.63 1.42
N THR F 187 5.12 -21.05 2.07
CA THR F 187 5.04 -22.10 3.09
C THR F 187 4.48 -21.53 4.42
N ALA F 188 4.44 -20.19 4.54
CA ALA F 188 3.70 -19.53 5.63
C ALA F 188 2.18 -19.53 5.34
N GLY F 189 1.84 -19.40 4.05
CA GLY F 189 0.46 -19.36 3.58
C GLY F 189 -0.47 -18.45 4.36
N VAL F 190 -1.76 -18.70 4.26
CA VAL F 190 -2.77 -17.94 5.00
C VAL F 190 -3.65 -18.92 5.75
N GLU F 191 -4.28 -18.46 6.84
CA GLU F 191 -5.29 -19.24 7.56
C GLU F 191 -6.66 -18.59 7.36
N LYS F 192 -7.63 -19.37 6.90
CA LYS F 192 -8.96 -18.85 6.60
C LYS F 192 -9.93 -19.39 7.66
N ALA F 193 -10.50 -18.48 8.45
CA ALA F 193 -11.31 -18.92 9.61
C ALA F 193 -12.77 -19.14 9.21
N LEU F 194 -13.40 -20.18 9.74
CA LEU F 194 -14.83 -20.42 9.50
C LEU F 194 -15.69 -20.03 10.70
N SER F 195 -16.89 -19.51 10.43
CA SER F 195 -17.82 -19.18 11.50
C SER F 195 -18.21 -20.47 12.23
N LEU F 196 -18.80 -20.32 13.42
CA LEU F 196 -19.28 -21.48 14.17
C LEU F 196 -20.31 -22.28 13.38
N GLY F 197 -21.24 -21.59 12.72
CA GLY F 197 -22.23 -22.21 11.83
C GLY F 197 -21.59 -22.99 10.67
N VAL F 198 -20.66 -22.37 9.95
CA VAL F 198 -20.04 -23.01 8.78
C VAL F 198 -19.12 -24.12 9.25
N THR F 199 -18.43 -23.90 10.37
CA THR F 199 -17.71 -24.97 11.04
C THR F 199 -18.59 -26.21 11.22
N LYS F 200 -19.80 -26.03 11.73
CA LYS F 200 -20.72 -27.17 11.93
C LYS F 200 -21.08 -27.87 10.62
N LEU F 201 -21.29 -27.11 9.53
CA LEU F 201 -21.61 -27.71 8.23
C LEU F 201 -20.47 -28.59 7.74
N VAL F 202 -19.25 -28.11 7.94
CA VAL F 202 -18.07 -28.84 7.50
C VAL F 202 -17.88 -30.13 8.32
N GLU F 203 -18.06 -30.03 9.64
CA GLU F 203 -17.99 -31.18 10.54
C GLU F 203 -18.97 -32.27 10.14
N ARG F 204 -20.20 -31.86 9.84
CA ARG F 204 -21.20 -32.79 9.38
C ARG F 204 -20.73 -33.53 8.11
N TRP F 205 -20.21 -32.78 7.14
CA TRP F 205 -19.66 -33.40 5.94
C TRP F 205 -18.52 -34.39 6.25
N ILE F 206 -17.60 -33.99 7.13
CA ILE F 206 -16.47 -34.84 7.53
C ILE F 206 -16.94 -36.13 8.17
N SER F 207 -17.93 -36.00 9.05
CA SER F 207 -18.50 -37.13 9.74
C SER F 207 -19.12 -38.13 8.74
N VAL F 208 -19.88 -37.65 7.77
CA VAL F 208 -20.61 -38.56 6.89
C VAL F 208 -19.76 -39.10 5.70
N SER F 209 -18.70 -38.38 5.32
CA SER F 209 -17.88 -38.75 4.16
C SER F 209 -16.81 -39.78 4.50
N GLY F 210 -16.33 -39.75 5.74
CA GLY F 210 -15.14 -40.51 6.13
C GLY F 210 -13.82 -39.96 5.59
N VAL F 211 -13.78 -38.70 5.14
CA VAL F 211 -12.52 -38.11 4.61
C VAL F 211 -11.36 -38.03 5.62
N ALA F 212 -11.70 -37.94 6.89
CA ALA F 212 -10.72 -37.78 7.96
C ALA F 212 -9.95 -39.06 8.30
N ASP F 213 -10.33 -40.19 7.70
CA ASP F 213 -9.60 -41.46 7.86
C ASP F 213 -8.12 -41.36 7.47
N ASP F 214 -7.80 -40.41 6.58
CA ASP F 214 -6.43 -40.15 6.16
C ASP F 214 -6.27 -38.64 6.09
N PRO F 215 -5.30 -38.08 6.85
CA PRO F 215 -5.07 -36.63 6.87
C PRO F 215 -4.76 -36.07 5.49
N ASN F 216 -4.25 -36.91 4.59
CA ASN F 216 -3.90 -36.47 3.24
C ASN F 216 -5.05 -36.41 2.24
N ASN F 217 -6.19 -36.92 2.66
CA ASN F 217 -7.36 -36.87 1.81
C ASN F 217 -7.68 -35.43 1.56
N TYR F 218 -8.06 -35.14 0.34
CA TYR F 218 -8.69 -33.84 0.03
C TYR F 218 -10.00 -33.78 0.81
N LEU F 219 -10.32 -32.60 1.33
CA LEU F 219 -11.54 -32.43 2.10
C LEU F 219 -12.79 -32.76 1.26
N PHE F 220 -12.83 -32.28 0.02
CA PHE F 220 -13.99 -32.55 -0.85
C PHE F 220 -13.73 -33.63 -1.86
N CYS F 221 -14.72 -34.51 -2.00
CA CYS F 221 -14.62 -35.65 -2.90
C CYS F 221 -15.96 -35.92 -3.56
N ARG F 222 -15.96 -36.75 -4.60
CA ARG F 222 -17.18 -37.11 -5.28
C ARG F 222 -18.09 -37.99 -4.40
N VAL F 223 -19.38 -37.91 -4.65
CA VAL F 223 -20.37 -38.74 -3.97
C VAL F 223 -21.17 -39.45 -5.05
N ARG F 224 -21.07 -40.76 -5.11
CA ARG F 224 -21.78 -41.53 -6.12
C ARG F 224 -23.29 -41.67 -5.82
N LYS F 225 -24.04 -42.16 -6.80
CA LYS F 225 -25.51 -42.27 -6.75
C LYS F 225 -26.09 -43.05 -5.54
N ASN F 226 -25.29 -43.89 -4.90
CA ASN F 226 -25.79 -44.59 -3.70
C ASN F 226 -25.53 -43.80 -2.41
N GLY F 227 -25.08 -42.56 -2.59
CA GLY F 227 -24.92 -41.64 -1.47
C GLY F 227 -23.67 -41.94 -0.65
N VAL F 228 -22.72 -42.65 -1.25
CA VAL F 228 -21.44 -42.99 -0.58
C VAL F 228 -20.30 -42.16 -1.18
N ALA F 229 -19.58 -41.46 -0.31
CA ALA F 229 -18.42 -40.64 -0.69
C ALA F 229 -17.19 -41.50 -0.99
N ALA F 230 -16.40 -41.06 -1.97
CA ALA F 230 -15.17 -41.75 -2.32
C ALA F 230 -13.94 -40.89 -2.01
N PRO F 231 -13.51 -40.84 -0.73
CA PRO F 231 -12.33 -40.04 -0.35
C PRO F 231 -11.08 -40.41 -1.11
N SER F 232 -10.24 -39.42 -1.41
CA SER F 232 -9.00 -39.65 -2.13
C SER F 232 -7.94 -38.65 -1.71
N ALA F 233 -6.69 -39.08 -1.69
CA ALA F 233 -5.55 -38.20 -1.42
C ALA F 233 -4.82 -37.86 -2.72
N THR F 234 -5.28 -38.40 -3.84
CA THR F 234 -4.58 -38.19 -5.10
C THR F 234 -5.46 -37.54 -6.15
N SER F 235 -6.76 -37.72 -5.97
CA SER F 235 -7.72 -37.19 -6.92
C SER F 235 -8.63 -36.12 -6.27
N GLN F 236 -8.56 -34.89 -6.79
CA GLN F 236 -9.43 -33.80 -6.33
C GLN F 236 -10.83 -33.90 -6.90
N LEU F 237 -11.82 -33.38 -6.17
CA LEU F 237 -13.11 -33.09 -6.82
C LEU F 237 -12.84 -32.00 -7.85
N SER F 238 -13.34 -32.16 -9.08
CA SER F 238 -12.96 -31.23 -10.15
C SER F 238 -13.55 -29.85 -9.91
N THR F 239 -12.91 -28.81 -10.43
CA THR F 239 -13.49 -27.47 -10.36
C THR F 239 -14.75 -27.42 -11.23
N ARG F 240 -14.81 -28.28 -12.25
CA ARG F 240 -16.01 -28.40 -13.09
C ARG F 240 -17.23 -28.82 -12.25
N ALA F 241 -17.03 -29.82 -11.40
CA ALA F 241 -18.04 -30.28 -10.45
C ALA F 241 -18.39 -29.21 -9.40
N LEU F 242 -17.42 -28.43 -8.96
CA LEU F 242 -17.71 -27.35 -8.02
C LEU F 242 -18.60 -26.28 -8.63
N GLU F 243 -18.34 -25.94 -9.89
CA GLU F 243 -19.23 -25.07 -10.68
C GLU F 243 -20.64 -25.66 -10.79
N GLY F 244 -20.71 -26.95 -11.07
CA GLY F 244 -21.97 -27.69 -11.10
C GLY F 244 -22.76 -27.61 -9.81
N ILE F 245 -22.09 -27.54 -8.66
CA ILE F 245 -22.83 -27.34 -7.37
C ILE F 245 -23.52 -25.97 -7.33
N PHE F 246 -22.78 -24.91 -7.66
CA PHE F 246 -23.40 -23.60 -7.80
C PHE F 246 -24.59 -23.61 -8.80
N GLU F 247 -24.38 -24.20 -9.97
CA GLU F 247 -25.40 -24.30 -11.03
C GLU F 247 -26.65 -25.05 -10.55
N ALA F 248 -26.46 -26.22 -9.94
CA ALA F 248 -27.60 -27.04 -9.47
C ALA F 248 -28.34 -26.38 -8.31
N THR F 249 -27.61 -25.61 -7.50
CA THR F 249 -28.24 -24.92 -6.38
C THR F 249 -29.13 -23.80 -6.92
N HIS F 250 -28.61 -23.08 -7.92
CA HIS F 250 -29.40 -22.07 -8.57
C HIS F 250 -30.67 -22.67 -9.17
N ARG F 251 -30.51 -23.78 -9.90
CA ARG F 251 -31.64 -24.44 -10.55
C ARG F 251 -32.71 -24.91 -9.53
N LEU F 252 -32.27 -25.40 -8.38
CA LEU F 252 -33.16 -25.75 -7.28
C LEU F 252 -34.14 -24.60 -6.99
N ILE F 253 -33.62 -23.38 -6.91
CA ILE F 253 -34.41 -22.23 -6.50
C ILE F 253 -35.11 -21.51 -7.66
N TYR F 254 -34.44 -21.38 -8.80
CA TYR F 254 -34.94 -20.55 -9.90
C TYR F 254 -35.38 -21.32 -11.15
N GLY F 255 -35.25 -22.64 -11.14
CA GLY F 255 -35.50 -23.44 -12.31
C GLY F 255 -34.38 -23.34 -13.34
N ALA F 256 -34.59 -24.07 -14.44
CA ALA F 256 -33.64 -24.22 -15.52
C ALA F 256 -33.30 -22.90 -16.21
N LYS F 257 -32.05 -22.83 -16.64
CA LYS F 257 -31.46 -21.69 -17.35
C LYS F 257 -32.10 -21.43 -18.73
N ASP F 258 -32.17 -20.15 -19.13
CA ASP F 258 -32.41 -19.76 -20.53
C ASP F 258 -31.58 -20.56 -21.53
N ASP F 259 -32.05 -20.61 -22.78
CA ASP F 259 -31.33 -21.29 -23.84
C ASP F 259 -30.47 -20.30 -24.66
N SER F 260 -30.37 -19.05 -24.17
CA SER F 260 -29.73 -17.93 -24.89
C SER F 260 -28.22 -18.04 -25.13
N GLY F 261 -27.56 -18.98 -24.43
CA GLY F 261 -26.11 -19.17 -24.53
C GLY F 261 -25.24 -18.13 -23.85
N GLN F 262 -25.86 -17.17 -23.17
CA GLN F 262 -25.09 -16.17 -22.40
C GLN F 262 -24.49 -16.80 -21.11
N ARG F 263 -23.37 -16.24 -20.65
CA ARG F 263 -22.71 -16.73 -19.42
C ARG F 263 -23.35 -16.08 -18.20
N TYR F 264 -23.24 -16.74 -17.05
CA TYR F 264 -23.72 -16.24 -15.78
C TYR F 264 -25.24 -16.07 -15.72
N LEU F 265 -25.96 -17.00 -16.31
CA LEU F 265 -27.40 -17.04 -16.11
C LEU F 265 -27.73 -17.74 -14.78
N ALA F 266 -26.75 -18.46 -14.22
CA ALA F 266 -26.89 -19.12 -12.94
C ALA F 266 -25.63 -18.86 -12.13
N TRP F 267 -25.66 -19.18 -10.83
CA TRP F 267 -24.44 -19.10 -10.02
C TRP F 267 -23.33 -19.93 -10.68
N SER F 268 -22.10 -19.49 -10.50
CA SER F 268 -20.94 -20.20 -11.03
C SER F 268 -19.85 -20.14 -9.97
N GLY F 269 -18.66 -20.66 -10.26
CA GLY F 269 -17.57 -20.73 -9.28
C GLY F 269 -17.13 -19.42 -8.62
N HIS F 270 -17.32 -18.29 -9.29
CA HIS F 270 -16.91 -17.02 -8.71
C HIS F 270 -18.00 -16.32 -7.86
N SER F 271 -19.19 -16.94 -7.80
CA SER F 271 -20.38 -16.25 -7.25
C SER F 271 -20.31 -15.87 -5.75
N ALA F 272 -19.77 -16.75 -4.91
CA ALA F 272 -19.74 -16.49 -3.45
C ALA F 272 -18.65 -15.51 -3.07
N ARG F 273 -17.58 -15.50 -3.85
CA ARG F 273 -16.57 -14.49 -3.78
C ARG F 273 -17.11 -13.10 -4.05
N VAL F 274 -17.82 -12.91 -5.16
CA VAL F 274 -18.39 -11.60 -5.40
C VAL F 274 -19.49 -11.30 -4.37
N GLY F 275 -20.29 -12.31 -4.01
CA GLY F 275 -21.38 -12.12 -3.05
C GLY F 275 -20.85 -11.66 -1.72
N ALA F 276 -19.81 -12.34 -1.22
CA ALA F 276 -19.22 -11.97 0.08
C ALA F 276 -18.58 -10.58 0.06
N ALA F 277 -17.92 -10.22 -1.04
CA ALA F 277 -17.32 -8.91 -1.20
C ALA F 277 -18.40 -7.81 -1.14
N ARG F 278 -19.55 -8.08 -1.76
CA ARG F 278 -20.61 -7.10 -1.78
C ARG F 278 -21.21 -6.96 -0.40
N ASP F 279 -21.41 -8.08 0.30
CA ASP F 279 -21.95 -8.05 1.68
C ASP F 279 -21.07 -7.25 2.62
N MET F 280 -19.76 -7.44 2.52
CA MET F 280 -18.81 -6.67 3.32
C MET F 280 -18.87 -5.18 3.00
N ALA F 281 -18.96 -4.84 1.72
CA ALA F 281 -18.98 -3.44 1.34
C ALA F 281 -20.26 -2.75 1.88
N ARG F 282 -21.43 -3.40 1.74
CA ARG F 282 -22.71 -2.88 2.25
C ARG F 282 -22.80 -2.82 3.78
N ALA F 283 -22.07 -3.71 4.47
CA ALA F 283 -22.01 -3.73 5.93
C ALA F 283 -21.07 -2.65 6.51
N GLY F 284 -20.32 -1.98 5.63
CA GLY F 284 -19.38 -0.95 6.04
C GLY F 284 -18.06 -1.51 6.58
N VAL F 285 -17.72 -2.74 6.21
CA VAL F 285 -16.43 -3.33 6.60
C VAL F 285 -15.27 -2.49 6.03
N SER F 286 -14.25 -2.22 6.83
CA SER F 286 -13.13 -1.42 6.37
C SER F 286 -12.41 -2.09 5.18
N ILE F 287 -11.95 -1.25 4.24
CA ILE F 287 -11.16 -1.71 3.09
C ILE F 287 -10.05 -2.71 3.45
N PRO F 288 -9.22 -2.38 4.49
CA PRO F 288 -8.18 -3.33 4.86
C PRO F 288 -8.75 -4.67 5.30
N GLU F 289 -9.92 -4.65 5.94
CA GLU F 289 -10.57 -5.89 6.36
C GLU F 289 -11.18 -6.67 5.16
N ILE F 290 -11.66 -5.95 4.15
CA ILE F 290 -12.16 -6.57 2.92
C ILE F 290 -10.97 -7.21 2.20
N MET F 291 -9.90 -6.43 2.04
CA MET F 291 -8.62 -6.90 1.53
C MET F 291 -8.09 -8.13 2.28
N GLN F 292 -8.09 -8.08 3.60
CA GLN F 292 -7.71 -9.26 4.40
C GLN F 292 -8.60 -10.50 4.08
N ALA F 293 -9.92 -10.29 3.99
CA ALA F 293 -10.86 -11.37 3.73
C ALA F 293 -10.67 -12.04 2.37
N GLY F 294 -10.37 -11.27 1.34
CA GLY F 294 -10.15 -11.82 -0.02
C GLY F 294 -8.70 -12.16 -0.38
N GLY F 295 -7.76 -11.76 0.48
CA GLY F 295 -6.34 -12.04 0.24
C GLY F 295 -5.77 -11.16 -0.84
N TRP F 296 -6.28 -9.94 -0.90
CA TRP F 296 -5.88 -8.95 -1.90
C TRP F 296 -4.93 -7.97 -1.24
N THR F 297 -4.01 -7.43 -2.02
CA THR F 297 -2.93 -6.60 -1.47
C THR F 297 -3.08 -5.18 -1.99
N ASN F 298 -3.96 -5.04 -2.96
CA ASN F 298 -4.15 -3.80 -3.63
C ASN F 298 -5.62 -3.44 -3.63
N VAL F 299 -5.90 -2.15 -3.50
CA VAL F 299 -7.24 -1.58 -3.31
C VAL F 299 -8.18 -1.54 -4.54
N ASN F 300 -7.62 -1.44 -5.73
CA ASN F 300 -8.40 -1.34 -6.98
C ASN F 300 -9.28 -2.59 -7.29
N ILE F 301 -8.87 -3.75 -6.79
CA ILE F 301 -9.65 -4.98 -7.01
C ILE F 301 -10.96 -5.02 -6.23
N VAL F 302 -11.01 -4.39 -5.07
CA VAL F 302 -12.29 -4.27 -4.34
C VAL F 302 -13.35 -3.66 -5.26
N MET F 303 -12.93 -2.68 -6.05
CA MET F 303 -13.83 -1.99 -6.96
C MET F 303 -14.29 -2.88 -8.11
N ASN F 304 -13.40 -3.77 -8.57
CA ASN F 304 -13.76 -4.76 -9.58
C ASN F 304 -14.90 -5.62 -9.01
N TYR F 305 -14.76 -6.06 -7.78
CA TYR F 305 -15.72 -6.98 -7.16
C TYR F 305 -17.09 -6.39 -6.90
N ILE F 306 -17.11 -5.13 -6.47
CA ILE F 306 -18.39 -4.51 -6.07
C ILE F 306 -19.01 -3.66 -7.19
N ARG F 307 -18.43 -3.73 -8.39
CA ARG F 307 -18.88 -2.90 -9.53
C ARG F 307 -20.37 -3.05 -9.85
N ASN F 308 -20.97 -4.20 -9.57
CA ASN F 308 -22.37 -4.41 -9.94
C ASN F 308 -23.34 -4.39 -8.75
N LEU F 309 -22.95 -3.74 -7.65
CA LEU F 309 -23.87 -3.49 -6.51
C LEU F 309 -25.22 -2.98 -7.03
N ASP F 310 -26.31 -3.49 -6.48
CA ASP F 310 -27.66 -3.17 -6.97
C ASP F 310 -28.01 -1.67 -6.86
N SER F 311 -28.35 -1.08 -7.99
CA SER F 311 -28.53 0.36 -8.06
C SER F 311 -29.83 0.79 -7.35
N GLU F 312 -30.89 0.03 -7.56
CA GLU F 312 -32.19 0.33 -6.99
C GLU F 312 -32.22 0.42 -5.45
N THR F 313 -31.41 -0.40 -4.79
CA THR F 313 -31.27 -0.33 -3.33
C THR F 313 -29.97 0.37 -2.93
N GLY F 314 -29.37 1.07 -3.91
CA GLY F 314 -28.06 1.70 -3.74
C GLY F 314 -28.19 3.00 -2.98
N ALA F 315 -27.05 3.62 -2.74
CA ALA F 315 -26.96 4.77 -1.85
C ALA F 315 -27.76 5.99 -2.36
N MET F 316 -27.65 6.30 -3.65
CA MET F 316 -28.33 7.48 -4.19
C MET F 316 -29.85 7.40 -4.16
N VAL F 317 -30.42 6.26 -4.54
CA VAL F 317 -31.87 6.07 -4.46
C VAL F 317 -32.36 6.22 -3.00
N ARG F 318 -31.67 5.56 -2.07
CA ARG F 318 -31.98 5.66 -0.63
C ARG F 318 -31.88 7.10 -0.12
N LEU F 319 -30.83 7.82 -0.55
CA LEU F 319 -30.65 9.23 -0.15
C LEU F 319 -31.79 10.09 -0.65
N LEU F 320 -32.18 9.87 -1.91
CA LEU F 320 -33.19 10.71 -2.51
C LEU F 320 -34.58 10.44 -1.94
N GLU F 321 -34.86 9.19 -1.62
CA GLU F 321 -36.19 8.79 -1.17
C GLU F 321 -36.44 8.88 0.34
N ASP F 322 -35.40 9.18 1.12
CA ASP F 322 -35.52 9.16 2.58
C ASP F 322 -34.37 9.93 3.25
N1 1AP G 14 -5.26 -11.91 -15.40
C2 1AP G 14 -5.32 -12.27 -14.11
C4 1AP G 14 -7.56 -11.59 -14.00
C5 1AP G 14 -7.54 -11.19 -15.34
C6 1AP G 14 -6.33 -11.36 -16.03
C8 1AP G 14 -9.50 -10.80 -14.53
N2 1AP G 14 -4.25 -12.77 -13.47
N3 1AP G 14 -6.45 -12.13 -13.43
N9 1AP G 14 -8.78 -11.33 -13.53
N7 1AP G 14 -8.75 -10.70 -15.63
N6 1AP G 14 -6.21 -11.01 -17.30
P 1AP G 14 -14.24 -10.69 -13.21
OP1 1AP G 14 -15.39 -10.93 -12.18
OP2 1AP G 14 -14.19 -9.29 -13.61
O5' 1AP G 14 -12.84 -11.15 -12.61
C5' 1AP G 14 -12.65 -12.37 -11.81
C4' 1AP G 14 -11.23 -12.39 -11.29
O4' 1AP G 14 -10.38 -12.48 -12.39
C1' 1AP G 14 -9.23 -11.63 -12.15
C2' 1AP G 14 -9.79 -10.40 -11.43
C3' 1AP G 14 -10.97 -11.00 -10.70
O3' 1AP G 14 -10.61 -11.22 -9.35
#